data_6A70
#
_entry.id   6A70
#
_cell.length_a   1
_cell.length_b   1
_cell.length_c   1
_cell.angle_alpha   90
_cell.angle_beta   90
_cell.angle_gamma   90
#
_symmetry.space_group_name_H-M   'P 1'
#
loop_
_entity.id
_entity.type
_entity.pdbx_description
1 polymer Polycystin-2
2 polymer Polycystin-1
#
loop_
_entity_poly.entity_id
_entity_poly.type
_entity_poly.pdbx_seq_one_letter_code
_entity_poly.pdbx_strand_id
1 'polypeptide(L)'
;MGSAGWSHPQFEKGGGSGGGSGGSAWSHPQFEKGSAAAPRVAWAERLVRGLRGLWGTRLMEESSTNREKYLKSVLRELVT
YLLFLIVLCILTYGMMSSNVYYYTRMMSQLFLDTPVSKTEKTNFKTLSSMEDFWKFTEGSLLDGLYWKMQPSNQTEADNR
SFIFYENLLLGVPRIRQLRVRNGSCSIPQDLRDEIKECYDVYSVSSEDRAPFGPRNGTAWIYTSEKDLNGSSHWGIIATY
SGAGYYLDLSRTREETAAQVASLKKNVWLDRGTRATFIDFSVYNANINLFCVVRLLVEFPATGGVIPSWQFQPLKLIRYV
TTFDFFLAACEIIFCFFIFYYVVEEILEIRIHKLHYFRSFWNCLDVVIVVLSVVAIGINIYRTSNVEVLLQFLEDQNTFP
NFEHLAYWQIQFNNIAAVTVFFVWIKLFKFINFNRTMSQLSTTMSRCAKDLFGFAIMFFIIFLAYAQLAYLVFGTQVDDF
STFQECIFTQFRIILGDINFAEIEEANRVLGPIYFTTFVFFMFFILLNMFLAIINDTYSEVKSDLAQQKAEMELSDLIRK
GYHKALVKLKLKKNTVD
;
A,F,G
2 'polypeptide(L)'
;MGSAGDYKDHDGDYKDHDIDYKDDDDKGSAAATAFGASLFVPPSHVRFVFPEPTADVNYIVMLTCAVCLVTYMVMAAILH
KLDQLDASRGRAIPFCGQRGRFKYEILVKTGWGRGSGTTAHVGIMLYGVDSRSGHRHLDGDRAFHRNSLDIFRIATPHSL
GSVWKIRVWHDNKGLSPAWFLQHVIVRDLQTARSAFFLVNDWLSVETEANGGLVEKEVLAASDAALLRFRRLLVAELQRG
FFDKHIWLSIWDRPPRSRFTRIQRATCCVLLICLFLGANAVWYGAVGDSAYSTGHVSRLSPLSVDTVAVGLVSSVVVYPV
YLAILFLFRMSRSKVAGSPSPTPAGQQVLDIDSCLDSSVLDSSFLTFSGLHAEQAFVGQMKSDLFLDDSKSLVCWPSGEG
TLSWPDLLSDPSIVGSNLRQLARGQAGHGLGPEEDGFSLASPYSPAKSFSASDEDLIQQVLAEGVSSPAPTQDTHMETDL
LSSLSSTPGEKTETLALQRLGELGPPSPGLNWEQPQAARLSRTGLVEGLRKRLLPAWCASLAHGLSLLLVAVAVAVSGWV
GASFPPGVSVAWLLSSSASFLASFLGWEPLKVLLEALYFSLVAKRLHPDEDDTLVESPAVTPVSARVPRVRPPHGFALFL
AKEEARKVKRLHGMLRSLLVYMLFLLVTLLASYGDASCHGHAYRLQSAIKQELHSRAFLAITRSEELWPWMAHVLLPYVH
GNQSSPELGPPRLRQVRLQEALYPDPPGPRVHTCSAAGGFSTSDYDVGWESPHNGSGTWAYSAPDLLGAWSWGSCAVYDS
GGYVQELGLSLEESRDRLRFLQLHNWLDNRSRAVFLELTRYSPAVGLHAAVTLRLEFPAAGRALAALSVRPFALRRLSAG
LSLPLLTSVCLLLFAVHFAVAEARTWHREGRWRVLRLGAWARWLLVALTAATALVRLAQLGAADRQWTRFVRGRPRRFTS
FDQVAQLSSAARGLAASLLFLLLVKAAQQLRFVRQWSVFGKTLCRALPELLGVTLGLVVLGVAYAQLAILLVSSCVDSLW
SVAQALLVLCPGTGLSTLCPAESWHLSPLLCVGLWALRLWGALRLGAVILRWRYHALRGELYRPAWEPQDYEMVELFLRR
LRLWMGLSKVKEFRHKVRFEGMEPLPSRSSRGS
;
B
#
# COMPACT_ATOMS: atom_id res chain seq x y z
N SER A 73 17.07 -0.71 -51.23
CA SER A 73 17.34 0.38 -50.30
C SER A 73 16.65 0.12 -48.97
N VAL A 74 17.41 0.25 -47.88
CA VAL A 74 16.86 0.08 -46.54
C VAL A 74 16.46 1.39 -45.89
N LEU A 75 16.75 2.53 -46.54
CA LEU A 75 16.40 3.82 -45.96
C LEU A 75 15.80 4.75 -47.03
N ARG A 76 16.09 4.49 -48.30
CA ARG A 76 15.66 5.37 -49.37
C ARG A 76 14.30 4.95 -49.96
N GLU A 77 14.23 3.75 -50.54
CA GLU A 77 12.99 3.20 -51.08
C GLU A 77 12.17 2.46 -50.03
N LEU A 78 12.64 2.43 -48.79
CA LEU A 78 11.83 1.98 -47.66
C LEU A 78 11.54 3.13 -46.71
N VAL A 79 11.65 4.37 -47.21
CA VAL A 79 11.32 5.55 -46.41
C VAL A 79 9.83 5.80 -46.32
N THR A 80 9.02 5.03 -47.07
CA THR A 80 7.57 5.20 -47.01
C THR A 80 7.00 4.60 -45.74
N TYR A 81 7.77 3.75 -45.06
CA TYR A 81 7.28 3.16 -43.83
C TYR A 81 7.33 4.14 -42.67
N LEU A 82 8.50 4.74 -42.42
CA LEU A 82 8.71 5.45 -41.17
C LEU A 82 8.41 6.94 -41.29
N LEU A 83 8.58 7.52 -42.47
CA LEU A 83 8.40 8.96 -42.62
C LEU A 83 6.92 9.33 -42.66
N PHE A 84 6.11 8.53 -43.35
CA PHE A 84 4.68 8.85 -43.47
C PHE A 84 3.92 8.41 -42.22
N LEU A 85 4.56 7.61 -41.36
CA LEU A 85 3.86 7.07 -40.20
C LEU A 85 3.64 8.11 -39.12
N ILE A 86 4.47 9.15 -39.09
CA ILE A 86 4.30 10.23 -38.12
C ILE A 86 3.15 11.15 -38.52
N VAL A 87 2.74 11.08 -39.78
CA VAL A 87 1.55 11.82 -40.21
C VAL A 87 0.30 11.17 -39.64
N LEU A 88 0.28 9.82 -39.59
CA LEU A 88 -0.90 9.12 -39.10
C LEU A 88 -1.00 9.18 -37.59
N CYS A 89 0.14 9.26 -36.90
CA CYS A 89 0.12 9.37 -35.44
C CYS A 89 -0.28 10.77 -35.00
N ILE A 90 -0.03 11.77 -35.84
CA ILE A 90 -0.37 13.14 -35.46
C ILE A 90 -1.79 13.48 -35.88
N LEU A 91 -2.20 13.06 -37.08
CA LEU A 91 -3.50 13.47 -37.61
C LEU A 91 -4.63 12.67 -36.98
N THR A 92 -4.29 11.57 -36.29
CA THR A 92 -5.31 10.87 -35.52
C THR A 92 -5.73 11.69 -34.31
N TYR A 93 -4.77 12.10 -33.48
CA TYR A 93 -5.09 12.91 -32.31
C TYR A 93 -5.26 14.38 -32.69
N GLY A 94 -4.82 14.76 -33.89
CA GLY A 94 -4.99 16.13 -34.32
C GLY A 94 -6.41 16.42 -34.78
N MET A 95 -7.04 15.47 -35.48
CA MET A 95 -8.41 15.68 -35.94
C MET A 95 -9.42 15.36 -34.83
N MET A 96 -9.10 14.38 -33.98
CA MET A 96 -10.00 13.96 -32.91
C MET A 96 -9.95 15.00 -31.80
N SER A 97 -10.76 16.05 -31.97
CA SER A 97 -10.89 17.06 -30.93
C SER A 97 -11.83 16.56 -29.83
N SER A 98 -12.06 17.44 -28.85
CA SER A 98 -12.78 17.06 -27.63
C SER A 98 -14.28 16.83 -27.83
N ASN A 99 -14.83 17.06 -29.02
CA ASN A 99 -16.28 16.99 -29.21
C ASN A 99 -16.81 15.57 -29.15
N VAL A 100 -15.96 14.56 -29.37
CA VAL A 100 -16.39 13.18 -29.21
C VAL A 100 -16.18 12.66 -27.80
N TYR A 101 -15.55 13.46 -26.92
CA TYR A 101 -15.41 13.11 -25.51
C TYR A 101 -16.03 14.13 -24.57
N TYR A 102 -15.69 15.41 -24.71
CA TYR A 102 -16.16 16.43 -23.78
C TYR A 102 -17.60 16.85 -24.07
N TYR A 103 -17.93 17.09 -25.33
CA TYR A 103 -19.31 17.40 -25.67
C TYR A 103 -20.18 16.15 -25.71
N THR A 104 -19.54 14.98 -25.76
CA THR A 104 -20.29 13.72 -25.71
C THR A 104 -20.91 13.50 -24.32
N ARG A 105 -20.32 14.09 -23.28
CA ARG A 105 -20.96 14.15 -21.98
C ARG A 105 -21.68 15.45 -21.72
N MET A 106 -21.34 16.51 -22.47
CA MET A 106 -22.01 17.81 -22.32
C MET A 106 -23.35 17.85 -23.03
N MET A 107 -23.72 16.79 -23.75
CA MET A 107 -25.09 16.57 -24.19
C MET A 107 -25.79 15.51 -23.33
N SER A 108 -25.02 14.63 -22.70
CA SER A 108 -25.54 13.53 -21.91
C SER A 108 -25.82 13.91 -20.46
N GLN A 109 -25.79 15.20 -20.12
CA GLN A 109 -25.95 15.66 -18.75
C GLN A 109 -27.39 15.93 -18.37
N LEU A 110 -28.32 15.94 -19.31
CA LEU A 110 -29.71 16.36 -19.07
C LEU A 110 -30.73 15.26 -19.26
N PHE A 111 -30.58 14.43 -20.29
CA PHE A 111 -31.53 13.36 -20.57
C PHE A 111 -31.23 12.08 -19.82
N LEU A 112 -30.27 12.13 -18.89
CA LEU A 112 -29.89 10.95 -18.12
C LEU A 112 -29.74 11.20 -16.63
N ASP A 113 -29.66 12.45 -16.18
CA ASP A 113 -29.41 12.76 -14.78
C ASP A 113 -30.54 13.55 -14.13
N THR A 114 -31.63 13.83 -14.86
CA THR A 114 -32.71 14.68 -14.37
C THR A 114 -33.95 13.84 -14.12
N PRO A 115 -34.42 13.73 -12.87
CA PRO A 115 -35.65 12.99 -12.58
C PRO A 115 -36.87 13.85 -12.89
N VAL A 116 -38.04 13.31 -12.54
CA VAL A 116 -39.30 13.99 -12.83
C VAL A 116 -39.48 15.19 -11.91
N SER A 117 -39.49 14.95 -10.61
CA SER A 117 -39.73 16.00 -9.64
C SER A 117 -39.03 15.62 -8.34
N LYS A 118 -39.29 16.38 -7.27
CA LYS A 118 -38.79 16.04 -5.96
C LYS A 118 -39.51 14.84 -5.35
N THR A 119 -40.66 14.43 -5.92
CA THR A 119 -41.39 13.28 -5.40
C THR A 119 -40.73 11.96 -5.77
N GLU A 120 -40.28 11.82 -7.01
CA GLU A 120 -39.65 10.58 -7.48
C GLU A 120 -38.13 10.75 -7.43
N LYS A 121 -37.46 9.85 -6.72
CA LYS A 121 -36.02 9.92 -6.51
C LYS A 121 -35.24 8.91 -7.33
N THR A 122 -35.86 7.78 -7.67
CA THR A 122 -35.20 6.78 -8.50
C THR A 122 -35.32 7.19 -9.97
N ASN A 123 -34.20 7.55 -10.59
CA ASN A 123 -34.20 7.98 -11.98
C ASN A 123 -34.18 6.74 -12.89
N PHE A 124 -33.96 6.96 -14.19
CA PHE A 124 -34.09 5.92 -15.21
C PHE A 124 -32.99 4.86 -15.14
N LYS A 125 -32.03 4.98 -14.24
CA LYS A 125 -31.08 3.92 -13.95
C LYS A 125 -31.47 3.11 -12.72
N THR A 126 -32.70 3.29 -12.21
CA THR A 126 -33.18 2.55 -11.05
C THR A 126 -34.66 2.16 -11.15
N LEU A 127 -35.22 2.10 -12.35
CA LEU A 127 -36.66 1.94 -12.53
C LEU A 127 -37.04 0.48 -12.64
N SER A 128 -38.11 0.08 -11.96
CA SER A 128 -38.54 -1.31 -11.93
C SER A 128 -39.94 -1.53 -12.49
N SER A 129 -40.97 -0.90 -11.92
CA SER A 129 -42.35 -1.28 -12.19
C SER A 129 -42.84 -0.62 -13.49
N MET A 130 -44.10 -0.89 -13.82
CA MET A 130 -44.62 -0.52 -15.14
C MET A 130 -44.89 0.97 -15.25
N GLU A 131 -45.85 1.48 -14.46
CA GLU A 131 -46.11 2.92 -14.45
C GLU A 131 -45.03 3.68 -13.70
N ASP A 132 -44.26 2.97 -12.86
CA ASP A 132 -43.06 3.57 -12.28
C ASP A 132 -41.97 3.75 -13.32
N PHE A 133 -41.97 2.92 -14.37
CA PHE A 133 -41.16 3.24 -15.55
C PHE A 133 -41.74 4.43 -16.30
N TRP A 134 -43.07 4.60 -16.25
CA TRP A 134 -43.68 5.79 -16.84
C TRP A 134 -43.38 7.03 -16.01
N LYS A 135 -43.02 6.85 -14.74
CA LYS A 135 -42.56 7.98 -13.94
C LYS A 135 -41.08 8.25 -14.17
N PHE A 136 -40.37 7.31 -14.81
CA PHE A 136 -38.94 7.49 -15.03
C PHE A 136 -38.65 8.36 -16.25
N THR A 137 -39.24 8.03 -17.40
CA THR A 137 -38.79 8.60 -18.68
C THR A 137 -39.56 9.85 -19.07
N GLU A 138 -40.75 10.07 -18.47
CA GLU A 138 -41.70 11.02 -19.03
C GLU A 138 -41.30 12.48 -18.80
N GLY A 139 -40.50 12.75 -17.77
CA GLY A 139 -40.12 14.11 -17.45
C GLY A 139 -38.97 14.66 -18.28
N SER A 140 -37.88 13.88 -18.39
CA SER A 140 -36.67 14.39 -19.04
C SER A 140 -36.82 14.43 -20.56
N LEU A 141 -37.74 13.61 -21.10
CA LEU A 141 -37.96 13.62 -22.54
C LEU A 141 -38.80 14.83 -22.96
N LEU A 142 -39.58 15.39 -22.02
CA LEU A 142 -40.34 16.60 -22.33
C LEU A 142 -39.42 17.80 -22.42
N ASP A 143 -38.33 17.82 -21.65
CA ASP A 143 -37.32 18.86 -21.79
C ASP A 143 -36.49 18.63 -23.05
N GLY A 144 -36.36 17.36 -23.47
CA GLY A 144 -35.65 17.07 -24.72
C GLY A 144 -36.48 17.41 -25.95
N LEU A 145 -37.80 17.43 -25.79
CA LEU A 145 -38.71 17.81 -26.87
C LEU A 145 -38.89 19.31 -26.95
N ASN A 167 -28.94 23.06 -26.62
CA ASN A 167 -29.04 22.49 -27.96
C ASN A 167 -30.44 22.63 -28.55
N LEU A 168 -30.68 21.92 -29.65
CA LEU A 168 -32.00 21.88 -30.28
C LEU A 168 -32.07 20.61 -31.11
N LEU A 169 -32.89 19.65 -30.67
CA LEU A 169 -32.97 18.37 -31.35
C LEU A 169 -33.80 18.48 -32.63
N LEU A 170 -33.98 17.33 -33.29
CA LEU A 170 -34.77 17.25 -34.51
C LEU A 170 -35.59 15.97 -34.52
N GLY A 171 -36.18 15.65 -35.67
CA GLY A 171 -36.91 14.40 -35.80
C GLY A 171 -38.25 14.46 -35.09
N VAL A 172 -38.57 13.41 -34.35
CA VAL A 172 -39.82 13.32 -33.60
C VAL A 172 -39.65 12.33 -32.46
N PRO A 173 -40.68 12.11 -31.63
CA PRO A 173 -40.58 11.12 -30.56
C PRO A 173 -40.81 9.70 -31.10
N ARG A 174 -40.47 8.73 -30.26
CA ARG A 174 -40.68 7.33 -30.59
C ARG A 174 -40.88 6.55 -29.29
N ILE A 175 -42.00 5.84 -29.20
CA ILE A 175 -42.35 5.03 -28.04
C ILE A 175 -42.82 3.68 -28.54
N ARG A 176 -41.93 2.68 -28.49
CA ARG A 176 -42.21 1.34 -28.97
C ARG A 176 -41.95 0.34 -27.86
N GLN A 177 -42.19 -0.94 -28.17
CA GLN A 177 -42.06 -2.04 -27.21
C GLN A 177 -41.96 -3.34 -27.99
N LEU A 178 -42.14 -4.45 -27.27
CA LEU A 178 -42.28 -5.76 -27.87
C LEU A 178 -43.63 -6.35 -27.49
N ARG A 179 -44.23 -7.07 -28.44
CA ARG A 179 -45.56 -7.64 -28.28
C ARG A 179 -45.45 -9.15 -28.25
N VAL A 180 -45.86 -9.76 -27.13
CA VAL A 180 -45.74 -11.19 -26.89
C VAL A 180 -47.15 -11.78 -26.88
N ARG A 181 -47.26 -13.03 -27.34
CA ARG A 181 -48.53 -13.74 -27.33
C ARG A 181 -48.97 -14.08 -25.90
N ASN A 182 -50.23 -14.55 -25.79
CA ASN A 182 -50.74 -15.00 -24.51
C ASN A 182 -50.37 -16.45 -24.23
N GLY A 183 -50.86 -17.37 -25.07
CA GLY A 183 -50.64 -18.79 -24.87
C GLY A 183 -49.47 -19.33 -25.66
N SER A 184 -48.30 -18.71 -25.52
CA SER A 184 -47.11 -19.11 -26.27
C SER A 184 -46.30 -20.21 -25.60
N CYS A 185 -46.52 -20.47 -24.31
CA CYS A 185 -45.80 -21.51 -23.59
C CYS A 185 -46.78 -22.35 -22.77
N SER A 186 -46.23 -23.35 -22.09
CA SER A 186 -47.00 -24.43 -21.49
C SER A 186 -46.87 -24.44 -19.97
N ILE A 187 -47.82 -25.10 -19.31
CA ILE A 187 -47.82 -25.26 -17.86
C ILE A 187 -48.47 -26.59 -17.51
N PRO A 188 -48.43 -27.04 -16.25
CA PRO A 188 -48.97 -28.36 -15.91
C PRO A 188 -50.41 -28.33 -15.44
N GLN A 189 -51.18 -29.33 -15.84
CA GLN A 189 -52.59 -29.45 -15.46
C GLN A 189 -52.80 -30.29 -14.20
N ASP A 190 -51.75 -30.54 -13.43
CA ASP A 190 -51.88 -31.17 -12.12
C ASP A 190 -52.01 -30.17 -11.00
N LEU A 191 -51.58 -28.93 -11.22
CA LEU A 191 -51.80 -27.78 -10.33
C LEU A 191 -52.18 -26.55 -11.16
N ARG A 192 -53.12 -26.73 -12.08
CA ARG A 192 -53.49 -25.72 -13.07
C ARG A 192 -54.26 -24.53 -12.50
N ASP A 193 -54.63 -24.57 -11.22
CA ASP A 193 -55.21 -23.40 -10.56
C ASP A 193 -54.16 -22.40 -10.11
N GLU A 194 -52.90 -22.59 -10.47
CA GLU A 194 -51.87 -21.55 -10.34
C GLU A 194 -51.68 -20.79 -11.64
N ILE A 195 -51.58 -21.50 -12.78
CA ILE A 195 -51.28 -20.84 -14.04
C ILE A 195 -52.56 -20.44 -14.75
N LYS A 196 -52.45 -19.40 -15.57
CA LYS A 196 -53.48 -19.00 -16.53
C LYS A 196 -52.95 -18.89 -17.95
N GLU A 197 -51.71 -18.42 -18.13
CA GLU A 197 -51.05 -18.36 -19.43
C GLU A 197 -49.55 -18.24 -19.22
N CYS A 198 -48.80 -18.66 -20.24
CA CYS A 198 -47.34 -18.65 -20.21
C CYS A 198 -46.81 -18.30 -21.59
N TYR A 199 -45.64 -17.65 -21.62
CA TYR A 199 -45.01 -17.24 -22.88
C TYR A 199 -43.50 -17.20 -22.69
N ASP A 200 -42.79 -16.81 -23.74
CA ASP A 200 -41.33 -16.79 -23.77
C ASP A 200 -40.82 -15.35 -23.87
N VAL A 201 -39.50 -15.22 -23.78
CA VAL A 201 -38.82 -13.93 -23.76
C VAL A 201 -38.86 -13.30 -25.15
N TYR A 202 -38.43 -12.04 -25.24
CA TYR A 202 -38.59 -11.23 -26.45
C TYR A 202 -37.72 -11.75 -27.58
N SER A 203 -38.28 -12.61 -28.41
CA SER A 203 -37.52 -13.37 -29.38
C SER A 203 -38.07 -13.10 -30.79
N VAL A 204 -37.60 -13.88 -31.76
CA VAL A 204 -38.01 -13.66 -33.14
C VAL A 204 -39.38 -14.28 -33.40
N SER A 205 -39.52 -15.58 -33.14
CA SER A 205 -40.75 -16.31 -33.39
C SER A 205 -41.59 -16.53 -32.13
N SER A 206 -41.01 -16.33 -30.95
CA SER A 206 -41.73 -16.52 -29.69
C SER A 206 -42.66 -15.37 -29.34
N GLU A 207 -42.67 -14.31 -30.14
CA GLU A 207 -43.49 -13.13 -29.90
C GLU A 207 -44.77 -13.21 -30.73
N ASP A 208 -45.48 -12.10 -30.86
CA ASP A 208 -46.70 -12.02 -31.64
C ASP A 208 -46.91 -10.57 -32.08
N ARG A 209 -48.08 -10.30 -32.65
CA ARG A 209 -48.44 -8.93 -33.04
C ARG A 209 -49.29 -8.26 -31.97
N ALA A 210 -50.40 -8.92 -31.57
CA ALA A 210 -51.27 -8.58 -30.44
C ALA A 210 -51.88 -7.19 -30.52
N PRO A 211 -52.83 -6.95 -31.43
CA PRO A 211 -53.63 -5.72 -31.35
C PRO A 211 -54.80 -5.93 -30.38
N PHE A 212 -55.03 -4.94 -29.52
CA PHE A 212 -56.05 -5.04 -28.49
C PHE A 212 -56.76 -3.71 -28.33
N GLY A 213 -58.10 -3.74 -28.40
CA GLY A 213 -58.92 -2.63 -27.99
C GLY A 213 -58.86 -1.41 -28.90
N PRO A 214 -58.20 -0.35 -28.43
CA PRO A 214 -58.23 0.93 -29.14
C PRO A 214 -57.37 0.94 -30.40
N ARG A 215 -57.94 0.45 -31.50
CA ARG A 215 -57.26 0.35 -32.78
C ARG A 215 -57.44 1.59 -33.64
N ASN A 216 -57.62 2.76 -33.03
CA ASN A 216 -57.76 4.00 -33.80
C ASN A 216 -56.43 4.50 -34.37
N GLY A 217 -55.31 3.95 -33.90
CA GLY A 217 -54.01 4.31 -34.42
C GLY A 217 -53.09 3.11 -34.47
N THR A 218 -51.84 3.35 -34.87
CA THR A 218 -50.82 2.32 -34.93
C THR A 218 -50.12 2.10 -33.59
N ALA A 219 -50.65 2.68 -32.51
CA ALA A 219 -50.10 2.45 -31.18
C ALA A 219 -50.47 1.07 -30.66
N TRP A 220 -51.76 0.81 -30.52
CA TRP A 220 -52.28 -0.48 -30.05
C TRP A 220 -52.55 -1.45 -31.20
N ILE A 221 -51.93 -1.23 -32.36
CA ILE A 221 -52.08 -2.12 -33.52
C ILE A 221 -50.71 -2.32 -34.13
N TYR A 222 -50.24 -3.57 -34.16
CA TYR A 222 -48.88 -3.86 -34.60
C TYR A 222 -48.75 -3.74 -36.12
N THR A 223 -47.52 -3.86 -36.59
CA THR A 223 -47.20 -3.73 -38.00
C THR A 223 -45.90 -4.50 -38.28
N SER A 224 -45.33 -4.27 -39.45
CA SER A 224 -44.06 -4.88 -39.85
C SER A 224 -42.94 -3.85 -39.70
N GLU A 225 -41.74 -4.25 -40.15
CA GLU A 225 -40.59 -3.38 -40.10
C GLU A 225 -40.32 -2.66 -41.41
N LYS A 226 -41.21 -2.79 -42.39
CA LYS A 226 -40.98 -2.16 -43.68
C LYS A 226 -41.25 -0.67 -43.65
N ASP A 227 -42.03 -0.18 -42.68
CA ASP A 227 -42.26 1.25 -42.55
C ASP A 227 -41.03 1.96 -42.00
N LEU A 228 -40.49 1.47 -40.89
CA LEU A 228 -39.36 2.07 -40.21
C LEU A 228 -38.09 1.32 -40.59
N ASN A 229 -37.00 1.59 -39.87
CA ASN A 229 -35.73 0.90 -40.05
C ASN A 229 -35.48 0.01 -38.85
N GLY A 230 -34.98 -1.21 -39.08
CA GLY A 230 -34.76 -2.11 -37.98
C GLY A 230 -33.75 -3.20 -38.27
N SER A 231 -33.26 -3.78 -37.18
CA SER A 231 -32.35 -4.92 -37.22
C SER A 231 -32.44 -5.64 -35.89
N SER A 232 -31.98 -6.89 -35.89
CA SER A 232 -31.94 -7.68 -34.66
C SER A 232 -30.83 -7.18 -33.75
N HIS A 233 -31.20 -6.80 -32.52
CA HIS A 233 -30.27 -6.26 -31.55
C HIS A 233 -30.19 -7.20 -30.35
N TRP A 234 -28.96 -7.52 -29.94
CA TRP A 234 -28.68 -8.57 -28.96
C TRP A 234 -27.95 -8.00 -27.77
N GLY A 235 -28.70 -7.61 -26.74
CA GLY A 235 -28.11 -7.10 -25.52
C GLY A 235 -27.74 -8.20 -24.56
N ILE A 236 -28.05 -8.01 -23.27
CA ILE A 236 -27.85 -9.04 -22.25
C ILE A 236 -29.16 -9.72 -21.87
N ILE A 237 -30.19 -9.60 -22.72
CA ILE A 237 -31.47 -10.26 -22.51
C ILE A 237 -31.80 -11.22 -23.65
N ALA A 238 -31.89 -10.70 -24.88
CA ALA A 238 -32.13 -11.53 -26.06
C ALA A 238 -31.69 -10.80 -27.31
N THR A 239 -31.61 -11.56 -28.42
CA THR A 239 -31.41 -10.98 -29.75
C THR A 239 -32.78 -10.62 -30.31
N TYR A 240 -33.07 -9.31 -30.34
CA TYR A 240 -34.43 -8.81 -30.58
C TYR A 240 -34.83 -8.85 -32.05
N SER A 241 -35.90 -8.13 -32.39
CA SER A 241 -36.32 -7.95 -33.76
C SER A 241 -36.41 -6.46 -34.07
N GLY A 242 -36.22 -6.12 -35.33
CA GLY A 242 -36.28 -4.75 -35.77
C GLY A 242 -37.65 -4.24 -36.12
N ALA A 243 -38.69 -5.00 -35.78
CA ALA A 243 -40.07 -4.67 -36.12
C ALA A 243 -40.80 -4.12 -34.89
N GLY A 244 -42.08 -3.86 -35.07
CA GLY A 244 -42.91 -3.28 -34.03
C GLY A 244 -43.81 -2.23 -34.62
N TYR A 245 -44.00 -1.13 -33.89
CA TYR A 245 -44.82 -0.01 -34.36
C TYR A 245 -44.33 1.25 -33.66
N TYR A 246 -43.73 2.16 -34.42
CA TYR A 246 -43.19 3.40 -33.86
C TYR A 246 -44.32 4.37 -33.56
N LEU A 247 -44.80 4.37 -32.31
CA LEU A 247 -45.88 5.25 -31.89
C LEU A 247 -45.30 6.63 -31.61
N ASP A 248 -45.25 7.46 -32.65
CA ASP A 248 -44.59 8.76 -32.56
C ASP A 248 -45.51 9.81 -31.96
N LEU A 249 -44.90 10.92 -31.57
CA LEU A 249 -45.57 12.14 -31.11
C LEU A 249 -45.02 13.32 -31.92
N SER A 250 -45.35 14.52 -31.48
CA SER A 250 -44.90 15.71 -32.20
C SER A 250 -43.52 16.15 -31.73
N ARG A 251 -42.98 17.15 -32.43
CA ARG A 251 -41.69 17.71 -32.05
C ARG A 251 -41.79 18.58 -30.80
N THR A 252 -42.98 19.09 -30.51
CA THR A 252 -43.22 19.86 -29.31
C THR A 252 -43.54 18.93 -28.14
N ARG A 253 -43.37 19.46 -26.92
CA ARG A 253 -43.72 18.71 -25.74
C ARG A 253 -45.19 18.91 -25.36
N GLU A 254 -45.92 19.67 -26.17
CA GLU A 254 -47.36 19.81 -25.96
C GLU A 254 -48.10 18.54 -26.36
N GLU A 255 -47.76 17.96 -27.52
CA GLU A 255 -48.40 16.72 -27.94
C GLU A 255 -47.69 15.51 -27.36
N THR A 256 -46.43 15.69 -26.92
CA THR A 256 -45.77 14.65 -26.14
C THR A 256 -46.42 14.51 -24.77
N ALA A 257 -47.06 15.58 -24.29
CA ALA A 257 -47.87 15.50 -23.09
C ALA A 257 -49.24 14.91 -23.40
N ALA A 258 -49.75 15.15 -24.61
CA ALA A 258 -51.11 14.74 -24.95
C ALA A 258 -51.19 13.24 -25.22
N GLN A 259 -50.18 12.68 -25.88
CA GLN A 259 -50.14 11.23 -26.08
C GLN A 259 -49.78 10.51 -24.78
N VAL A 260 -49.20 11.23 -23.83
CA VAL A 260 -48.87 10.65 -22.53
C VAL A 260 -50.13 10.47 -21.69
N ALA A 261 -51.22 11.17 -22.05
CA ALA A 261 -52.51 10.92 -21.42
C ALA A 261 -53.08 9.57 -21.87
N SER A 262 -52.71 9.13 -23.08
CA SER A 262 -53.11 7.80 -23.53
C SER A 262 -52.25 6.72 -22.89
N LEU A 263 -51.17 7.11 -22.21
CA LEU A 263 -50.20 6.13 -21.73
C LEU A 263 -50.66 5.48 -20.43
N LYS A 264 -51.82 5.87 -19.91
CA LYS A 264 -52.42 5.10 -18.82
C LYS A 264 -53.17 3.89 -19.35
N LYS A 265 -54.20 4.12 -20.17
CA LYS A 265 -55.01 3.02 -20.68
C LYS A 265 -54.27 2.25 -21.77
N ASN A 266 -54.04 2.89 -22.93
CA ASN A 266 -53.31 2.29 -24.04
C ASN A 266 -51.82 2.49 -23.78
N VAL A 267 -51.30 1.74 -22.81
CA VAL A 267 -50.00 1.99 -22.21
C VAL A 267 -48.87 1.39 -23.04
N TRP A 268 -47.63 1.60 -22.59
CA TRP A 268 -46.48 0.88 -23.09
C TRP A 268 -46.23 -0.44 -22.36
N LEU A 269 -47.02 -0.75 -21.33
CA LEU A 269 -46.90 -1.99 -20.57
C LEU A 269 -48.24 -2.70 -20.57
N ASP A 270 -48.27 -3.88 -21.16
CA ASP A 270 -49.41 -4.77 -21.18
C ASP A 270 -49.03 -6.05 -20.44
N ARG A 271 -49.89 -7.07 -20.52
CA ARG A 271 -49.64 -8.32 -19.82
C ARG A 271 -48.49 -9.13 -20.44
N GLY A 272 -48.07 -8.79 -21.65
CA GLY A 272 -46.87 -9.37 -22.25
C GLY A 272 -45.80 -8.33 -22.52
N THR A 273 -45.59 -7.42 -21.56
CA THR A 273 -44.64 -6.33 -21.72
C THR A 273 -43.21 -6.84 -21.66
N ARG A 274 -42.46 -6.66 -22.75
CA ARG A 274 -41.16 -7.29 -22.91
C ARG A 274 -40.00 -6.32 -23.12
N ALA A 275 -40.24 -5.11 -23.65
CA ALA A 275 -39.19 -4.12 -23.81
C ALA A 275 -39.83 -2.74 -23.86
N THR A 276 -38.97 -1.71 -23.92
CA THR A 276 -39.38 -0.31 -24.01
C THR A 276 -38.22 0.51 -24.53
N PHE A 277 -38.41 1.19 -25.66
CA PHE A 277 -37.31 1.89 -26.32
C PHE A 277 -37.76 3.25 -26.82
N ILE A 278 -36.76 4.10 -27.12
CA ILE A 278 -36.97 5.44 -27.65
C ILE A 278 -35.86 5.74 -28.64
N ASP A 279 -35.91 6.94 -29.25
CA ASP A 279 -34.94 7.35 -30.26
C ASP A 279 -34.92 8.87 -30.36
N PHE A 280 -33.71 9.43 -30.42
CA PHE A 280 -33.52 10.87 -30.48
C PHE A 280 -32.19 11.20 -31.14
N SER A 281 -32.03 12.47 -31.51
CA SER A 281 -30.79 12.97 -32.10
C SER A 281 -30.79 14.48 -31.99
N VAL A 282 -29.79 15.02 -31.31
CA VAL A 282 -29.71 16.45 -31.01
C VAL A 282 -28.86 17.14 -32.07
N TYR A 283 -29.37 18.24 -32.62
CA TYR A 283 -28.62 19.09 -33.55
C TYR A 283 -28.10 20.28 -32.75
N ASN A 284 -27.02 20.04 -32.03
CA ASN A 284 -26.55 20.98 -31.02
C ASN A 284 -25.86 22.18 -31.64
N ALA A 285 -26.09 23.35 -31.04
CA ALA A 285 -25.51 24.60 -31.51
C ALA A 285 -24.17 24.90 -30.86
N ASN A 286 -24.02 24.53 -29.58
CA ASN A 286 -22.75 24.74 -28.88
C ASN A 286 -21.66 23.78 -29.36
N ILE A 287 -22.05 22.66 -29.98
CA ILE A 287 -21.13 21.82 -30.74
C ILE A 287 -21.90 21.37 -31.97
N ASN A 288 -21.57 21.93 -33.13
CA ASN A 288 -22.30 21.67 -34.37
C ASN A 288 -21.96 20.27 -34.87
N LEU A 289 -22.68 19.29 -34.32
CA LEU A 289 -22.31 17.89 -34.47
C LEU A 289 -23.56 17.03 -34.57
N PHE A 290 -23.36 15.80 -35.04
CA PHE A 290 -24.43 14.83 -35.27
C PHE A 290 -24.50 13.83 -34.12
N CYS A 291 -25.68 13.69 -33.53
CA CYS A 291 -25.88 12.87 -32.34
C CYS A 291 -26.79 11.68 -32.62
N VAL A 292 -26.84 10.77 -31.64
CA VAL A 292 -27.69 9.58 -31.67
C VAL A 292 -28.26 9.37 -30.28
N VAL A 293 -29.23 8.45 -30.18
CA VAL A 293 -29.78 8.03 -28.89
C VAL A 293 -30.42 6.66 -29.05
N ARG A 294 -30.33 5.85 -27.98
CA ARG A 294 -31.09 4.61 -27.86
C ARG A 294 -31.22 4.31 -26.37
N LEU A 295 -32.37 4.65 -25.79
CA LEU A 295 -32.59 4.55 -24.35
C LEU A 295 -33.60 3.45 -24.07
N LEU A 296 -33.11 2.30 -23.59
CA LEU A 296 -33.92 1.10 -23.43
C LEU A 296 -33.99 0.68 -21.96
N VAL A 297 -35.20 0.42 -21.48
CA VAL A 297 -35.43 -0.24 -20.20
C VAL A 297 -36.06 -1.60 -20.50
N GLU A 298 -35.35 -2.67 -20.14
CA GLU A 298 -35.76 -4.01 -20.52
C GLU A 298 -36.98 -4.47 -19.74
N PHE A 299 -37.51 -5.64 -20.10
CA PHE A 299 -38.51 -6.28 -19.27
C PHE A 299 -38.35 -7.80 -19.33
N PRO A 300 -37.84 -8.41 -18.24
CA PRO A 300 -37.97 -9.86 -18.06
C PRO A 300 -39.15 -10.21 -17.16
N ALA A 301 -39.60 -11.45 -17.19
CA ALA A 301 -40.80 -11.85 -16.47
C ALA A 301 -40.53 -12.00 -14.97
N THR A 302 -41.63 -12.15 -14.22
CA THR A 302 -41.65 -12.27 -12.75
C THR A 302 -40.97 -11.08 -12.07
N GLY A 303 -41.07 -9.91 -12.70
CA GLY A 303 -40.38 -8.75 -12.19
C GLY A 303 -40.49 -7.59 -13.14
N GLY A 304 -39.48 -6.73 -13.11
CA GLY A 304 -39.54 -5.46 -13.82
C GLY A 304 -38.50 -5.22 -14.89
N VAL A 305 -37.52 -4.36 -14.59
CA VAL A 305 -36.58 -3.84 -15.57
C VAL A 305 -35.15 -3.97 -15.05
N ILE A 306 -34.20 -3.70 -15.94
CA ILE A 306 -32.78 -3.53 -15.64
C ILE A 306 -32.17 -2.76 -16.81
N PRO A 307 -32.15 -1.41 -16.76
CA PRO A 307 -32.05 -0.61 -17.99
C PRO A 307 -30.66 -0.60 -18.64
N SER A 308 -30.57 0.05 -19.79
CA SER A 308 -29.31 0.18 -20.52
C SER A 308 -29.34 1.43 -21.36
N TRP A 309 -28.23 2.16 -21.39
CA TRP A 309 -28.09 3.36 -22.19
C TRP A 309 -27.28 3.07 -23.45
N GLN A 310 -27.53 3.85 -24.50
CA GLN A 310 -26.79 3.72 -25.75
C GLN A 310 -26.84 5.04 -26.51
N PHE A 311 -25.67 5.62 -26.79
CA PHE A 311 -25.48 6.77 -27.67
C PHE A 311 -23.99 6.87 -27.95
N GLN A 312 -23.65 7.69 -28.94
CA GLN A 312 -22.25 7.95 -29.29
C GLN A 312 -22.17 9.27 -30.02
N PRO A 313 -21.05 9.98 -29.93
CA PRO A 313 -20.91 11.26 -30.63
C PRO A 313 -20.28 11.11 -32.00
N LEU A 314 -20.66 12.03 -32.89
CA LEU A 314 -20.18 12.02 -34.27
C LEU A 314 -20.15 13.47 -34.74
N LYS A 315 -18.98 14.10 -34.61
CA LYS A 315 -18.78 15.48 -35.03
C LYS A 315 -18.82 15.57 -36.55
N LEU A 316 -19.26 16.74 -37.04
CA LEU A 316 -19.61 16.85 -38.46
C LEU A 316 -18.39 16.90 -39.37
N ILE A 317 -17.29 17.49 -38.92
CA ILE A 317 -16.06 17.52 -39.70
C ILE A 317 -14.87 17.70 -38.76
N PHE A 325 -5.87 25.98 -44.31
CA PHE A 325 -6.05 25.48 -42.95
C PHE A 325 -6.09 23.96 -42.90
N PHE A 326 -5.80 23.40 -41.72
CA PHE A 326 -5.71 21.96 -41.52
C PHE A 326 -6.99 21.36 -40.97
N LEU A 327 -8.15 21.86 -41.38
CA LEU A 327 -9.42 21.32 -40.88
C LEU A 327 -9.70 19.96 -41.47
N ALA A 328 -9.91 19.90 -42.78
CA ALA A 328 -10.13 18.65 -43.49
C ALA A 328 -8.95 18.29 -44.40
N ALA A 329 -7.76 18.83 -44.12
CA ALA A 329 -6.57 18.65 -44.92
C ALA A 329 -5.83 17.36 -44.63
N CYS A 330 -6.32 16.56 -43.69
CA CYS A 330 -5.76 15.24 -43.41
C CYS A 330 -6.46 14.12 -44.15
N GLU A 331 -6.98 14.41 -45.36
CA GLU A 331 -7.77 13.47 -46.13
C GLU A 331 -7.01 12.89 -47.31
N ILE A 332 -6.21 13.71 -48.00
CA ILE A 332 -5.50 13.22 -49.18
C ILE A 332 -4.26 12.42 -48.79
N ILE A 333 -3.48 12.94 -47.84
CA ILE A 333 -2.19 12.32 -47.52
C ILE A 333 -2.38 11.05 -46.69
N PHE A 334 -3.56 10.90 -46.08
CA PHE A 334 -3.88 9.66 -45.38
C PHE A 334 -4.23 8.55 -46.37
N CYS A 335 -4.48 8.91 -47.64
CA CYS A 335 -4.73 7.91 -48.66
C CYS A 335 -3.60 7.85 -49.68
N PHE A 336 -2.87 8.96 -49.87
CA PHE A 336 -1.91 9.06 -50.98
C PHE A 336 -0.64 8.25 -50.72
N PHE A 337 -0.12 8.29 -49.48
CA PHE A 337 1.02 7.43 -49.14
C PHE A 337 0.56 5.99 -48.93
N ILE A 338 -0.75 5.76 -48.90
CA ILE A 338 -1.31 4.41 -49.05
C ILE A 338 -1.63 4.12 -50.51
N PHE A 339 -1.71 5.16 -51.36
CA PHE A 339 -2.15 4.97 -52.74
C PHE A 339 -1.09 4.27 -53.58
N TYR A 340 0.18 4.60 -53.36
CA TYR A 340 1.24 3.81 -53.98
C TYR A 340 1.54 2.56 -53.19
N TYR A 341 0.96 2.43 -51.98
CA TYR A 341 1.11 1.21 -51.21
C TYR A 341 0.18 0.11 -51.71
N VAL A 342 -0.99 0.49 -52.24
CA VAL A 342 -1.85 -0.47 -52.91
C VAL A 342 -1.29 -0.84 -54.28
N VAL A 343 -0.31 -0.05 -54.75
CA VAL A 343 0.31 -0.33 -56.04
C VAL A 343 1.63 -1.07 -55.87
N GLU A 344 2.29 -0.92 -54.72
CA GLU A 344 3.60 -1.56 -54.53
C GLU A 344 3.47 -2.88 -53.79
N GLU A 345 2.72 -2.91 -52.68
CA GLU A 345 2.63 -4.12 -51.86
C GLU A 345 1.73 -5.18 -52.50
N ILE A 346 0.89 -4.77 -53.46
CA ILE A 346 0.18 -5.74 -54.29
C ILE A 346 1.01 -6.10 -55.52
N LEU A 347 2.02 -5.26 -55.85
CA LEU A 347 3.01 -5.68 -56.83
C LEU A 347 4.12 -6.50 -56.17
N GLU A 348 4.11 -6.56 -54.85
CA GLU A 348 5.07 -7.41 -54.14
C GLU A 348 4.72 -8.88 -54.29
N ILE A 349 3.50 -9.18 -54.74
CA ILE A 349 3.07 -10.57 -54.91
C ILE A 349 3.79 -11.20 -56.10
N ARG A 350 4.28 -10.39 -57.04
CA ARG A 350 4.99 -10.94 -58.18
C ARG A 350 6.40 -11.38 -57.84
N ILE A 351 6.91 -11.04 -56.66
CA ILE A 351 8.32 -11.20 -56.34
C ILE A 351 8.56 -12.05 -55.10
N HIS A 352 7.79 -11.79 -54.03
CA HIS A 352 8.13 -12.22 -52.66
C HIS A 352 8.03 -13.73 -52.52
N LYS A 353 9.19 -14.39 -52.55
CA LYS A 353 9.35 -15.85 -52.46
C LYS A 353 8.54 -16.59 -53.52
N LEU A 354 8.36 -15.95 -54.69
CA LEU A 354 7.42 -16.34 -55.75
C LEU A 354 5.99 -16.48 -55.20
N HIS A 355 5.45 -15.34 -54.78
CA HIS A 355 4.09 -15.16 -54.26
C HIS A 355 3.78 -16.01 -53.04
N TYR A 356 4.81 -16.46 -52.30
CA TYR A 356 4.69 -17.57 -51.36
C TYR A 356 5.36 -17.23 -50.04
N PHE A 357 4.97 -16.10 -49.45
CA PHE A 357 5.75 -15.42 -48.42
C PHE A 357 6.04 -16.23 -47.14
N ARG A 358 5.00 -16.51 -46.33
CA ARG A 358 5.06 -17.28 -45.09
C ARG A 358 6.10 -16.69 -44.10
N SER A 359 5.81 -15.48 -43.64
CA SER A 359 6.62 -14.82 -42.63
C SER A 359 5.67 -14.19 -41.61
N PHE A 360 6.24 -13.55 -40.59
CA PHE A 360 5.43 -12.90 -39.56
C PHE A 360 5.74 -11.42 -39.40
N TRP A 361 7.02 -11.05 -39.33
CA TRP A 361 7.39 -9.66 -39.05
C TRP A 361 7.25 -8.74 -40.26
N ASN A 362 6.93 -9.29 -41.44
CA ASN A 362 6.61 -8.48 -42.62
C ASN A 362 5.20 -8.74 -43.14
N CYS A 363 4.55 -9.81 -42.70
CA CYS A 363 3.18 -10.08 -43.12
C CYS A 363 2.19 -9.29 -42.26
N LEU A 364 2.66 -8.74 -41.14
CA LEU A 364 1.81 -7.88 -40.32
C LEU A 364 1.59 -6.53 -40.97
N ASP A 365 2.47 -6.16 -41.91
CA ASP A 365 2.22 -4.97 -42.73
C ASP A 365 1.13 -5.22 -43.76
N VAL A 366 1.18 -6.37 -44.44
CA VAL A 366 0.25 -6.63 -45.53
C VAL A 366 -1.09 -7.12 -44.99
N VAL A 367 -1.12 -7.59 -43.74
CA VAL A 367 -2.40 -7.91 -43.12
C VAL A 367 -3.11 -6.63 -42.67
N ILE A 368 -2.35 -5.67 -42.15
CA ILE A 368 -2.94 -4.39 -41.75
C ILE A 368 -3.16 -3.50 -42.97
N VAL A 369 -2.51 -3.82 -44.09
CA VAL A 369 -2.85 -3.18 -45.35
C VAL A 369 -4.26 -3.60 -45.77
N VAL A 370 -4.65 -4.82 -45.46
CA VAL A 370 -6.05 -5.22 -45.63
C VAL A 370 -6.92 -4.55 -44.57
N LEU A 371 -6.34 -4.24 -43.41
CA LEU A 371 -7.06 -3.46 -42.41
C LEU A 371 -7.03 -1.97 -42.74
N SER A 372 -6.10 -1.56 -43.62
CA SER A 372 -6.25 -0.27 -44.28
C SER A 372 -7.36 -0.33 -45.31
N VAL A 373 -7.61 -1.50 -45.89
CA VAL A 373 -8.62 -1.66 -46.93
C VAL A 373 -10.01 -1.77 -46.30
N VAL A 374 -10.08 -1.86 -44.97
CA VAL A 374 -11.36 -1.71 -44.29
C VAL A 374 -11.80 -0.24 -44.30
N ALA A 375 -10.84 0.67 -44.52
CA ALA A 375 -11.19 2.08 -44.61
C ALA A 375 -11.36 2.51 -46.07
N ILE A 376 -10.55 1.98 -46.97
CA ILE A 376 -10.48 2.51 -48.34
C ILE A 376 -11.69 2.07 -49.15
N GLY A 377 -12.29 0.94 -48.80
CA GLY A 377 -13.42 0.47 -49.56
C GLY A 377 -14.74 1.08 -49.10
N ILE A 378 -14.78 1.56 -47.86
CA ILE A 378 -16.06 1.80 -47.20
C ILE A 378 -16.74 3.05 -47.72
N ASN A 379 -15.97 3.98 -48.27
CA ASN A 379 -16.48 5.32 -48.56
C ASN A 379 -17.05 5.38 -49.97
N ILE A 380 -17.92 4.41 -50.30
CA ILE A 380 -18.52 4.37 -51.64
C ILE A 380 -20.03 4.20 -51.50
N TYR A 381 -20.47 3.78 -50.32
CA TYR A 381 -21.89 3.72 -49.98
C TYR A 381 -22.20 4.31 -48.63
N ARG A 382 -21.30 4.16 -47.65
CA ARG A 382 -21.57 4.52 -46.27
C ARG A 382 -20.96 5.84 -45.84
N THR A 383 -19.66 6.05 -46.06
CA THR A 383 -19.07 7.33 -45.66
C THR A 383 -19.38 8.44 -46.65
N SER A 384 -19.83 8.09 -47.86
CA SER A 384 -20.35 9.06 -48.82
C SER A 384 -21.85 9.22 -48.72
N ASN A 385 -22.42 9.09 -47.52
CA ASN A 385 -23.87 9.21 -47.28
C ASN A 385 -24.26 10.67 -47.15
N VAL A 386 -24.88 11.21 -48.20
CA VAL A 386 -25.54 12.50 -48.15
C VAL A 386 -27.05 12.33 -48.09
N GLU A 387 -27.58 11.30 -48.75
CA GLU A 387 -29.03 11.11 -48.83
C GLU A 387 -29.61 10.58 -47.51
N VAL A 388 -28.76 10.18 -46.58
CA VAL A 388 -29.21 9.90 -45.22
C VAL A 388 -29.40 11.20 -44.44
N LEU A 389 -28.67 12.24 -44.84
CA LEU A 389 -28.68 13.49 -44.08
C LEU A 389 -29.42 14.60 -44.83
N LEU A 390 -29.52 14.49 -46.16
CA LEU A 390 -30.15 15.54 -46.94
C LEU A 390 -31.67 15.54 -46.78
N GLN A 391 -32.23 14.43 -46.29
CA GLN A 391 -33.65 14.39 -45.94
C GLN A 391 -33.90 14.97 -44.55
N PHE A 392 -32.84 15.12 -43.75
CA PHE A 392 -33.01 15.41 -42.33
C PHE A 392 -33.25 16.90 -42.08
N LEU A 393 -32.45 17.77 -42.69
CA LEU A 393 -32.59 19.20 -42.44
C LEU A 393 -33.68 19.80 -43.33
N GLU A 394 -34.18 19.03 -44.29
CA GLU A 394 -35.13 19.57 -45.25
C GLU A 394 -36.53 19.68 -44.65
N ASP A 395 -37.13 18.56 -44.26
CA ASP A 395 -38.51 18.52 -43.80
C ASP A 395 -38.54 18.40 -42.28
N GLN A 396 -39.33 19.25 -41.63
CA GLN A 396 -39.36 19.27 -40.18
C GLN A 396 -40.38 18.29 -39.61
N ASN A 397 -41.41 17.97 -40.40
CA ASN A 397 -42.51 17.15 -39.87
C ASN A 397 -42.12 15.68 -39.79
N THR A 398 -41.13 15.26 -40.57
CA THR A 398 -40.70 13.86 -40.54
C THR A 398 -39.87 13.57 -39.29
N PHE A 399 -39.79 12.29 -38.94
CA PHE A 399 -38.98 11.87 -37.81
C PHE A 399 -37.52 11.62 -38.22
N PRO A 400 -36.63 11.36 -37.28
CA PRO A 400 -35.21 11.17 -37.64
C PRO A 400 -34.91 9.73 -38.01
N ASN A 401 -34.19 9.57 -39.12
CA ASN A 401 -33.74 8.27 -39.61
C ASN A 401 -32.22 8.10 -39.52
N PHE A 402 -31.51 9.08 -38.95
CA PHE A 402 -30.05 8.99 -38.87
C PHE A 402 -29.60 8.24 -37.62
N GLU A 403 -30.56 7.82 -36.78
CA GLU A 403 -30.20 6.99 -35.62
C GLU A 403 -29.82 5.58 -36.07
N HIS A 404 -30.41 5.09 -37.17
CA HIS A 404 -29.97 3.83 -37.75
C HIS A 404 -28.69 4.01 -38.54
N LEU A 405 -28.37 5.25 -38.92
CA LEU A 405 -27.10 5.52 -39.59
C LEU A 405 -25.93 5.45 -38.62
N ALA A 406 -26.21 5.63 -37.32
CA ALA A 406 -25.19 5.53 -36.29
C ALA A 406 -24.77 4.09 -36.02
N TYR A 407 -25.60 3.12 -36.43
CA TYR A 407 -25.34 1.72 -36.11
C TYR A 407 -24.17 1.17 -36.89
N TRP A 408 -24.03 1.57 -38.16
CA TRP A 408 -22.85 1.21 -38.93
C TRP A 408 -21.69 2.19 -38.67
N GLN A 409 -21.91 3.15 -37.77
CA GLN A 409 -20.88 4.13 -37.47
C GLN A 409 -20.03 3.72 -36.27
N ILE A 410 -20.56 2.84 -35.40
CA ILE A 410 -19.79 2.39 -34.23
C ILE A 410 -18.60 1.54 -34.65
N GLN A 411 -18.77 0.74 -35.71
CA GLN A 411 -17.65 0.01 -36.28
C GLN A 411 -16.97 0.82 -37.38
N PHE A 412 -17.28 2.11 -37.47
CA PHE A 412 -16.51 2.98 -38.35
C PHE A 412 -15.35 3.62 -37.61
N ASN A 413 -15.58 4.01 -36.36
CA ASN A 413 -14.56 4.74 -35.62
C ASN A 413 -13.80 3.83 -34.66
N ASN A 414 -14.32 2.63 -34.40
CA ASN A 414 -13.58 1.67 -33.58
C ASN A 414 -12.74 0.73 -34.44
N ILE A 415 -13.20 0.41 -35.65
CA ILE A 415 -12.42 -0.44 -36.53
C ILE A 415 -11.31 0.36 -37.19
N ALA A 416 -11.41 1.67 -37.15
CA ALA A 416 -10.37 2.51 -37.74
C ALA A 416 -9.16 2.63 -36.83
N ALA A 417 -9.31 2.27 -35.54
CA ALA A 417 -8.19 2.36 -34.62
C ALA A 417 -7.33 1.10 -34.65
N VAL A 418 -7.74 0.10 -35.43
CA VAL A 418 -6.98 -1.15 -35.53
C VAL A 418 -5.70 -0.95 -36.33
N THR A 419 -5.61 0.16 -37.08
CA THR A 419 -4.39 0.47 -37.83
C THR A 419 -3.37 1.22 -36.96
N VAL A 420 -3.70 1.43 -35.68
CA VAL A 420 -2.74 2.08 -34.77
C VAL A 420 -1.80 1.06 -34.17
N PHE A 421 -2.29 -0.15 -33.91
CA PHE A 421 -1.51 -1.11 -33.11
C PHE A 421 -0.45 -1.81 -33.95
N PHE A 422 -0.86 -2.42 -35.07
CA PHE A 422 0.09 -3.22 -35.84
C PHE A 422 1.05 -2.37 -36.66
N VAL A 423 0.76 -1.07 -36.78
CA VAL A 423 1.63 -0.18 -37.56
C VAL A 423 2.81 0.26 -36.72
N TRP A 424 2.72 0.15 -35.39
CA TRP A 424 3.84 0.52 -34.53
C TRP A 424 4.83 -0.64 -34.40
N ILE A 425 4.34 -1.87 -34.30
CA ILE A 425 5.23 -3.03 -34.23
C ILE A 425 5.90 -3.28 -35.58
N LYS A 426 5.19 -2.96 -36.67
CA LYS A 426 5.80 -3.03 -37.99
C LYS A 426 6.74 -1.85 -38.23
N LEU A 427 6.56 -0.77 -37.46
CA LEU A 427 7.60 0.26 -37.41
C LEU A 427 8.82 -0.24 -36.64
N PHE A 428 8.59 -0.88 -35.49
CA PHE A 428 9.69 -1.41 -34.69
C PHE A 428 10.29 -2.66 -35.33
N LYS A 429 9.57 -3.28 -36.25
CA LYS A 429 10.19 -4.30 -37.11
C LYS A 429 11.18 -3.66 -38.07
N PHE A 430 10.93 -2.41 -38.46
CA PHE A 430 11.84 -1.69 -39.34
C PHE A 430 12.69 -0.69 -38.56
N ILE A 431 12.20 -0.44 -37.36
CA ILE A 431 12.71 0.52 -36.40
C ILE A 431 13.82 0.01 -35.51
N ASN A 432 14.16 -1.28 -35.61
CA ASN A 432 15.27 -1.83 -34.81
C ASN A 432 16.63 -1.65 -35.48
N PHE A 433 17.00 -0.39 -35.72
CA PHE A 433 18.24 -0.01 -36.35
C PHE A 433 19.45 -0.33 -35.52
N ASN A 434 19.38 -0.14 -34.21
CA ASN A 434 20.59 -0.39 -33.47
C ASN A 434 20.95 -1.86 -33.51
N ARG A 435 22.10 -2.19 -32.92
CA ARG A 435 22.42 -3.59 -32.65
C ARG A 435 21.55 -4.11 -31.52
N THR A 436 21.26 -3.27 -30.53
CA THR A 436 20.45 -3.65 -29.38
C THR A 436 18.95 -3.55 -29.67
N MET A 437 18.58 -3.15 -30.89
CA MET A 437 17.20 -3.24 -31.32
C MET A 437 16.92 -4.50 -32.11
N SER A 438 17.92 -5.03 -32.81
CA SER A 438 17.75 -6.31 -33.49
C SER A 438 17.72 -7.47 -32.51
N GLN A 439 18.39 -7.34 -31.37
CA GLN A 439 18.40 -8.38 -30.37
C GLN A 439 17.04 -8.54 -29.71
N LEU A 440 16.27 -7.46 -29.62
CA LEU A 440 14.97 -7.51 -28.99
C LEU A 440 13.87 -7.89 -29.95
N SER A 441 14.14 -7.84 -31.25
CA SER A 441 13.21 -8.36 -32.25
C SER A 441 13.46 -9.81 -32.57
N THR A 442 14.73 -10.24 -32.54
CA THR A 442 15.06 -11.64 -32.69
C THR A 442 14.57 -12.46 -31.52
N THR A 443 14.53 -11.86 -30.32
CA THR A 443 14.02 -12.55 -29.14
C THR A 443 12.54 -12.83 -29.25
N MET A 444 11.73 -11.82 -29.54
CA MET A 444 10.28 -11.98 -29.58
C MET A 444 9.81 -12.75 -30.81
N SER A 445 10.64 -12.91 -31.84
CA SER A 445 10.20 -13.61 -33.03
C SER A 445 10.62 -15.07 -33.00
N ARG A 446 11.70 -15.40 -32.32
CA ARG A 446 12.07 -16.80 -32.18
C ARG A 446 11.37 -17.45 -30.99
N CYS A 447 10.71 -16.65 -30.15
CA CYS A 447 10.00 -17.18 -29.00
C CYS A 447 8.56 -17.57 -29.32
N ALA A 448 7.91 -16.85 -30.24
CA ALA A 448 6.46 -16.93 -30.41
C ALA A 448 5.98 -18.28 -30.92
N LYS A 449 6.87 -19.13 -31.42
CA LYS A 449 6.51 -20.52 -31.66
C LYS A 449 6.27 -21.25 -30.35
N ASP A 450 7.19 -21.11 -29.40
CA ASP A 450 7.04 -21.77 -28.10
C ASP A 450 6.02 -21.07 -27.24
N LEU A 451 5.86 -19.76 -27.40
CA LEU A 451 5.00 -18.99 -26.52
C LEU A 451 3.53 -19.14 -26.90
N PHE A 452 3.24 -19.36 -28.17
CA PHE A 452 1.88 -19.68 -28.58
C PHE A 452 1.48 -21.08 -28.13
N GLY A 453 2.44 -21.98 -28.04
CA GLY A 453 2.14 -23.32 -27.57
C GLY A 453 1.72 -23.38 -26.12
N PHE A 454 2.23 -22.49 -25.28
CA PHE A 454 1.81 -22.48 -23.90
C PHE A 454 0.57 -21.62 -23.70
N ALA A 455 0.31 -20.70 -24.62
CA ALA A 455 -0.92 -19.90 -24.53
C ALA A 455 -2.16 -20.72 -24.84
N ILE A 456 -2.01 -21.91 -25.41
CA ILE A 456 -3.14 -22.82 -25.55
C ILE A 456 -3.33 -23.61 -24.26
N MET A 457 -2.25 -24.06 -23.65
CA MET A 457 -2.34 -24.74 -22.36
C MET A 457 -2.74 -23.80 -21.24
N PHE A 458 -2.52 -22.50 -21.40
CA PHE A 458 -2.98 -21.57 -20.38
C PHE A 458 -4.48 -21.41 -20.42
N PHE A 459 -5.06 -21.29 -21.61
CA PHE A 459 -6.48 -21.03 -21.73
C PHE A 459 -7.34 -22.23 -21.41
N ILE A 460 -6.83 -23.45 -21.53
CA ILE A 460 -7.66 -24.61 -21.22
C ILE A 460 -7.84 -24.73 -19.71
N ILE A 461 -6.81 -24.40 -18.94
CA ILE A 461 -6.99 -24.25 -17.50
C ILE A 461 -7.85 -23.03 -17.21
N PHE A 462 -7.66 -21.96 -17.97
CA PHE A 462 -8.38 -20.72 -17.74
C PHE A 462 -9.85 -20.82 -18.10
N LEU A 463 -10.17 -21.56 -19.17
CA LEU A 463 -11.56 -21.78 -19.55
C LEU A 463 -12.16 -22.98 -18.86
N ALA A 464 -11.45 -23.59 -17.92
CA ALA A 464 -12.05 -24.63 -17.10
C ALA A 464 -12.43 -24.10 -15.73
N TYR A 465 -11.74 -23.07 -15.24
CA TYR A 465 -12.25 -22.34 -14.10
C TYR A 465 -13.46 -21.52 -14.46
N ALA A 466 -13.55 -21.02 -15.69
CA ALA A 466 -14.74 -20.32 -16.09
C ALA A 466 -15.95 -21.23 -16.24
N GLN A 467 -15.73 -22.51 -16.51
CA GLN A 467 -16.81 -23.49 -16.43
C GLN A 467 -17.29 -23.67 -15.00
N LEU A 468 -16.35 -23.75 -14.06
CA LEU A 468 -16.70 -24.05 -12.69
C LEU A 468 -17.41 -22.88 -12.04
N ALA A 469 -16.92 -21.67 -12.24
CA ALA A 469 -17.50 -20.53 -11.56
C ALA A 469 -18.86 -20.15 -12.12
N TYR A 470 -19.06 -20.38 -13.41
CA TYR A 470 -20.36 -20.09 -14.02
C TYR A 470 -21.44 -21.04 -13.53
N LEU A 471 -21.09 -22.29 -13.27
CA LEU A 471 -22.09 -23.25 -12.82
C LEU A 471 -22.35 -23.17 -11.33
N VAL A 472 -21.40 -22.68 -10.55
CA VAL A 472 -21.54 -22.61 -9.10
C VAL A 472 -22.01 -21.24 -8.64
N PHE A 473 -21.38 -20.19 -9.13
CA PHE A 473 -21.65 -18.84 -8.67
C PHE A 473 -22.64 -18.11 -9.56
N GLY A 474 -23.08 -18.75 -10.65
CA GLY A 474 -23.84 -18.06 -11.68
C GLY A 474 -25.27 -17.71 -11.34
N THR A 475 -25.75 -18.11 -10.16
CA THR A 475 -27.09 -17.76 -9.73
C THR A 475 -27.09 -16.76 -8.59
N GLN A 476 -25.97 -16.55 -7.93
CA GLN A 476 -25.95 -15.70 -6.76
C GLN A 476 -25.21 -14.39 -6.98
N VAL A 477 -24.15 -14.39 -7.77
CA VAL A 477 -23.21 -13.29 -7.83
C VAL A 477 -23.39 -12.55 -9.15
N ASP A 478 -23.41 -11.21 -9.07
CA ASP A 478 -23.50 -10.37 -10.26
C ASP A 478 -22.31 -10.54 -11.18
N ASP A 479 -21.12 -10.73 -10.62
CA ASP A 479 -19.89 -10.78 -11.41
C ASP A 479 -19.71 -12.09 -12.15
N PHE A 480 -20.57 -13.07 -11.93
CA PHE A 480 -20.49 -14.35 -12.63
C PHE A 480 -21.79 -14.63 -13.34
N SER A 481 -22.42 -13.59 -13.90
CA SER A 481 -23.80 -13.71 -14.37
C SER A 481 -23.89 -14.50 -15.67
N THR A 482 -23.07 -14.17 -16.66
CA THR A 482 -23.03 -14.90 -17.92
C THR A 482 -21.62 -15.45 -18.12
N PHE A 483 -21.49 -16.38 -19.07
CA PHE A 483 -20.20 -16.98 -19.32
C PHE A 483 -19.25 -16.00 -19.98
N GLN A 484 -19.78 -15.06 -20.78
CA GLN A 484 -18.95 -14.03 -21.37
C GLN A 484 -18.37 -13.13 -20.29
N GLU A 485 -19.08 -12.97 -19.18
CA GLU A 485 -18.69 -12.10 -18.10
C GLU A 485 -18.07 -12.86 -16.94
N CYS A 486 -18.07 -14.20 -17.00
CA CYS A 486 -17.24 -14.98 -16.09
C CYS A 486 -15.79 -14.98 -16.51
N ILE A 487 -15.51 -14.77 -17.79
CA ILE A 487 -14.14 -14.71 -18.26
C ILE A 487 -13.51 -13.38 -17.86
N PHE A 488 -14.28 -12.30 -17.98
CA PHE A 488 -13.75 -10.96 -17.76
C PHE A 488 -13.41 -10.75 -16.30
N THR A 489 -14.13 -11.42 -15.42
CA THR A 489 -13.92 -11.31 -13.98
C THR A 489 -12.82 -12.24 -13.48
N GLN A 490 -12.27 -13.10 -14.33
CA GLN A 490 -11.06 -13.82 -13.95
C GLN A 490 -9.84 -12.94 -14.10
N PHE A 491 -9.82 -12.10 -15.14
CA PHE A 491 -8.72 -11.16 -15.31
C PHE A 491 -8.73 -10.09 -14.24
N ARG A 492 -9.87 -9.82 -13.63
CA ARG A 492 -9.92 -8.90 -12.52
C ARG A 492 -9.23 -9.46 -11.29
N ILE A 493 -9.35 -10.77 -11.03
CA ILE A 493 -8.62 -11.45 -9.95
C ILE A 493 -7.12 -11.24 -10.09
N ILE A 494 -6.60 -11.35 -11.31
CA ILE A 494 -5.17 -11.18 -11.57
C ILE A 494 -4.73 -9.75 -11.25
N LEU A 495 -5.60 -8.78 -11.45
CA LEU A 495 -5.25 -7.40 -11.12
C LEU A 495 -5.56 -7.06 -9.67
N GLY A 496 -6.34 -7.89 -8.98
CA GLY A 496 -6.83 -7.53 -7.67
C GLY A 496 -8.34 -7.46 -7.68
N ASP A 497 -8.90 -6.28 -7.42
CA ASP A 497 -10.21 -5.84 -7.93
C ASP A 497 -11.42 -6.66 -7.51
N ILE A 498 -11.26 -7.70 -6.67
CA ILE A 498 -12.40 -8.49 -6.22
C ILE A 498 -12.28 -8.74 -4.73
N ASN A 499 -13.34 -8.39 -4.00
CA ASN A 499 -13.37 -8.49 -2.55
C ASN A 499 -13.72 -9.90 -2.06
N PHE A 500 -14.43 -10.66 -2.89
CA PHE A 500 -14.90 -12.04 -2.70
C PHE A 500 -15.68 -12.27 -1.41
N ALA A 501 -16.06 -11.21 -0.71
CA ALA A 501 -16.98 -11.34 0.41
C ALA A 501 -18.38 -11.73 -0.06
N GLU A 502 -18.67 -11.53 -1.35
CA GLU A 502 -19.83 -12.13 -1.98
C GLU A 502 -19.54 -13.56 -2.43
N ILE A 503 -18.28 -13.91 -2.70
CA ILE A 503 -17.96 -15.25 -3.18
C ILE A 503 -18.05 -16.27 -2.05
N GLU A 504 -17.46 -15.95 -0.89
CA GLU A 504 -17.57 -16.88 0.23
C GLU A 504 -18.95 -16.86 0.88
N GLU A 505 -19.79 -15.90 0.53
CA GLU A 505 -21.16 -15.87 1.01
C GLU A 505 -22.09 -16.62 0.08
N ALA A 506 -21.78 -16.65 -1.22
CA ALA A 506 -22.59 -17.40 -2.17
C ALA A 506 -22.45 -18.90 -1.96
N ASN A 507 -21.24 -19.35 -1.65
CA ASN A 507 -20.99 -20.75 -1.34
C ASN A 507 -19.93 -20.80 -0.25
N ARG A 508 -20.18 -21.62 0.77
CA ARG A 508 -19.35 -21.59 1.95
C ARG A 508 -18.11 -22.46 1.81
N VAL A 509 -18.24 -23.62 1.18
CA VAL A 509 -17.15 -24.56 1.08
C VAL A 509 -16.41 -24.41 -0.24
N LEU A 510 -17.10 -24.64 -1.35
CA LEU A 510 -16.46 -24.67 -2.67
C LEU A 510 -16.10 -23.28 -3.18
N GLY A 511 -16.57 -22.24 -2.51
CA GLY A 511 -16.20 -20.88 -2.82
C GLY A 511 -14.73 -20.56 -2.66
N PRO A 512 -14.18 -20.76 -1.46
CA PRO A 512 -12.74 -20.54 -1.30
C PRO A 512 -11.85 -21.68 -1.78
N ILE A 513 -12.40 -22.86 -2.06
CA ILE A 513 -11.61 -23.87 -2.75
C ILE A 513 -11.35 -23.42 -4.19
N TYR A 514 -12.32 -22.75 -4.79
CA TYR A 514 -12.13 -22.09 -6.06
C TYR A 514 -11.08 -20.98 -5.97
N PHE A 515 -11.19 -20.13 -4.96
CA PHE A 515 -10.38 -18.91 -4.95
C PHE A 515 -8.92 -19.18 -4.61
N THR A 516 -8.65 -20.10 -3.69
CA THR A 516 -7.26 -20.34 -3.33
C THR A 516 -6.55 -21.15 -4.40
N THR A 517 -7.21 -22.15 -4.96
CA THR A 517 -6.59 -22.92 -6.03
C THR A 517 -6.62 -22.22 -7.38
N PHE A 518 -7.19 -21.03 -7.47
CA PHE A 518 -7.00 -20.22 -8.65
C PHE A 518 -5.80 -19.30 -8.51
N VAL A 519 -5.65 -18.69 -7.33
CA VAL A 519 -4.50 -17.83 -7.08
C VAL A 519 -3.22 -18.65 -6.97
N PHE A 520 -3.34 -19.90 -6.52
CA PHE A 520 -2.17 -20.76 -6.46
C PHE A 520 -1.68 -21.12 -7.85
N PHE A 521 -2.57 -21.59 -8.71
CA PHE A 521 -2.11 -22.07 -10.01
C PHE A 521 -1.80 -20.94 -10.97
N MET A 522 -2.47 -19.80 -10.86
CA MET A 522 -2.15 -18.71 -11.77
C MET A 522 -0.86 -18.00 -11.39
N PHE A 523 -0.64 -17.75 -10.11
CA PHE A 523 0.48 -16.89 -9.74
C PHE A 523 1.73 -17.66 -9.36
N PHE A 524 1.64 -18.95 -9.09
CA PHE A 524 2.86 -19.69 -8.79
C PHE A 524 3.30 -20.57 -9.95
N ILE A 525 2.38 -20.95 -10.82
CA ILE A 525 2.70 -21.91 -11.86
C ILE A 525 2.55 -21.25 -13.23
N LEU A 526 1.36 -20.77 -13.53
CA LEU A 526 1.02 -20.41 -14.90
C LEU A 526 1.55 -19.04 -15.29
N LEU A 527 1.87 -18.18 -14.32
CA LEU A 527 2.55 -16.94 -14.64
C LEU A 527 4.05 -17.10 -14.71
N ASN A 528 4.62 -17.88 -13.80
CA ASN A 528 6.06 -18.09 -13.79
C ASN A 528 6.54 -18.94 -14.95
N MET A 529 5.65 -19.67 -15.62
CA MET A 529 6.03 -20.41 -16.80
C MET A 529 6.12 -19.51 -18.03
N PHE A 530 5.26 -18.50 -18.11
CA PHE A 530 5.39 -17.50 -19.17
C PHE A 530 6.69 -16.72 -19.05
N LEU A 531 7.17 -16.50 -17.84
CA LEU A 531 8.46 -15.88 -17.66
C LEU A 531 9.57 -16.80 -18.12
N ALA A 532 9.53 -18.07 -17.71
CA ALA A 532 10.60 -19.02 -17.98
C ALA A 532 10.78 -19.32 -19.46
N ILE A 533 9.76 -19.08 -20.27
CA ILE A 533 9.91 -19.29 -21.70
C ILE A 533 10.71 -18.15 -22.32
N ILE A 534 10.35 -16.90 -22.01
CA ILE A 534 10.99 -15.77 -22.66
C ILE A 534 12.26 -15.36 -21.93
N ASN A 535 12.56 -16.00 -20.81
CA ASN A 535 13.84 -15.83 -20.14
C ASN A 535 14.91 -16.71 -20.73
N ASP A 536 14.60 -17.97 -21.01
CA ASP A 536 15.58 -18.84 -21.63
C ASP A 536 15.72 -18.55 -23.12
N THR A 537 14.72 -17.92 -23.73
CA THR A 537 14.85 -17.54 -25.13
C THR A 537 15.76 -16.33 -25.29
N TYR A 538 15.59 -15.32 -24.42
CA TYR A 538 16.46 -14.15 -24.48
C TYR A 538 17.88 -14.48 -24.05
N SER A 539 18.04 -15.46 -23.17
CA SER A 539 19.37 -15.89 -22.77
C SER A 539 20.02 -16.81 -23.77
N GLU A 540 19.29 -17.19 -24.82
CA GLU A 540 19.88 -18.02 -25.86
C GLU A 540 20.13 -17.22 -27.13
N VAL A 541 19.40 -16.12 -27.31
CA VAL A 541 19.74 -15.16 -28.37
C VAL A 541 21.06 -14.47 -28.05
N LYS A 542 21.22 -13.99 -26.82
CA LYS A 542 22.38 -13.20 -26.45
C LYS A 542 23.65 -14.03 -26.42
N SER A 543 23.56 -15.29 -26.02
CA SER A 543 24.75 -16.14 -26.08
C SER A 543 25.05 -16.59 -27.49
N ASP A 544 24.08 -16.51 -28.40
CA ASP A 544 24.34 -16.88 -29.78
C ASP A 544 25.13 -15.78 -30.50
N LEU A 545 24.89 -14.53 -30.14
CA LEU A 545 25.62 -13.42 -30.75
C LEU A 545 27.00 -13.23 -30.13
N ALA A 546 27.25 -13.78 -28.94
CA ALA A 546 28.60 -13.85 -28.41
C ALA A 546 29.42 -14.93 -29.10
N GLN A 547 28.75 -15.86 -29.79
CA GLN A 547 29.43 -16.73 -30.74
C GLN A 547 29.44 -16.13 -32.14
N GLN A 548 28.99 -14.89 -32.28
CA GLN A 548 29.04 -14.17 -33.54
C GLN A 548 29.98 -12.98 -33.46
N TYR B 59 17.97 17.23 18.18
CA TYR B 59 18.37 16.71 16.87
C TYR B 59 19.74 17.27 16.49
N ILE B 60 19.94 18.55 16.76
CA ILE B 60 21.25 19.18 16.51
C ILE B 60 22.29 18.58 17.43
N VAL B 61 21.94 18.39 18.71
CA VAL B 61 22.83 17.78 19.67
C VAL B 61 22.99 16.28 19.43
N MET B 62 22.06 15.65 18.73
CA MET B 62 22.09 14.20 18.56
C MET B 62 22.78 13.77 17.27
N LEU B 63 22.60 14.50 16.17
CA LEU B 63 23.23 14.11 14.92
C LEU B 63 24.74 14.29 14.96
N THR B 64 25.22 15.38 15.58
CA THR B 64 26.66 15.55 15.76
C THR B 64 27.21 14.60 16.81
N CYS B 65 26.35 14.00 17.63
CA CYS B 65 26.78 12.97 18.57
C CYS B 65 26.91 11.62 17.89
N ALA B 66 26.22 11.42 16.78
CA ALA B 66 26.24 10.11 16.14
C ALA B 66 27.16 10.05 14.93
N VAL B 67 27.27 11.16 14.18
CA VAL B 67 28.18 11.18 13.03
C VAL B 67 29.62 11.11 13.50
N CYS B 68 29.93 11.68 14.65
CA CYS B 68 31.26 11.54 15.24
C CYS B 68 31.48 10.14 15.81
N LEU B 69 30.43 9.34 15.92
CA LEU B 69 30.54 7.97 16.40
C LEU B 69 30.44 6.96 15.26
N VAL B 70 29.78 7.31 14.17
CA VAL B 70 29.76 6.45 12.99
C VAL B 70 31.10 6.54 12.26
N THR B 71 31.81 7.67 12.40
CA THR B 71 33.15 7.77 11.79
C THR B 71 34.24 6.99 12.58
N TYR B 72 33.85 6.14 13.53
CA TYR B 72 34.69 5.11 14.11
C TYR B 72 34.44 3.81 13.35
N MET B 73 34.15 3.93 12.06
CA MET B 73 34.42 2.87 11.10
C MET B 73 35.82 3.00 10.51
N VAL B 74 36.66 3.85 11.11
CA VAL B 74 38.09 3.87 10.82
C VAL B 74 38.77 2.95 11.82
N MET B 75 37.99 2.15 12.55
CA MET B 75 38.54 0.93 13.11
C MET B 75 38.58 -0.18 12.07
N ALA B 76 38.02 0.06 10.89
CA ALA B 76 38.12 -0.89 9.80
C ALA B 76 39.24 -0.51 8.84
N ALA B 77 39.45 0.79 8.61
CA ALA B 77 40.49 1.21 7.70
C ALA B 77 41.87 1.13 8.35
N ILE B 78 41.97 1.50 9.63
CA ILE B 78 43.27 1.47 10.29
C ILE B 78 43.68 0.05 10.66
N LEU B 79 42.71 -0.84 10.91
CA LEU B 79 43.04 -2.24 11.18
C LEU B 79 43.66 -2.91 9.96
N HIS B 80 43.21 -2.54 8.77
CA HIS B 80 43.80 -3.08 7.56
C HIS B 80 45.18 -2.49 7.29
N LYS B 81 45.47 -1.31 7.84
CA LYS B 81 46.81 -0.76 7.82
C LYS B 81 47.66 -1.32 8.96
N LEU B 82 47.02 -1.86 10.00
CA LEU B 82 47.74 -2.47 11.12
C LEU B 82 48.33 -3.82 10.76
N ASP B 83 47.70 -4.55 9.83
CA ASP B 83 48.14 -5.89 9.50
C ASP B 83 49.48 -5.93 8.79
N GLN B 84 49.99 -4.79 8.32
CA GLN B 84 51.37 -4.72 7.87
C GLN B 84 52.29 -4.48 9.07
N LEU B 85 52.13 -3.35 9.73
CA LEU B 85 53.00 -2.95 10.83
C LEU B 85 52.34 -1.93 11.73
N ARG B 101 63.00 8.21 -3.07
CA ARG B 101 64.46 8.33 -3.09
C ARG B 101 65.02 8.62 -1.70
N PHE B 102 64.69 7.76 -0.74
CA PHE B 102 65.24 7.84 0.61
C PHE B 102 66.55 7.07 0.76
N LYS B 103 66.79 6.07 -0.08
CA LYS B 103 68.04 5.34 -0.10
C LYS B 103 68.50 5.16 -1.54
N TYR B 104 69.80 5.35 -1.76
CA TYR B 104 70.41 5.16 -3.06
C TYR B 104 70.65 3.67 -3.28
N GLU B 105 70.48 3.22 -4.52
CA GLU B 105 70.62 1.82 -4.85
C GLU B 105 72.03 1.46 -5.30
N ILE B 106 73.02 2.29 -4.99
CA ILE B 106 74.40 2.06 -5.40
C ILE B 106 75.06 1.07 -4.44
N LEU B 107 76.24 0.59 -4.83
CA LEU B 107 76.99 -0.37 -4.03
C LEU B 107 77.77 0.33 -2.92
N VAL B 108 77.75 -0.26 -1.74
CA VAL B 108 78.44 0.26 -0.55
C VAL B 108 79.49 -0.75 -0.14
N LYS B 109 80.73 -0.31 0.02
CA LYS B 109 81.79 -1.20 0.43
C LYS B 109 82.87 -0.42 1.15
N THR B 110 83.31 -0.94 2.30
CA THR B 110 84.39 -0.37 3.08
C THR B 110 85.65 -1.22 2.90
N GLY B 111 86.76 -0.56 2.59
CA GLY B 111 88.03 -1.24 2.40
C GLY B 111 89.12 -0.66 3.27
N TRP B 112 88.77 -0.28 4.49
CA TRP B 112 89.71 0.38 5.40
C TRP B 112 90.03 -0.44 6.64
N GLY B 113 89.01 -0.84 7.40
CA GLY B 113 89.22 -1.37 8.74
C GLY B 113 89.54 -2.84 8.84
N ARG B 114 90.72 -3.16 9.34
CA ARG B 114 91.20 -4.54 9.43
C ARG B 114 91.04 -5.07 10.85
N GLY B 115 90.53 -6.28 10.97
CA GLY B 115 90.35 -6.93 12.26
C GLY B 115 89.30 -6.26 13.12
N SER B 116 88.25 -5.73 12.48
CA SER B 116 87.20 -5.08 13.24
C SER B 116 85.81 -5.39 12.70
N GLY B 117 85.60 -6.54 12.08
CA GLY B 117 84.27 -6.92 11.65
C GLY B 117 83.40 -7.31 12.81
N THR B 118 82.45 -6.45 13.19
CA THR B 118 81.54 -6.71 14.31
C THR B 118 80.25 -7.31 13.74
N THR B 119 80.00 -8.58 14.08
CA THR B 119 78.86 -9.30 13.53
C THR B 119 77.55 -8.84 14.15
N ALA B 120 77.15 -7.60 13.86
CA ALA B 120 76.07 -6.93 14.58
C ALA B 120 75.14 -6.26 13.59
N HIS B 121 74.18 -5.53 14.14
CA HIS B 121 73.19 -4.81 13.35
C HIS B 121 73.65 -3.36 13.15
N VAL B 122 72.81 -2.58 12.48
CA VAL B 122 73.07 -1.18 12.20
C VAL B 122 71.76 -0.43 12.29
N GLY B 123 71.87 0.89 12.48
CA GLY B 123 70.69 1.71 12.50
C GLY B 123 70.89 3.05 11.81
N ILE B 124 70.07 3.33 10.80
CA ILE B 124 70.20 4.58 10.06
C ILE B 124 69.42 5.67 10.79
N MET B 125 70.06 6.82 10.98
CA MET B 125 69.45 8.01 11.55
C MET B 125 69.31 9.04 10.44
N LEU B 126 68.21 8.97 9.70
CA LEU B 126 67.99 9.81 8.53
C LEU B 126 66.65 10.54 8.70
N TYR B 127 66.69 11.69 9.37
CA TYR B 127 65.53 12.55 9.53
C TYR B 127 65.66 13.75 8.61
N GLY B 128 64.54 14.35 8.24
CA GLY B 128 64.60 15.46 7.30
C GLY B 128 63.31 16.19 7.03
N VAL B 129 63.07 16.48 5.76
CA VAL B 129 61.92 17.27 5.33
C VAL B 129 60.66 16.42 5.38
N ASP B 130 59.91 16.56 6.48
CA ASP B 130 58.67 15.82 6.77
C ASP B 130 58.87 14.29 6.71
N SER B 131 60.06 13.83 7.10
CA SER B 131 60.37 12.41 7.08
C SER B 131 61.29 12.08 8.25
N ARG B 132 60.96 11.00 8.96
CA ARG B 132 61.79 10.46 10.03
C ARG B 132 61.99 8.97 9.72
N SER B 133 62.98 8.69 8.87
CA SER B 133 63.31 7.30 8.56
C SER B 133 64.05 6.69 9.74
N GLY B 134 63.50 5.61 10.28
CA GLY B 134 64.08 4.92 11.41
C GLY B 134 65.27 4.05 11.04
N HIS B 135 65.56 3.11 11.92
CA HIS B 135 66.77 2.30 11.83
C HIS B 135 66.59 1.17 10.80
N ARG B 136 67.52 0.23 10.80
CA ARG B 136 67.41 -1.00 10.01
C ARG B 136 67.63 -2.20 10.93
N HIS B 137 67.43 -3.38 10.38
CA HIS B 137 67.68 -4.65 11.07
C HIS B 137 68.53 -5.51 10.14
N LEU B 138 69.84 -5.57 10.43
CA LEU B 138 70.79 -6.18 9.53
C LEU B 138 70.69 -7.70 9.51
N ASP B 139 69.89 -8.24 8.59
CA ASP B 139 69.76 -9.68 8.43
C ASP B 139 70.95 -10.21 7.65
N GLY B 140 71.72 -11.08 8.27
CA GLY B 140 72.91 -11.61 7.64
C GLY B 140 72.78 -13.03 7.14
N ASP B 141 73.03 -13.22 5.84
CA ASP B 141 73.14 -14.58 5.29
C ASP B 141 74.38 -15.27 5.84
N ARG B 142 75.55 -14.70 5.57
CA ARG B 142 76.77 -15.11 6.24
C ARG B 142 76.95 -14.44 7.60
N ALA B 143 75.93 -13.73 8.07
CA ALA B 143 75.84 -13.09 9.40
C ALA B 143 76.90 -12.02 9.60
N PHE B 144 77.38 -11.43 8.50
CA PHE B 144 78.42 -10.40 8.47
C PHE B 144 79.68 -10.86 9.21
N HIS B 145 80.30 -11.89 8.64
CA HIS B 145 81.37 -12.64 9.29
C HIS B 145 82.63 -11.79 9.44
N ARG B 146 83.66 -12.41 10.01
CA ARG B 146 84.87 -11.70 10.41
C ARG B 146 85.65 -11.19 9.21
N ASN B 147 86.09 -9.94 9.31
CA ASN B 147 86.86 -9.21 8.29
C ASN B 147 86.10 -9.14 6.95
N SER B 148 84.97 -8.43 7.00
CA SER B 148 84.13 -8.26 5.81
C SER B 148 83.49 -6.88 5.83
N LEU B 149 82.51 -6.69 4.96
CA LEU B 149 81.69 -5.48 4.87
C LEU B 149 80.29 -5.89 4.43
N ASP B 150 79.48 -4.92 4.00
CA ASP B 150 78.10 -5.25 3.64
C ASP B 150 77.62 -4.34 2.52
N ILE B 151 76.65 -4.85 1.75
CA ILE B 151 75.97 -4.10 0.70
C ILE B 151 74.62 -4.74 0.43
N PHE B 152 73.56 -3.94 0.43
CA PHE B 152 72.20 -4.46 0.26
C PHE B 152 71.28 -3.31 -0.13
N ARG B 153 69.98 -3.57 -0.11
CA ARG B 153 68.98 -2.53 -0.34
C ARG B 153 67.67 -2.95 0.31
N ILE B 154 67.10 -2.06 1.13
CA ILE B 154 65.80 -2.26 1.74
C ILE B 154 64.88 -1.10 1.34
N ALA B 155 63.61 -1.22 1.68
CA ALA B 155 62.59 -0.26 1.26
C ALA B 155 62.32 0.72 2.39
N THR B 156 62.99 1.86 2.37
CA THR B 156 62.78 2.88 3.40
C THR B 156 61.45 3.58 3.15
N PRO B 157 60.47 3.44 4.05
CA PRO B 157 59.15 4.03 3.81
C PRO B 157 58.98 5.47 4.28
N HIS B 158 60.07 6.18 4.56
CA HIS B 158 60.04 7.60 4.90
C HIS B 158 61.07 8.31 4.02
N SER B 159 60.60 9.18 3.14
CA SER B 159 61.39 9.69 2.03
C SER B 159 61.89 11.09 2.34
N LEU B 160 63.21 11.25 2.40
CA LEU B 160 63.86 12.55 2.51
C LEU B 160 64.67 12.79 1.26
N GLY B 161 64.62 14.01 0.74
CA GLY B 161 65.32 14.34 -0.48
C GLY B 161 66.77 14.74 -0.26
N SER B 162 67.18 15.87 -0.84
CA SER B 162 68.55 16.36 -0.67
C SER B 162 68.66 17.32 0.52
N VAL B 163 68.20 16.87 1.68
CA VAL B 163 68.32 17.62 2.91
C VAL B 163 69.59 17.17 3.62
N TRP B 164 70.16 18.06 4.42
CA TRP B 164 71.48 17.88 5.01
C TRP B 164 71.42 17.18 6.37
N LYS B 165 70.77 16.03 6.42
CA LYS B 165 70.71 15.25 7.65
C LYS B 165 70.46 13.79 7.29
N ILE B 166 71.49 12.96 7.40
CA ILE B 166 71.41 11.52 7.19
C ILE B 166 72.59 10.88 7.89
N ARG B 167 72.36 9.76 8.55
CA ARG B 167 73.41 9.16 9.37
C ARG B 167 73.19 7.66 9.46
N VAL B 168 74.02 7.00 10.27
CA VAL B 168 73.95 5.55 10.51
C VAL B 168 74.55 5.27 11.87
N TRP B 169 74.25 4.10 12.42
CA TRP B 169 74.74 3.73 13.76
C TRP B 169 74.73 2.21 13.89
N HIS B 170 75.90 1.59 14.00
CA HIS B 170 76.03 0.15 14.09
C HIS B 170 76.70 -0.22 15.40
N ASP B 171 76.10 -1.17 16.12
CA ASP B 171 76.40 -1.41 17.53
C ASP B 171 77.76 -2.08 17.71
N ASN B 172 78.11 -2.30 18.97
CA ASN B 172 79.36 -2.96 19.35
C ASN B 172 78.99 -4.30 20.00
N LYS B 173 78.85 -5.34 19.17
CA LYS B 173 78.60 -6.69 19.64
C LYS B 173 79.88 -7.49 19.59
N GLY B 174 80.03 -8.42 20.54
CA GLY B 174 81.28 -9.15 20.65
C GLY B 174 82.35 -8.24 21.22
N LEU B 175 83.51 -8.21 20.57
CA LEU B 175 84.55 -7.27 20.96
C LEU B 175 84.26 -5.90 20.36
N SER B 176 85.03 -4.90 20.79
CA SER B 176 84.80 -3.54 20.34
C SER B 176 85.35 -3.36 18.93
N PRO B 177 84.61 -2.71 18.04
CA PRO B 177 85.10 -2.52 16.67
C PRO B 177 86.04 -1.33 16.55
N ALA B 178 87.20 -1.56 15.92
CA ALA B 178 88.13 -0.47 15.66
C ALA B 178 88.01 0.02 14.23
N TRP B 179 86.89 -0.29 13.57
CA TRP B 179 86.70 0.01 12.15
C TRP B 179 86.43 1.48 11.90
N PHE B 180 87.20 2.07 10.99
CA PHE B 180 86.86 3.35 10.38
C PHE B 180 85.95 3.00 9.21
N LEU B 181 84.64 3.06 9.45
CA LEU B 181 83.65 2.72 8.44
C LEU B 181 83.71 3.74 7.30
N GLN B 182 84.09 3.27 6.11
CA GLN B 182 84.51 4.13 5.01
C GLN B 182 83.40 5.04 4.50
N HIS B 183 82.40 4.47 3.85
CA HIS B 183 81.41 5.26 3.12
C HIS B 183 80.26 4.35 2.69
N VAL B 184 79.33 4.93 1.95
CA VAL B 184 78.33 4.21 1.17
C VAL B 184 78.10 5.05 -0.08
N ILE B 185 78.42 4.51 -1.25
CA ILE B 185 78.32 5.28 -2.48
C ILE B 185 76.86 5.44 -2.88
N VAL B 186 76.59 6.47 -3.67
CA VAL B 186 75.23 6.84 -4.03
C VAL B 186 75.16 7.11 -5.53
N ARG B 187 74.18 6.50 -6.20
CA ARG B 187 73.90 6.79 -7.60
C ARG B 187 72.51 7.40 -7.78
N ASP B 188 71.47 6.72 -7.32
CA ASP B 188 70.12 7.30 -7.28
C ASP B 188 69.77 7.75 -5.86
N LEU B 189 70.50 8.76 -5.36
CA LEU B 189 70.23 9.32 -4.04
C LEU B 189 68.99 10.21 -4.07
N GLN B 190 69.02 11.22 -4.92
CA GLN B 190 67.80 11.89 -5.38
C GLN B 190 67.27 11.10 -6.59
N THR B 191 66.39 11.69 -7.38
CA THR B 191 65.96 11.01 -8.58
C THR B 191 67.09 11.02 -9.61
N ALA B 192 67.90 9.95 -9.59
CA ALA B 192 69.08 9.75 -10.43
C ALA B 192 70.08 10.90 -10.29
N ARG B 193 70.63 11.02 -9.09
CA ARG B 193 71.59 12.08 -8.79
C ARG B 193 72.67 11.54 -7.87
N SER B 194 73.93 11.78 -8.22
CA SER B 194 75.07 11.20 -7.51
C SER B 194 75.69 12.27 -6.62
N ALA B 195 75.35 12.21 -5.33
CA ALA B 195 76.03 12.98 -4.29
C ALA B 195 77.06 12.07 -3.62
N PHE B 196 78.33 12.45 -3.72
CA PHE B 196 79.41 11.60 -3.23
C PHE B 196 79.44 11.61 -1.71
N PHE B 197 79.08 10.49 -1.10
CA PHE B 197 79.12 10.34 0.35
C PHE B 197 80.48 9.79 0.78
N LEU B 198 81.09 10.46 1.75
CA LEU B 198 82.39 10.05 2.27
C LEU B 198 82.35 10.19 3.79
N VAL B 199 82.07 9.09 4.48
CA VAL B 199 82.01 9.12 5.95
C VAL B 199 83.42 9.14 6.52
N ASN B 200 84.18 8.05 6.28
CA ASN B 200 85.64 7.99 6.48
C ASN B 200 86.09 8.33 7.90
N ASP B 201 85.24 8.07 8.89
CA ASP B 201 85.53 8.44 10.28
C ASP B 201 85.22 7.27 11.19
N TRP B 202 86.20 6.88 12.00
CA TRP B 202 85.95 5.89 13.04
C TRP B 202 85.06 6.49 14.10
N LEU B 203 84.05 5.73 14.50
CA LEU B 203 82.97 6.22 15.34
C LEU B 203 83.07 5.63 16.73
N SER B 204 82.15 6.08 17.60
CA SER B 204 81.96 5.51 18.92
C SER B 204 81.05 4.28 18.80
N VAL B 205 80.46 3.86 19.92
CA VAL B 205 79.60 2.68 19.91
C VAL B 205 78.29 3.09 19.26
N GLU B 206 78.19 2.83 17.94
CA GLU B 206 77.10 3.28 17.06
C GLU B 206 76.90 4.80 17.14
N THR B 207 77.99 5.52 16.91
CA THR B 207 77.89 6.96 16.71
C THR B 207 77.38 7.24 15.29
N GLU B 208 76.99 8.48 15.05
CA GLU B 208 76.30 8.83 13.82
C GLU B 208 77.09 9.88 13.06
N ALA B 209 76.60 10.21 11.87
CA ALA B 209 77.16 11.29 11.05
C ALA B 209 76.44 12.58 11.44
N ASN B 210 77.15 13.45 12.15
CA ASN B 210 76.66 14.80 12.44
C ASN B 210 77.15 15.75 11.34
N GLY B 211 76.64 15.52 10.14
CA GLY B 211 77.07 16.27 8.98
C GLY B 211 75.94 16.61 8.02
N GLY B 212 76.31 17.09 6.84
CA GLY B 212 75.34 17.59 5.88
C GLY B 212 74.82 16.52 4.95
N LEU B 213 75.00 16.72 3.64
CA LEU B 213 74.59 15.73 2.66
C LEU B 213 75.47 15.81 1.42
N VAL B 234 70.70 22.00 25.73
CA VAL B 234 70.52 20.66 25.19
C VAL B 234 71.59 20.40 24.14
N ALA B 235 72.36 19.31 24.32
CA ALA B 235 73.44 18.99 23.40
C ALA B 235 72.89 18.57 22.04
N GLU B 236 72.12 17.49 21.99
CA GLU B 236 71.40 17.13 20.77
C GLU B 236 70.07 17.86 20.79
N LEU B 237 70.13 19.14 20.41
CA LEU B 237 68.99 20.05 20.45
C LEU B 237 68.03 19.86 19.29
N GLN B 238 68.35 18.98 18.35
CA GLN B 238 67.43 18.66 17.27
C GLN B 238 66.26 17.83 17.75
N ARG B 239 66.41 17.15 18.90
CA ARG B 239 65.34 16.34 19.45
C ARG B 239 64.17 17.24 19.82
N GLY B 240 62.97 16.73 19.60
CA GLY B 240 61.79 17.54 19.39
C GLY B 240 61.19 17.32 18.03
N PHE B 241 61.86 16.54 17.18
CA PHE B 241 61.31 16.05 15.93
C PHE B 241 60.59 14.70 16.14
N PHE B 242 60.09 14.47 17.35
CA PHE B 242 58.99 13.54 17.59
C PHE B 242 57.66 14.31 17.54
N ASP B 243 57.42 14.98 16.41
CA ASP B 243 56.17 15.70 16.20
C ASP B 243 55.03 14.80 15.75
N LYS B 244 55.22 13.48 15.80
CA LYS B 244 54.13 12.54 15.58
C LYS B 244 53.90 11.66 16.81
N HIS B 245 54.42 12.07 17.96
CA HIS B 245 53.99 11.57 19.27
C HIS B 245 52.89 12.47 19.82
N ILE B 246 51.90 12.75 18.98
CA ILE B 246 50.71 13.51 19.33
C ILE B 246 49.52 12.87 18.62
N TRP B 247 48.34 13.06 19.20
CA TRP B 247 47.10 12.67 18.53
C TRP B 247 46.80 13.53 17.30
N LEU B 248 47.33 14.74 17.26
CA LEU B 248 47.09 15.67 16.16
C LEU B 248 47.82 15.19 14.91
N SER B 249 47.05 14.70 13.93
CA SER B 249 47.53 14.31 12.60
C SER B 249 48.56 13.18 12.68
N ILE B 250 48.12 12.06 13.24
CA ILE B 250 48.94 10.86 13.35
C ILE B 250 48.34 9.80 12.43
N TRP B 251 48.91 9.71 11.23
CA TRP B 251 48.78 8.50 10.42
C TRP B 251 50.13 7.85 10.22
N ASP B 252 51.12 8.21 11.05
CA ASP B 252 52.49 7.81 10.79
C ASP B 252 53.23 7.51 12.10
N ARG B 253 53.98 6.43 12.09
CA ARG B 253 54.62 5.87 13.25
C ARG B 253 55.95 5.27 12.85
N PRO B 254 56.87 5.06 13.79
CA PRO B 254 58.01 4.19 13.52
C PRO B 254 57.54 2.76 13.34
N PRO B 255 58.25 1.96 12.56
CA PRO B 255 57.72 0.64 12.18
C PRO B 255 57.99 -0.43 13.20
N ARG B 256 57.04 -1.37 13.27
CA ARG B 256 57.17 -2.67 13.96
C ARG B 256 57.40 -2.54 15.47
N SER B 257 57.15 -1.35 16.04
CA SER B 257 57.39 -1.04 17.43
C SER B 257 56.52 0.16 17.75
N ARG B 258 56.62 0.65 18.99
CA ARG B 258 56.00 1.89 19.45
C ARG B 258 54.48 1.83 19.29
N PHE B 259 53.87 1.06 20.17
CA PHE B 259 52.50 0.57 20.07
C PHE B 259 51.40 1.65 20.08
N THR B 260 50.15 1.18 20.08
CA THR B 260 48.93 1.95 19.82
C THR B 260 48.93 2.53 18.40
N ARG B 261 48.85 1.62 17.43
CA ARG B 261 48.55 2.04 16.08
C ARG B 261 47.06 2.29 15.89
N ILE B 262 46.24 1.26 16.06
CA ILE B 262 44.79 1.42 15.95
C ILE B 262 44.16 1.74 17.29
N GLN B 263 44.91 1.66 18.38
CA GLN B 263 44.44 2.14 19.66
C GLN B 263 44.42 3.66 19.72
N ARG B 264 45.25 4.33 18.92
CA ARG B 264 45.27 5.78 18.88
C ARG B 264 44.05 6.38 18.22
N ALA B 265 43.26 5.60 17.50
CA ALA B 265 41.94 6.01 17.06
C ALA B 265 40.86 5.60 18.05
N THR B 266 41.22 5.30 19.29
CA THR B 266 40.31 5.37 20.42
C THR B 266 40.70 6.47 21.39
N CYS B 267 41.81 7.15 21.14
CA CYS B 267 42.04 8.43 21.78
C CYS B 267 41.38 9.55 21.01
N CYS B 268 40.76 9.27 19.87
CA CYS B 268 39.99 10.30 19.16
C CYS B 268 38.55 10.31 19.64
N VAL B 269 37.90 9.15 19.58
CA VAL B 269 36.51 8.98 19.99
C VAL B 269 36.31 9.36 21.45
N LEU B 270 37.32 9.13 22.29
CA LEU B 270 37.27 9.66 23.65
C LEU B 270 37.50 11.16 23.69
N LEU B 271 38.46 11.68 22.91
CA LEU B 271 38.73 13.10 22.96
C LEU B 271 37.62 13.93 22.34
N ILE B 272 36.99 13.42 21.29
CA ILE B 272 35.94 14.19 20.63
C ILE B 272 34.72 14.31 21.52
N CYS B 273 34.24 13.20 22.06
CA CYS B 273 33.00 13.28 22.82
C CYS B 273 33.19 13.80 24.23
N LEU B 274 34.42 13.90 24.73
CA LEU B 274 34.61 14.62 25.98
C LEU B 274 34.68 16.13 25.80
N PHE B 275 34.73 16.63 24.57
CA PHE B 275 34.41 18.03 24.37
C PHE B 275 32.94 18.21 24.05
N LEU B 276 32.28 17.18 23.52
CA LEU B 276 30.86 17.33 23.23
C LEU B 276 30.02 17.23 24.49
N GLY B 277 30.42 16.37 25.42
CA GLY B 277 29.68 16.29 26.68
C GLY B 277 29.95 17.49 27.57
N ALA B 278 31.23 17.79 27.82
CA ALA B 278 31.59 18.81 28.79
C ALA B 278 31.23 20.21 28.34
N ASN B 279 31.12 20.46 27.03
CA ASN B 279 30.61 21.76 26.61
C ASN B 279 29.11 21.87 26.76
N ALA B 280 28.39 20.75 26.73
CA ALA B 280 26.95 20.80 26.95
C ALA B 280 26.60 21.03 28.42
N VAL B 281 27.57 20.89 29.32
CA VAL B 281 27.30 21.09 30.74
C VAL B 281 27.50 22.56 31.11
N TRP B 282 28.39 23.26 30.41
CA TRP B 282 28.51 24.69 30.63
C TRP B 282 27.31 25.44 30.06
N TYR B 283 26.74 24.93 28.97
CA TYR B 283 25.41 25.36 28.57
C TYR B 283 24.39 24.63 29.41
N GLY B 284 23.12 25.03 29.31
CA GLY B 284 22.14 24.87 30.37
C GLY B 284 21.94 23.49 30.98
N ALA B 285 22.46 23.36 32.20
CA ALA B 285 22.42 22.13 32.99
C ALA B 285 22.15 22.43 34.47
N VAL B 286 21.09 23.21 34.77
CA VAL B 286 20.94 24.09 35.92
C VAL B 286 21.45 23.56 37.26
N GLY B 287 21.12 22.30 37.59
CA GLY B 287 21.60 21.65 38.78
C GLY B 287 21.26 22.37 40.07
N ASP B 288 22.30 22.59 40.87
CA ASP B 288 22.20 23.50 42.01
C ASP B 288 23.49 24.28 42.18
N SER B 289 24.17 24.59 41.07
CA SER B 289 25.63 24.65 40.99
C SER B 289 26.33 25.61 41.94
N ALA B 290 26.25 26.92 41.69
CA ALA B 290 27.00 27.89 42.49
C ALA B 290 26.64 29.34 42.21
N TYR B 291 26.57 30.15 43.28
CA TYR B 291 27.23 31.46 43.41
C TYR B 291 27.40 32.22 42.10
N SER B 292 26.28 32.48 41.42
CA SER B 292 26.24 33.15 40.11
C SER B 292 27.08 32.43 39.05
N THR B 293 26.93 31.11 38.96
CA THR B 293 27.53 30.37 37.85
C THR B 293 26.83 30.73 36.54
N GLY B 294 25.51 30.54 36.48
CA GLY B 294 24.77 30.92 35.29
C GLY B 294 23.36 30.37 35.32
N HIS B 295 22.51 30.97 34.49
CA HIS B 295 21.12 30.55 34.38
C HIS B 295 20.81 30.00 32.99
N VAL B 296 21.06 30.79 31.94
CA VAL B 296 20.71 30.40 30.58
C VAL B 296 21.93 30.50 29.69
N SER B 297 22.52 31.70 29.65
CA SER B 297 23.86 31.96 29.09
C SER B 297 23.95 31.67 27.60
N ARG B 298 23.01 32.22 26.82
CA ARG B 298 23.19 32.20 25.37
C ARG B 298 24.12 33.33 24.94
N LEU B 299 23.66 34.57 25.11
CA LEU B 299 24.47 35.80 25.07
C LEU B 299 25.18 35.99 23.73
N SER B 300 24.38 36.16 22.66
CA SER B 300 24.82 36.48 21.31
C SER B 300 25.86 35.51 20.76
N PRO B 301 25.46 34.31 20.32
CA PRO B 301 26.43 33.25 20.00
C PRO B 301 27.28 33.55 18.77
N LEU B 302 28.54 33.93 19.02
CA LEU B 302 29.59 34.20 18.03
C LEU B 302 29.27 35.34 17.07
N SER B 303 28.19 36.09 17.32
CA SER B 303 27.93 37.30 16.53
C SER B 303 28.83 38.43 17.01
N VAL B 304 29.09 38.48 18.31
CA VAL B 304 30.28 39.10 18.89
C VAL B 304 31.19 37.96 19.32
N ASP B 305 32.51 38.17 19.22
CA ASP B 305 33.46 37.06 19.27
C ASP B 305 34.06 36.86 20.66
N THR B 306 33.30 37.04 21.74
CA THR B 306 33.83 36.93 23.09
C THR B 306 33.60 35.57 23.73
N VAL B 307 32.34 35.17 23.90
CA VAL B 307 31.99 34.15 24.88
C VAL B 307 32.15 32.74 24.32
N ALA B 308 31.59 32.50 23.12
CA ALA B 308 31.54 31.15 22.58
C ALA B 308 32.91 30.63 22.19
N VAL B 309 33.87 31.53 21.99
CA VAL B 309 35.27 31.13 21.89
C VAL B 309 35.96 31.23 23.24
N GLY B 310 35.41 32.00 24.19
CA GLY B 310 36.02 32.12 25.50
C GLY B 310 35.79 30.93 26.40
N LEU B 311 34.81 30.11 26.07
CA LEU B 311 34.61 28.84 26.77
C LEU B 311 35.46 27.74 26.14
N VAL B 312 35.99 27.98 24.94
CA VAL B 312 36.73 26.95 24.22
C VAL B 312 38.06 26.68 24.90
N SER B 313 38.74 27.73 25.36
CA SER B 313 39.95 27.53 26.14
C SER B 313 39.66 27.28 27.61
N SER B 314 38.47 26.84 27.97
CA SER B 314 38.14 26.53 29.35
C SER B 314 37.77 25.07 29.58
N VAL B 315 37.04 24.45 28.64
CA VAL B 315 36.61 23.08 28.86
C VAL B 315 37.58 22.05 28.31
N VAL B 316 38.78 22.46 27.94
CA VAL B 316 39.83 21.51 27.58
C VAL B 316 40.60 21.08 28.81
N VAL B 317 40.63 21.94 29.83
CA VAL B 317 41.48 21.74 31.00
C VAL B 317 41.04 20.53 31.81
N TYR B 318 39.73 20.30 31.92
CA TYR B 318 39.29 19.14 32.70
C TYR B 318 39.45 17.77 32.02
N PRO B 319 39.18 17.57 30.72
CA PRO B 319 39.42 16.23 30.16
C PRO B 319 40.88 15.84 30.08
N VAL B 320 41.79 16.78 29.79
CA VAL B 320 43.21 16.41 29.74
C VAL B 320 43.80 16.17 31.11
N TYR B 321 43.07 16.47 32.18
CA TYR B 321 43.44 15.94 33.48
C TYR B 321 43.19 14.45 33.55
N LEU B 322 42.32 13.91 32.69
CA LEU B 322 42.01 12.50 32.65
C LEU B 322 42.36 11.82 31.33
N ALA B 323 42.33 12.55 30.20
CA ALA B 323 42.62 11.94 28.91
C ALA B 323 44.11 11.85 28.59
N ILE B 324 44.96 12.41 29.44
CA ILE B 324 46.40 12.15 29.36
C ILE B 324 46.74 10.88 30.12
N LEU B 325 45.86 10.41 31.01
CA LEU B 325 46.05 9.14 31.68
C LEU B 325 45.89 7.94 30.74
N PHE B 326 45.43 8.15 29.51
CA PHE B 326 45.30 7.04 28.55
C PHE B 326 46.43 7.00 27.53
N LEU B 327 47.44 7.86 27.67
CA LEU B 327 48.75 7.59 27.12
C LEU B 327 49.72 7.22 28.23
N PHE B 328 49.16 6.76 29.35
CA PHE B 328 49.91 6.11 30.41
C PHE B 328 49.77 4.59 30.36
N ARG B 329 48.75 4.09 29.67
CA ARG B 329 48.57 2.65 29.48
C ARG B 329 49.56 2.03 28.51
N MET B 330 50.38 2.83 27.84
CA MET B 330 51.30 2.35 26.80
C MET B 330 52.57 1.71 27.35
N SER B 331 52.60 1.41 28.64
CA SER B 331 53.70 0.71 29.33
C SER B 331 55.05 1.41 29.18
N SER B 540 43.56 -5.11 26.10
CA SER B 540 43.33 -5.21 27.54
C SER B 540 42.09 -4.42 27.94
N LEU B 541 41.62 -4.63 29.17
CA LEU B 541 40.48 -3.87 29.67
C LEU B 541 40.84 -2.44 30.02
N ALA B 542 42.13 -2.09 30.04
CA ALA B 542 42.53 -0.68 30.14
C ALA B 542 42.02 0.10 28.94
N HIS B 543 42.05 -0.53 27.76
CA HIS B 543 41.47 0.05 26.56
C HIS B 543 39.95 0.12 26.66
N GLY B 544 39.34 -0.78 27.45
CA GLY B 544 37.89 -0.89 27.47
C GLY B 544 37.21 0.21 28.25
N LEU B 545 37.92 0.84 29.20
CA LEU B 545 37.34 1.95 29.93
C LEU B 545 37.30 3.21 29.09
N SER B 546 38.13 3.29 28.05
CA SER B 546 38.05 4.39 27.09
C SER B 546 36.75 4.32 26.30
N LEU B 547 36.39 3.12 25.83
CA LEU B 547 35.12 2.95 25.16
C LEU B 547 33.95 3.04 26.13
N LEU B 548 34.18 2.75 27.41
CA LEU B 548 33.16 2.95 28.42
C LEU B 548 32.92 4.44 28.68
N LEU B 549 33.98 5.24 28.62
CA LEU B 549 33.86 6.65 28.99
C LEU B 549 33.12 7.44 27.91
N VAL B 550 33.32 7.09 26.64
CA VAL B 550 32.52 7.70 25.59
C VAL B 550 31.09 7.14 25.63
N ALA B 551 30.91 5.93 26.15
CA ALA B 551 29.58 5.32 26.21
C ALA B 551 28.68 6.05 27.21
N VAL B 552 29.26 6.60 28.27
CA VAL B 552 28.46 7.41 29.19
C VAL B 552 28.45 8.88 28.76
N ALA B 553 29.46 9.34 28.02
CA ALA B 553 29.51 10.74 27.61
C ALA B 553 28.60 11.05 26.43
N VAL B 554 27.92 10.06 25.87
CA VAL B 554 26.94 10.32 24.82
C VAL B 554 25.54 10.30 25.42
N ALA B 555 25.40 9.60 26.55
CA ALA B 555 24.11 9.53 27.21
C ALA B 555 23.89 10.75 28.09
N VAL B 556 24.94 11.20 28.78
CA VAL B 556 24.85 12.41 29.58
C VAL B 556 24.67 13.64 28.71
N SER B 557 25.39 13.69 27.58
CA SER B 557 25.29 14.82 26.68
C SER B 557 23.94 14.89 25.98
N GLY B 558 23.41 13.73 25.57
CA GLY B 558 22.11 13.71 24.93
C GLY B 558 20.94 13.89 25.87
N TRP B 559 21.18 13.77 27.17
CA TRP B 559 20.12 13.98 28.15
C TRP B 559 19.96 15.45 28.50
N VAL B 560 21.08 16.16 28.65
CA VAL B 560 21.04 17.55 29.06
C VAL B 560 20.55 18.43 27.92
N GLY B 561 21.00 18.14 26.70
CA GLY B 561 20.67 18.97 25.55
C GLY B 561 19.33 18.71 24.92
N ALA B 562 18.39 18.15 25.68
CA ALA B 562 17.03 18.03 25.17
C ALA B 562 16.34 19.39 25.11
N SER B 563 16.61 20.24 26.09
CA SER B 563 16.02 21.57 26.11
C SER B 563 17.16 22.58 26.00
N PHE B 564 17.60 22.83 24.78
CA PHE B 564 18.33 24.05 24.50
C PHE B 564 17.43 24.98 23.71
N PRO B 565 17.47 26.28 23.99
CA PRO B 565 16.95 27.24 23.02
C PRO B 565 17.80 27.19 21.77
N PRO B 566 17.20 27.47 20.60
CA PRO B 566 17.90 27.23 19.33
C PRO B 566 19.09 28.14 19.06
N GLY B 567 19.34 29.14 19.91
CA GLY B 567 20.64 29.79 19.90
C GLY B 567 21.68 29.10 20.77
N VAL B 568 21.24 28.31 21.75
CA VAL B 568 22.17 27.58 22.59
C VAL B 568 22.62 26.28 21.97
N SER B 569 22.11 25.93 20.78
CA SER B 569 22.64 24.79 20.05
C SER B 569 23.69 25.22 19.06
N VAL B 570 23.49 26.36 18.39
CA VAL B 570 24.49 26.86 17.46
C VAL B 570 25.71 27.38 18.22
N ALA B 571 25.55 27.75 19.48
CA ALA B 571 26.73 28.07 20.29
C ALA B 571 27.45 26.81 20.71
N TRP B 572 26.72 25.71 20.90
CA TRP B 572 27.32 24.46 21.33
C TRP B 572 28.18 23.85 20.23
N LEU B 573 27.87 24.15 18.97
CA LEU B 573 28.76 23.75 17.89
C LEU B 573 30.01 24.61 17.86
N LEU B 574 29.84 25.92 18.02
CA LEU B 574 30.97 26.83 18.00
C LEU B 574 31.88 26.64 19.20
N SER B 575 31.31 26.40 20.37
CA SER B 575 32.13 26.22 21.57
C SER B 575 32.71 24.83 21.70
N SER B 576 32.41 23.91 20.78
CA SER B 576 33.05 22.61 20.76
C SER B 576 34.00 22.45 19.58
N SER B 577 33.72 23.09 18.45
CA SER B 577 34.66 23.05 17.35
C SER B 577 35.86 23.93 17.63
N ALA B 578 35.68 25.03 18.34
CA ALA B 578 36.80 25.85 18.75
C ALA B 578 37.51 25.29 19.97
N SER B 579 36.87 24.40 20.71
CA SER B 579 37.52 23.68 21.80
C SER B 579 38.31 22.48 21.31
N PHE B 580 37.82 21.82 20.26
CA PHE B 580 38.62 20.88 19.48
C PHE B 580 39.93 21.52 19.04
N LEU B 581 39.83 22.71 18.45
CA LEU B 581 40.95 23.44 17.87
C LEU B 581 41.98 23.84 18.91
N ALA B 582 41.61 23.90 20.19
CA ALA B 582 42.59 24.13 21.24
C ALA B 582 43.53 22.93 21.37
N SER B 583 42.98 21.73 21.46
CA SER B 583 43.80 20.54 21.65
C SER B 583 44.43 20.03 20.36
N PHE B 584 44.13 20.64 19.23
CA PHE B 584 44.83 20.30 18.00
C PHE B 584 45.99 21.24 17.76
N LEU B 585 45.77 22.53 17.99
CA LEU B 585 46.72 23.55 17.60
C LEU B 585 47.55 24.04 18.77
N GLY B 586 47.00 24.02 20.00
CA GLY B 586 47.78 24.43 21.13
C GLY B 586 48.26 23.34 22.07
N TRP B 587 47.37 22.43 22.49
CA TRP B 587 47.71 21.55 23.60
C TRP B 587 48.57 20.38 23.15
N GLU B 588 48.23 19.78 22.01
CA GLU B 588 49.06 18.73 21.44
C GLU B 588 50.37 19.37 20.98
N PRO B 589 50.34 20.62 20.51
CA PRO B 589 51.61 21.30 20.21
C PRO B 589 52.38 21.71 21.44
N LEU B 590 51.78 21.67 22.63
CA LEU B 590 52.52 21.85 23.87
C LEU B 590 52.78 20.54 24.59
N LYS B 591 52.01 19.49 24.27
CA LYS B 591 52.29 18.17 24.82
C LYS B 591 53.58 17.60 24.25
N VAL B 592 53.94 18.01 23.03
CA VAL B 592 55.11 17.46 22.36
C VAL B 592 56.42 18.00 22.91
N LEU B 593 56.38 19.00 23.79
CA LEU B 593 57.62 19.47 24.40
C LEU B 593 58.01 18.63 25.61
N LEU B 594 57.08 18.45 26.55
CA LEU B 594 57.42 17.97 27.88
C LEU B 594 57.89 16.51 27.87
N GLU B 595 57.32 15.68 27.00
CA GLU B 595 57.62 14.26 27.05
C GLU B 595 59.00 13.99 26.47
N ALA B 596 59.85 13.36 27.29
CA ALA B 596 61.24 13.01 26.97
C ALA B 596 62.03 14.23 26.51
N LEU B 597 62.18 15.18 27.43
CA LEU B 597 62.97 16.39 27.21
C LEU B 597 64.41 16.03 26.88
N TYR B 598 65.10 15.42 27.84
CA TYR B 598 66.44 14.91 27.66
C TYR B 598 66.75 13.87 28.73
N PHE B 599 67.35 12.76 28.34
CA PHE B 599 67.79 11.73 29.29
C PHE B 599 69.30 11.78 29.46
N SER B 600 69.83 12.99 29.43
CA SER B 600 71.23 13.24 29.77
C SER B 600 71.36 13.69 31.23
N LEU B 601 70.79 12.87 32.12
CA LEU B 601 70.83 13.18 33.54
C LEU B 601 72.10 12.63 34.17
N ALA B 641 56.19 -7.69 -2.88
CA ALA B 641 57.06 -7.27 -1.78
C ALA B 641 57.40 -5.79 -1.88
N LYS B 642 57.69 -5.34 -3.10
CA LYS B 642 57.99 -3.93 -3.34
C LYS B 642 56.75 -3.11 -3.69
N GLU B 643 55.61 -3.77 -3.91
CA GLU B 643 54.37 -3.12 -4.30
C GLU B 643 53.50 -2.77 -3.10
N GLU B 644 53.77 -3.40 -1.95
CA GLU B 644 52.94 -3.24 -0.76
C GLU B 644 53.02 -1.83 -0.18
N ALA B 645 54.13 -1.13 -0.42
CA ALA B 645 54.23 0.27 0.01
C ALA B 645 53.44 1.22 -0.88
N ARG B 646 53.11 0.80 -2.10
CA ARG B 646 52.19 1.58 -2.94
C ARG B 646 50.75 1.39 -2.52
N LYS B 647 50.43 0.26 -1.87
CA LYS B 647 49.07 -0.01 -1.40
C LYS B 647 48.66 0.98 -0.33
N VAL B 648 49.59 1.38 0.53
CA VAL B 648 49.29 2.27 1.65
C VAL B 648 48.97 3.67 1.17
N LYS B 649 49.63 4.12 0.08
CA LYS B 649 49.33 5.44 -0.48
C LYS B 649 47.90 5.51 -1.00
N ARG B 650 47.33 4.38 -1.42
CA ARG B 650 45.90 4.34 -1.70
C ARG B 650 45.09 4.48 -0.43
N LEU B 651 45.59 3.95 0.68
CA LEU B 651 44.78 3.84 1.89
C LEU B 651 44.89 5.08 2.78
N HIS B 652 45.93 5.91 2.61
CA HIS B 652 45.87 7.26 3.14
C HIS B 652 44.80 8.06 2.42
N GLY B 653 44.87 8.12 1.09
CA GLY B 653 43.95 8.89 0.29
C GLY B 653 42.51 8.42 0.35
N MET B 654 42.29 7.19 0.77
CA MET B 654 40.93 6.76 1.06
C MET B 654 40.48 7.25 2.43
N LEU B 655 41.38 7.29 3.40
CA LEU B 655 41.07 7.81 4.71
C LEU B 655 41.00 9.34 4.74
N ARG B 656 41.63 10.01 3.78
CA ARG B 656 41.50 11.46 3.72
C ARG B 656 40.15 11.88 3.17
N SER B 657 39.56 11.07 2.28
CA SER B 657 38.25 11.37 1.76
C SER B 657 37.14 10.96 2.70
N LEU B 658 37.46 10.25 3.79
CA LEU B 658 36.47 9.95 4.81
C LEU B 658 36.36 11.08 5.82
N LEU B 659 37.44 11.80 6.06
CA LEU B 659 37.38 12.99 6.90
C LEU B 659 36.62 14.12 6.22
N VAL B 660 36.67 14.17 4.89
CA VAL B 660 35.89 15.16 4.15
C VAL B 660 34.43 14.75 4.11
N TYR B 661 34.15 13.47 3.91
CA TYR B 661 32.78 13.00 3.72
C TYR B 661 31.98 13.12 5.00
N MET B 662 32.45 12.51 6.09
CA MET B 662 31.74 12.51 7.37
C MET B 662 31.73 13.85 8.07
N LEU B 663 32.20 14.93 7.45
CA LEU B 663 31.96 16.29 7.86
C LEU B 663 31.08 17.03 6.87
N PHE B 664 31.16 16.70 5.59
CA PHE B 664 30.25 17.27 4.61
C PHE B 664 28.88 16.61 4.66
N LEU B 665 28.83 15.35 5.08
CA LEU B 665 27.55 14.75 5.41
C LEU B 665 26.95 15.44 6.63
N LEU B 666 27.78 15.75 7.62
CA LEU B 666 27.30 16.33 8.87
C LEU B 666 26.84 17.77 8.71
N VAL B 667 27.22 18.46 7.64
CA VAL B 667 26.67 19.78 7.40
C VAL B 667 25.30 19.68 6.74
N THR B 668 25.18 18.85 5.70
CA THR B 668 23.91 18.67 5.00
C THR B 668 22.87 18.02 5.89
N LEU B 669 23.29 17.09 6.75
CA LEU B 669 22.36 16.43 7.65
C LEU B 669 21.88 17.38 8.75
N LEU B 670 22.61 18.47 8.97
CA LEU B 670 22.30 19.45 9.99
C LEU B 670 21.56 20.65 9.40
N ALA B 671 21.61 20.81 8.09
CA ALA B 671 20.90 21.91 7.43
C ALA B 671 19.42 21.57 7.25
N SER B 672 19.13 20.52 6.50
CA SER B 672 17.74 20.19 6.18
C SER B 672 17.06 19.52 7.36
N TYR B 673 17.63 18.43 7.82
CA TYR B 673 17.09 17.59 8.89
C TYR B 673 17.42 18.14 10.27
N GLY B 674 17.96 19.35 10.35
CA GLY B 674 18.36 19.91 11.62
C GLY B 674 17.27 20.66 12.34
N ASP B 675 16.72 21.68 11.70
CA ASP B 675 15.61 22.40 12.32
C ASP B 675 14.28 21.70 12.07
N ALA B 676 14.05 21.25 10.85
CA ALA B 676 12.77 20.65 10.45
C ALA B 676 12.69 19.19 10.89
N SER B 677 12.77 18.98 12.20
CA SER B 677 12.42 17.72 12.82
C SER B 677 11.48 17.90 13.99
N CYS B 678 11.56 19.02 14.68
CA CYS B 678 10.62 19.38 15.73
C CYS B 678 9.67 20.47 15.28
N HIS B 679 10.18 21.57 14.74
CA HIS B 679 9.31 22.64 14.28
C HIS B 679 8.64 22.28 12.98
N GLY B 680 9.42 22.02 11.94
CA GLY B 680 8.90 21.98 10.59
C GLY B 680 7.95 20.85 10.28
N HIS B 681 8.43 19.62 10.25
CA HIS B 681 7.62 18.54 9.73
C HIS B 681 6.87 17.78 10.79
N ALA B 682 7.05 18.10 12.06
CA ALA B 682 6.10 17.59 13.02
C ALA B 682 4.79 18.34 12.96
N TYR B 683 4.76 19.50 12.30
CA TYR B 683 3.55 20.29 12.21
C TYR B 683 3.25 20.58 10.73
N ARG B 684 2.66 19.56 10.10
CA ARG B 684 1.70 19.66 9.03
C ARG B 684 0.29 19.75 9.58
N LEU B 685 0.16 19.63 10.89
CA LEU B 685 -1.11 19.82 11.55
C LEU B 685 -1.57 21.26 11.40
N GLN B 686 -0.61 22.20 11.35
CA GLN B 686 -0.87 23.56 10.94
C GLN B 686 -1.52 23.63 9.58
N SER B 687 -1.06 22.80 8.64
CA SER B 687 -1.72 22.73 7.35
C SER B 687 -3.07 22.04 7.46
N ALA B 688 -3.21 21.13 8.41
CA ALA B 688 -4.38 20.27 8.48
C ALA B 688 -5.61 20.98 9.03
N ILE B 689 -5.45 22.05 9.80
CA ILE B 689 -6.62 22.75 10.31
C ILE B 689 -7.27 23.59 9.21
N LYS B 690 -6.49 24.38 8.48
CA LYS B 690 -7.07 25.30 7.50
C LYS B 690 -7.69 24.58 6.32
N GLN B 691 -7.32 23.33 6.09
CA GLN B 691 -8.06 22.51 5.15
C GLN B 691 -9.41 22.11 5.72
N GLU B 692 -9.46 21.75 7.02
CA GLU B 692 -10.75 21.42 7.61
C GLU B 692 -11.44 22.64 8.21
N LEU B 693 -10.74 23.74 8.38
CA LEU B 693 -11.38 25.04 8.39
C LEU B 693 -11.65 25.46 6.96
N HIS B 694 -12.26 26.64 6.80
CA HIS B 694 -12.93 27.07 5.57
C HIS B 694 -14.01 26.09 5.11
N SER B 695 -14.53 25.29 6.05
CA SER B 695 -15.57 24.27 5.86
C SER B 695 -15.24 23.35 4.68
N ARG B 696 -14.17 22.57 4.85
CA ARG B 696 -13.67 21.55 3.91
C ARG B 696 -13.24 22.18 2.59
N ALA B 697 -12.38 23.22 2.73
CA ALA B 697 -11.70 23.91 1.63
C ALA B 697 -12.68 24.44 0.59
N PHE B 698 -13.66 25.23 1.07
CA PHE B 698 -14.86 25.72 0.40
C PHE B 698 -15.63 24.69 -0.41
N LEU B 699 -15.50 23.40 -0.08
CA LEU B 699 -16.23 22.28 -0.68
C LEU B 699 -16.03 22.16 -2.21
N ALA B 700 -14.99 22.79 -2.76
CA ALA B 700 -14.68 22.84 -4.20
C ALA B 700 -15.85 23.44 -5.01
N ILE B 701 -16.02 24.75 -4.85
CA ILE B 701 -17.16 25.47 -5.43
C ILE B 701 -17.16 25.36 -6.96
N THR B 702 -16.14 25.91 -7.60
CA THR B 702 -16.01 26.02 -9.07
C THR B 702 -17.26 26.61 -9.72
N ARG B 703 -17.72 27.75 -9.22
CA ARG B 703 -18.83 28.48 -9.82
C ARG B 703 -18.61 29.97 -9.67
N SER B 704 -18.95 30.73 -10.71
CA SER B 704 -18.76 32.18 -10.76
C SER B 704 -19.48 32.93 -9.65
N GLU B 705 -20.82 32.89 -9.64
CA GLU B 705 -21.60 33.71 -8.73
C GLU B 705 -22.03 32.96 -7.48
N GLU B 706 -21.35 31.87 -7.17
CA GLU B 706 -21.39 31.26 -5.83
C GLU B 706 -20.30 31.98 -5.02
N LEU B 707 -19.94 31.46 -3.83
CA LEU B 707 -18.85 31.92 -2.97
C LEU B 707 -19.13 33.26 -2.29
N TRP B 708 -20.20 33.94 -2.68
CA TRP B 708 -20.73 35.04 -1.89
C TRP B 708 -21.51 34.57 -0.66
N PRO B 709 -22.18 33.40 -0.67
CA PRO B 709 -22.48 32.78 0.64
C PRO B 709 -21.23 32.35 1.38
N TRP B 710 -20.27 31.73 0.69
CA TRP B 710 -19.06 31.25 1.36
C TRP B 710 -18.16 32.40 1.82
N MET B 711 -18.27 33.58 1.21
CA MET B 711 -17.55 34.73 1.74
C MET B 711 -18.10 35.13 3.10
N ALA B 712 -19.35 34.79 3.38
CA ALA B 712 -19.86 34.91 4.75
C ALA B 712 -19.62 33.64 5.54
N HIS B 713 -18.62 32.85 5.14
CA HIS B 713 -18.12 31.74 5.95
C HIS B 713 -16.59 31.68 5.93
N VAL B 714 -15.93 32.70 5.37
CA VAL B 714 -14.52 32.96 5.61
C VAL B 714 -14.33 34.27 6.37
N LEU B 715 -15.17 35.28 6.09
CA LEU B 715 -15.04 36.55 6.79
C LEU B 715 -15.56 36.44 8.21
N LEU B 716 -16.67 35.73 8.39
CA LEU B 716 -17.23 35.55 9.73
C LEU B 716 -16.32 34.78 10.70
N PRO B 717 -15.60 33.71 10.32
CA PRO B 717 -14.63 33.15 11.27
C PRO B 717 -13.37 33.97 11.45
N TYR B 718 -12.90 34.64 10.40
CA TYR B 718 -11.53 35.13 10.35
C TYR B 718 -11.46 36.65 10.34
N VAL B 719 -12.39 37.30 11.03
CA VAL B 719 -12.21 38.72 11.38
C VAL B 719 -12.37 38.97 12.87
N HIS B 720 -13.02 38.08 13.61
CA HIS B 720 -13.07 38.19 15.07
C HIS B 720 -12.26 37.07 15.71
N GLY B 721 -12.54 35.81 15.36
CA GLY B 721 -11.69 34.67 15.66
C GLY B 721 -11.43 34.41 17.13
N ASN B 722 -12.49 34.35 17.92
CA ASN B 722 -12.37 34.31 19.36
C ASN B 722 -11.84 32.97 19.89
N GLN B 723 -11.63 31.97 19.05
CA GLN B 723 -11.07 30.71 19.52
C GLN B 723 -9.55 30.78 19.61
N SER B 724 -8.87 30.92 18.47
CA SER B 724 -7.42 30.84 18.37
C SER B 724 -6.98 31.31 16.99
N SER B 725 -5.70 31.07 16.68
CA SER B 725 -5.03 31.24 15.39
C SER B 725 -5.12 32.69 14.89
N PRO B 726 -4.32 33.60 15.46
CA PRO B 726 -4.55 35.03 15.28
C PRO B 726 -4.24 35.53 13.87
N GLU B 727 -4.33 36.86 13.74
CA GLU B 727 -4.61 37.47 12.43
C GLU B 727 -3.36 37.73 11.61
N LEU B 728 -2.42 38.54 12.14
CA LEU B 728 -1.20 39.00 11.45
C LEU B 728 -1.55 39.76 10.16
N GLY B 729 -2.11 40.95 10.32
CA GLY B 729 -2.42 41.81 9.20
C GLY B 729 -3.75 41.50 8.55
N PRO B 730 -4.36 42.48 7.89
CA PRO B 730 -5.64 42.25 7.25
C PRO B 730 -5.48 41.47 5.96
N PRO B 731 -6.50 40.75 5.52
CA PRO B 731 -6.49 40.17 4.18
C PRO B 731 -7.04 41.13 3.13
N ARG B 732 -7.14 40.63 1.91
CA ARG B 732 -7.68 41.39 0.80
C ARG B 732 -8.25 40.43 -0.23
N LEU B 733 -8.45 40.94 -1.44
CA LEU B 733 -8.63 40.14 -2.64
C LEU B 733 -8.17 40.94 -3.85
N ARG B 734 -7.42 40.30 -4.76
CA ARG B 734 -6.94 41.01 -5.95
C ARG B 734 -7.81 40.62 -7.13
N GLN B 735 -7.74 41.42 -8.18
CA GLN B 735 -8.56 41.20 -9.36
C GLN B 735 -7.73 41.45 -10.60
N VAL B 736 -7.82 40.55 -11.58
CA VAL B 736 -7.06 40.74 -12.81
C VAL B 736 -8.01 41.04 -13.96
N VAL B 767 -7.89 45.02 -18.17
CA VAL B 767 -8.11 45.95 -17.06
C VAL B 767 -9.61 46.02 -16.72
N GLY B 768 -10.28 47.05 -17.22
CA GLY B 768 -11.72 47.13 -17.12
C GLY B 768 -12.29 47.37 -15.73
N TRP B 769 -12.09 48.56 -15.17
CA TRP B 769 -12.69 48.92 -13.89
C TRP B 769 -14.09 49.46 -14.14
N GLU B 770 -15.06 48.97 -13.37
CA GLU B 770 -16.44 49.36 -13.58
C GLU B 770 -16.82 50.45 -12.59
N SER B 771 -18.07 50.94 -12.73
CA SER B 771 -18.68 52.05 -11.98
C SER B 771 -17.75 53.25 -12.01
N PRO B 772 -17.47 53.83 -13.23
CA PRO B 772 -16.18 54.51 -13.47
C PRO B 772 -15.83 55.67 -12.55
N HIS B 773 -16.56 56.80 -12.64
CA HIS B 773 -16.33 58.02 -11.85
C HIS B 773 -14.84 58.39 -11.76
N ASN B 774 -14.19 58.44 -12.91
CA ASN B 774 -12.74 58.34 -12.99
C ASN B 774 -12.00 59.66 -12.80
N GLY B 775 -12.57 60.61 -12.06
CA GLY B 775 -11.90 61.86 -11.77
C GLY B 775 -10.61 61.71 -10.98
N SER B 776 -10.70 61.08 -9.80
CA SER B 776 -9.54 60.84 -8.95
C SER B 776 -9.46 59.43 -8.38
N GLY B 777 -10.52 58.65 -8.43
CA GLY B 777 -10.46 57.27 -7.98
C GLY B 777 -10.25 56.32 -9.14
N THR B 778 -11.02 55.23 -9.18
CA THR B 778 -11.16 54.30 -10.32
C THR B 778 -9.85 53.64 -10.73
N TRP B 779 -8.85 53.65 -9.85
CA TRP B 779 -7.46 53.39 -10.18
C TRP B 779 -6.86 52.42 -9.17
N ALA B 780 -7.46 51.24 -9.03
CA ALA B 780 -6.83 50.17 -8.27
C ALA B 780 -5.45 49.86 -8.83
N TYR B 781 -4.41 50.22 -8.08
CA TYR B 781 -3.05 50.25 -8.61
C TYR B 781 -2.42 48.86 -8.63
N SER B 782 -2.14 48.33 -7.43
CA SER B 782 -1.28 47.17 -7.20
C SER B 782 0.00 47.26 -8.01
N ALA B 783 0.85 48.22 -7.60
CA ALA B 783 2.21 48.37 -8.13
C ALA B 783 2.97 47.05 -8.00
N PRO B 784 3.31 46.40 -9.11
CA PRO B 784 3.68 44.99 -9.08
C PRO B 784 5.11 44.69 -8.67
N ASP B 785 5.85 45.64 -8.12
CA ASP B 785 7.28 45.49 -7.85
C ASP B 785 7.55 44.43 -6.80
N LEU B 786 8.08 43.29 -7.24
CA LEU B 786 8.26 42.12 -6.41
C LEU B 786 9.31 41.24 -7.08
N LEU B 787 9.90 40.34 -6.29
CA LEU B 787 11.10 39.58 -6.67
C LEU B 787 10.81 38.40 -7.60
N GLY B 788 9.65 38.33 -8.23
CA GLY B 788 9.37 37.26 -9.17
C GLY B 788 7.90 37.25 -9.54
N ALA B 789 7.56 36.31 -10.42
CA ALA B 789 6.17 36.09 -10.80
C ALA B 789 5.59 34.92 -9.99
N TRP B 790 4.36 35.09 -9.53
CA TRP B 790 3.69 34.07 -8.74
C TRP B 790 3.31 32.87 -9.61
N SER B 791 3.12 31.73 -8.96
CA SER B 791 3.02 30.42 -9.60
C SER B 791 1.80 30.32 -10.51
N TRP B 792 1.87 29.36 -11.42
CA TRP B 792 0.95 29.27 -12.53
C TRP B 792 -0.29 28.47 -12.17
N GLY B 793 -1.34 28.68 -12.95
CA GLY B 793 -2.50 27.82 -12.90
C GLY B 793 -2.87 27.38 -14.30
N SER B 794 -4.14 27.05 -14.52
CA SER B 794 -4.54 26.58 -15.84
C SER B 794 -4.59 27.68 -16.87
N CYS B 795 -4.77 28.93 -16.46
CA CYS B 795 -4.91 30.04 -17.40
C CYS B 795 -3.59 30.69 -17.76
N ALA B 796 -2.83 31.17 -16.78
CA ALA B 796 -1.66 32.00 -17.05
C ALA B 796 -0.69 31.90 -15.88
N VAL B 797 0.27 32.83 -15.84
CA VAL B 797 1.25 32.92 -14.77
C VAL B 797 1.08 34.32 -14.17
N TYR B 798 0.40 34.40 -13.03
CA TYR B 798 -0.05 35.69 -12.54
C TYR B 798 1.03 36.40 -11.75
N ASP B 799 1.00 37.72 -11.82
CA ASP B 799 1.93 38.59 -11.15
C ASP B 799 1.46 38.89 -9.74
N SER B 800 2.11 39.85 -9.09
CA SER B 800 1.54 40.43 -7.88
C SER B 800 0.43 41.40 -8.24
N GLY B 801 0.63 42.19 -9.29
CA GLY B 801 -0.13 43.40 -9.52
C GLY B 801 -1.47 43.30 -10.19
N GLY B 802 -2.51 42.91 -9.47
CA GLY B 802 -3.86 42.92 -9.98
C GLY B 802 -4.49 44.29 -9.90
N TYR B 803 -5.81 44.29 -9.74
CA TYR B 803 -6.53 45.49 -9.36
C TYR B 803 -6.93 45.39 -7.89
N VAL B 804 -5.96 45.63 -7.02
CA VAL B 804 -6.20 45.50 -5.59
C VAL B 804 -6.97 46.72 -5.11
N GLN B 805 -8.27 46.55 -5.03
CA GLN B 805 -9.10 47.25 -4.07
C GLN B 805 -9.38 46.25 -2.96
N GLU B 806 -10.37 46.57 -2.13
CA GLU B 806 -10.95 45.66 -1.14
C GLU B 806 -9.90 45.16 -0.15
N LEU B 807 -9.37 46.11 0.61
CA LEU B 807 -8.66 45.77 1.84
C LEU B 807 -9.71 45.62 2.93
N GLY B 808 -10.25 44.42 3.06
CA GLY B 808 -11.35 44.16 3.97
C GLY B 808 -10.94 44.21 5.43
N LEU B 809 -11.49 45.16 6.18
CA LEU B 809 -11.05 45.40 7.55
C LEU B 809 -12.20 46.01 8.35
N SER B 810 -11.87 46.49 9.56
CA SER B 810 -12.73 47.21 10.50
C SER B 810 -13.94 46.41 10.98
N LEU B 811 -13.92 45.09 10.81
CA LEU B 811 -14.70 44.07 11.53
C LEU B 811 -16.20 44.07 11.24
N GLU B 812 -16.71 45.15 10.67
CA GLU B 812 -18.13 45.25 10.35
C GLU B 812 -18.40 45.85 8.99
N GLU B 813 -17.55 46.74 8.48
CA GLU B 813 -17.67 47.13 7.09
C GLU B 813 -17.20 46.00 6.18
N SER B 814 -16.21 45.24 6.63
CA SER B 814 -15.90 43.98 5.95
C SER B 814 -17.03 42.97 6.10
N ARG B 815 -17.83 43.08 7.15
CA ARG B 815 -19.08 42.34 7.24
C ARG B 815 -20.19 42.97 6.41
N ASP B 816 -19.96 44.14 5.83
CA ASP B 816 -20.93 44.79 4.96
C ASP B 816 -20.39 45.15 3.59
N ARG B 817 -19.10 44.96 3.31
CA ARG B 817 -18.63 45.06 1.93
C ARG B 817 -18.72 43.75 1.19
N LEU B 818 -19.26 42.70 1.81
CA LEU B 818 -19.82 41.63 1.02
C LEU B 818 -21.04 42.08 0.23
N ARG B 819 -21.80 43.04 0.76
CA ARG B 819 -22.95 43.58 0.06
C ARG B 819 -22.59 44.77 -0.80
N PHE B 820 -21.59 45.55 -0.41
CA PHE B 820 -21.20 46.69 -1.22
C PHE B 820 -20.48 46.27 -2.49
N LEU B 821 -19.91 45.07 -2.52
CA LEU B 821 -19.43 44.51 -3.77
C LEU B 821 -20.53 43.76 -4.53
N GLN B 822 -21.78 43.90 -4.12
CA GLN B 822 -22.91 43.42 -4.89
C GLN B 822 -23.69 44.56 -5.53
N LEU B 823 -23.81 45.70 -4.85
CA LEU B 823 -24.38 46.91 -5.43
C LEU B 823 -23.53 47.41 -6.59
N HIS B 824 -22.30 47.83 -6.30
CA HIS B 824 -21.36 48.15 -7.36
C HIS B 824 -20.74 46.86 -7.89
N ASN B 825 -20.93 46.60 -9.17
CA ASN B 825 -20.41 45.38 -9.77
C ASN B 825 -18.94 45.60 -10.11
N TRP B 826 -18.08 44.74 -9.58
CA TRP B 826 -16.65 44.79 -9.85
C TRP B 826 -16.16 43.47 -10.47
N LEU B 827 -16.89 42.95 -11.45
CA LEU B 827 -16.58 41.63 -11.99
C LEU B 827 -16.80 41.63 -13.50
N ASP B 828 -16.38 40.51 -14.12
CA ASP B 828 -16.66 40.15 -15.52
C ASP B 828 -16.05 41.15 -16.51
N ASN B 829 -14.73 41.25 -16.49
CA ASN B 829 -13.99 41.95 -17.54
C ASN B 829 -12.54 41.45 -17.51
N ARG B 830 -11.71 42.01 -18.40
CA ARG B 830 -10.26 41.79 -18.54
C ARG B 830 -9.87 40.37 -18.91
N SER B 831 -10.85 39.54 -19.32
CA SER B 831 -10.75 38.21 -19.92
C SER B 831 -10.33 37.10 -18.97
N ARG B 832 -9.84 37.46 -17.77
CA ARG B 832 -9.58 36.54 -16.66
C ARG B 832 -9.87 37.31 -15.38
N ALA B 833 -9.78 36.64 -14.23
CA ALA B 833 -9.98 37.31 -12.96
C ALA B 833 -9.29 36.54 -11.85
N VAL B 834 -9.46 37.02 -10.62
CA VAL B 834 -8.58 36.67 -9.51
C VAL B 834 -9.31 36.62 -8.17
N PHE B 835 -8.55 36.41 -7.09
CA PHE B 835 -9.07 35.99 -5.80
C PHE B 835 -8.22 36.59 -4.68
N LEU B 836 -8.24 35.96 -3.50
CA LEU B 836 -7.77 36.53 -2.25
C LEU B 836 -6.45 35.92 -1.79
N GLU B 837 -5.94 36.49 -0.70
CA GLU B 837 -4.70 36.07 -0.05
C GLU B 837 -4.75 36.42 1.43
N LEU B 838 -4.33 35.48 2.26
CA LEU B 838 -4.39 35.60 3.71
C LEU B 838 -3.11 35.02 4.30
N THR B 839 -2.66 35.60 5.41
CA THR B 839 -1.52 35.06 6.13
C THR B 839 -1.82 35.12 7.62
N ARG B 840 -1.26 34.16 8.35
CA ARG B 840 -1.47 34.07 9.79
C ARG B 840 -0.41 33.18 10.39
N TYR B 841 -0.36 33.17 11.72
CA TYR B 841 0.56 32.28 12.41
C TYR B 841 0.06 31.95 13.79
N SER B 842 0.51 30.81 14.31
CA SER B 842 0.23 30.40 15.67
C SER B 842 1.53 30.51 16.43
N PRO B 843 1.51 30.99 17.67
CA PRO B 843 2.76 31.17 18.41
C PRO B 843 3.26 29.92 19.11
N ALA B 844 2.40 28.90 19.28
CA ALA B 844 2.76 27.70 20.02
C ALA B 844 3.90 26.96 19.33
N VAL B 845 3.67 26.47 18.13
CA VAL B 845 4.77 26.11 17.25
C VAL B 845 5.33 27.42 16.72
N GLY B 846 6.59 27.43 16.36
CA GLY B 846 7.14 28.70 15.93
C GLY B 846 7.09 28.91 14.43
N LEU B 847 5.90 28.88 13.82
CA LEU B 847 5.87 28.96 12.38
C LEU B 847 4.63 29.70 11.91
N HIS B 848 4.61 30.02 10.63
CA HIS B 848 3.66 30.91 9.98
C HIS B 848 2.87 30.13 8.93
N ALA B 849 2.08 30.87 8.17
CA ALA B 849 1.25 30.27 7.15
C ALA B 849 0.91 31.33 6.12
N ALA B 850 1.02 30.97 4.84
CA ALA B 850 0.63 31.84 3.75
C ALA B 850 -0.45 31.13 2.94
N VAL B 851 -1.63 31.73 2.89
CA VAL B 851 -2.81 31.10 2.31
C VAL B 851 -3.23 31.91 1.09
N THR B 852 -3.25 31.27 -0.07
CA THR B 852 -3.82 31.87 -1.27
C THR B 852 -4.92 30.96 -1.79
N LEU B 853 -6.15 31.43 -1.74
CA LEU B 853 -7.26 30.81 -2.44
C LEU B 853 -7.32 31.44 -3.81
N ARG B 854 -7.58 30.65 -4.85
CA ARG B 854 -7.53 31.16 -6.20
C ARG B 854 -8.79 30.75 -6.97
N LEU B 855 -9.48 31.74 -7.52
CA LEU B 855 -10.56 31.55 -8.49
C LEU B 855 -10.04 31.96 -9.85
N GLU B 856 -9.74 30.98 -10.69
CA GLU B 856 -9.66 31.24 -12.11
C GLU B 856 -11.07 31.38 -12.67
N PHE B 857 -11.30 32.42 -13.46
CA PHE B 857 -12.54 32.54 -14.21
C PHE B 857 -12.24 32.29 -15.67
N PRO B 858 -12.33 31.05 -16.16
CA PRO B 858 -12.24 30.83 -17.59
C PRO B 858 -13.52 31.29 -18.26
N ALA B 859 -13.40 31.58 -19.56
CA ALA B 859 -14.57 32.00 -20.31
C ALA B 859 -15.53 30.83 -20.51
N ALA B 860 -15.01 29.60 -20.58
CA ALA B 860 -15.86 28.44 -20.82
C ALA B 860 -16.51 27.97 -19.53
N GLY B 861 -15.71 27.57 -18.56
CA GLY B 861 -16.26 27.04 -17.32
C GLY B 861 -16.85 28.13 -16.45
N ARG B 862 -17.51 27.68 -15.37
CA ARG B 862 -18.03 28.63 -14.39
C ARG B 862 -16.90 29.23 -13.59
N ALA B 863 -16.06 28.38 -12.99
CA ALA B 863 -14.86 28.80 -12.28
C ALA B 863 -13.94 27.61 -12.16
N LEU B 864 -12.65 27.89 -12.07
CA LEU B 864 -11.67 26.91 -11.65
C LEU B 864 -11.10 27.38 -10.32
N ALA B 865 -11.27 26.56 -9.29
CA ALA B 865 -10.94 26.98 -7.93
C ALA B 865 -9.96 25.99 -7.32
N ALA B 866 -8.77 26.46 -6.99
CA ALA B 866 -7.77 25.67 -6.29
C ALA B 866 -7.08 26.55 -5.25
N LEU B 867 -6.61 25.92 -4.17
CA LEU B 867 -6.09 26.65 -3.03
C LEU B 867 -4.68 26.18 -2.70
N SER B 868 -4.02 26.96 -1.85
CA SER B 868 -2.65 26.65 -1.44
C SER B 868 -2.42 27.20 -0.04
N VAL B 869 -1.95 26.34 0.87
CA VAL B 869 -1.58 26.74 2.21
C VAL B 869 -0.12 26.38 2.41
N ARG B 870 0.69 27.38 2.74
CA ARG B 870 2.14 27.23 2.79
C ARG B 870 2.65 27.51 4.19
N PRO B 871 3.04 26.53 4.95
CA PRO B 871 3.59 26.84 6.28
C PRO B 871 5.10 27.01 6.22
N PHE B 872 5.64 27.92 7.03
CA PHE B 872 7.06 28.21 6.98
C PHE B 872 7.45 28.84 8.30
N ALA B 873 8.75 28.82 8.59
CA ALA B 873 9.30 29.50 9.74
C ALA B 873 9.90 30.82 9.30
N LEU B 874 9.57 31.88 10.02
CA LEU B 874 10.05 33.22 9.67
C LEU B 874 11.24 33.53 10.55
N ARG B 875 12.42 33.16 10.06
CA ARG B 875 13.68 33.63 10.62
C ARG B 875 14.39 34.41 9.53
N ARG B 876 14.95 35.57 9.89
CA ARG B 876 15.53 36.42 8.87
C ARG B 876 17.04 36.62 9.04
N LEU B 877 17.52 37.17 10.15
CA LEU B 877 18.96 37.31 10.40
C LEU B 877 19.37 37.06 11.83
N SER B 878 18.48 37.26 12.82
CA SER B 878 18.81 37.40 14.24
C SER B 878 19.96 38.37 14.46
N ALA B 879 19.95 39.46 13.68
CA ALA B 879 20.96 40.52 13.67
C ALA B 879 22.38 40.00 13.46
N GLY B 880 22.56 38.88 12.76
CA GLY B 880 23.90 38.43 12.41
C GLY B 880 24.21 36.94 12.45
N LEU B 881 23.51 36.14 13.23
CA LEU B 881 23.85 34.73 13.33
C LEU B 881 22.60 33.92 13.66
N SER B 882 22.48 32.76 13.02
CA SER B 882 21.43 31.78 13.29
C SER B 882 22.01 30.41 12.99
N LEU B 883 21.16 29.39 12.97
CA LEU B 883 21.65 28.08 12.54
C LEU B 883 21.68 27.91 11.02
N PRO B 884 20.64 28.20 10.23
CA PRO B 884 20.80 28.03 8.78
C PRO B 884 21.62 29.12 8.11
N LEU B 885 22.02 30.15 8.84
CA LEU B 885 23.05 31.06 8.37
C LEU B 885 24.44 30.46 8.56
N LEU B 886 24.59 29.46 9.43
CA LEU B 886 25.88 28.82 9.65
C LEU B 886 26.16 27.73 8.63
N THR B 887 25.19 26.84 8.40
CA THR B 887 25.42 25.74 7.47
C THR B 887 25.51 26.22 6.03
N SER B 888 24.72 27.22 5.67
CA SER B 888 24.73 27.75 4.31
C SER B 888 25.93 28.64 4.02
N VAL B 889 26.83 28.84 4.98
CA VAL B 889 28.17 29.31 4.68
C VAL B 889 29.15 28.15 4.61
N CYS B 890 28.94 27.14 5.45
CA CYS B 890 29.77 25.93 5.39
C CYS B 890 29.53 25.15 4.11
N LEU B 891 28.28 25.06 3.63
CA LEU B 891 28.05 24.45 2.32
C LEU B 891 28.61 25.28 1.19
N LEU B 892 28.75 26.59 1.38
CA LEU B 892 29.37 27.41 0.36
C LEU B 892 30.87 27.17 0.27
N LEU B 893 31.49 26.68 1.35
CA LEU B 893 32.92 26.35 1.29
C LEU B 893 33.17 25.08 0.50
N PHE B 894 32.27 24.10 0.60
CA PHE B 894 32.47 22.88 -0.15
C PHE B 894 32.18 23.05 -1.62
N ALA B 895 31.42 24.07 -2.00
CA ALA B 895 31.26 24.41 -3.41
C ALA B 895 32.41 25.25 -3.93
N VAL B 896 33.42 25.54 -3.10
CA VAL B 896 34.64 26.18 -3.54
C VAL B 896 35.74 25.14 -3.44
N HIS B 897 35.59 24.20 -2.51
CA HIS B 897 36.55 23.12 -2.38
C HIS B 897 36.48 22.17 -3.57
N PHE B 898 35.28 21.85 -4.03
CA PHE B 898 35.15 20.88 -5.11
C PHE B 898 35.29 21.52 -6.49
N ALA B 899 34.93 22.80 -6.62
CA ALA B 899 35.12 23.49 -7.89
C ALA B 899 36.57 23.83 -8.15
N VAL B 900 37.43 23.80 -7.13
CA VAL B 900 38.86 23.85 -7.35
C VAL B 900 39.41 22.47 -7.67
N ALA B 901 38.86 21.43 -7.02
CA ALA B 901 39.35 20.08 -7.25
C ALA B 901 38.94 19.54 -8.62
N GLU B 902 37.96 20.16 -9.27
CA GLU B 902 37.64 19.83 -10.64
C GLU B 902 38.35 20.74 -11.65
N ALA B 903 39.25 21.59 -11.18
CA ALA B 903 40.13 22.32 -12.07
C ALA B 903 41.53 21.72 -12.08
N ARG B 904 41.89 20.94 -11.07
CA ARG B 904 43.14 20.19 -11.08
C ARG B 904 43.06 18.96 -11.96
N THR B 905 41.88 18.66 -12.51
CA THR B 905 41.72 17.63 -13.53
C THR B 905 41.44 18.22 -14.91
N TRP B 906 40.55 19.20 -14.99
CA TRP B 906 40.09 19.71 -16.28
C TRP B 906 41.02 20.75 -16.90
N HIS B 907 41.66 21.60 -16.09
CA HIS B 907 42.51 22.64 -16.66
C HIS B 907 43.90 22.14 -17.01
N ARG B 908 44.39 21.12 -16.35
CA ARG B 908 45.74 20.67 -16.68
C ARG B 908 45.82 19.19 -17.02
N GLU B 909 45.04 18.34 -16.36
CA GLU B 909 45.32 16.91 -16.42
C GLU B 909 44.71 16.27 -17.66
N GLY B 910 43.61 16.80 -18.18
CA GLY B 910 43.00 16.23 -19.37
C GLY B 910 42.06 17.20 -20.02
N ARG B 911 41.94 17.07 -21.33
CA ARG B 911 40.95 17.80 -22.12
C ARG B 911 40.06 16.79 -22.82
N TRP B 912 39.17 17.32 -23.69
CA TRP B 912 38.11 16.57 -24.38
C TRP B 912 37.26 15.77 -23.41
N ARG B 913 36.98 16.36 -22.25
CA ARG B 913 36.28 15.66 -21.19
C ARG B 913 34.80 15.66 -21.55
N VAL B 914 34.43 14.63 -22.31
CA VAL B 914 33.11 14.52 -22.91
C VAL B 914 32.44 13.28 -22.32
N LEU B 915 31.36 13.49 -21.59
CA LEU B 915 30.40 12.47 -21.14
C LEU B 915 31.00 11.42 -20.21
N ARG B 916 32.27 11.54 -19.81
CA ARG B 916 32.79 10.74 -18.71
C ARG B 916 32.08 11.19 -17.45
N LEU B 917 31.30 10.31 -16.85
CA LEU B 917 30.42 10.74 -15.75
C LEU B 917 31.16 10.85 -14.42
N GLY B 918 32.48 10.79 -14.41
CA GLY B 918 33.24 11.25 -13.25
C GLY B 918 33.15 12.75 -13.13
N ALA B 919 33.70 13.48 -14.08
CA ALA B 919 33.61 14.93 -14.05
C ALA B 919 32.32 15.49 -14.65
N TRP B 920 31.43 14.63 -15.11
CA TRP B 920 30.12 15.11 -15.53
C TRP B 920 29.14 15.10 -14.37
N ALA B 921 29.41 14.30 -13.33
CA ALA B 921 28.53 14.20 -12.17
C ALA B 921 29.14 14.73 -10.89
N ARG B 922 30.48 14.84 -10.80
CA ARG B 922 31.06 15.61 -9.71
C ARG B 922 31.03 17.09 -10.00
N TRP B 923 30.70 17.47 -11.22
CA TRP B 923 30.39 18.85 -11.56
C TRP B 923 28.94 19.19 -11.29
N LEU B 924 28.05 18.19 -11.23
CA LEU B 924 26.68 18.44 -10.81
C LEU B 924 26.57 18.60 -9.31
N LEU B 925 27.43 17.93 -8.56
CA LEU B 925 27.44 18.06 -7.10
C LEU B 925 27.99 19.41 -6.66
N VAL B 926 28.74 20.09 -7.52
CA VAL B 926 29.04 21.51 -7.31
C VAL B 926 27.85 22.36 -7.67
N ALA B 927 27.14 21.99 -8.73
CA ALA B 927 26.00 22.77 -9.18
C ALA B 927 24.76 22.58 -8.30
N LEU B 928 24.82 21.69 -7.33
CA LEU B 928 23.69 21.48 -6.43
C LEU B 928 24.03 21.90 -5.00
N THR B 929 25.30 21.84 -4.61
CA THR B 929 25.72 22.36 -3.32
C THR B 929 25.74 23.89 -3.33
N ALA B 930 26.18 24.49 -4.42
CA ALA B 930 26.17 25.94 -4.53
C ALA B 930 24.76 26.48 -4.72
N ALA B 931 23.86 25.69 -5.28
CA ALA B 931 22.49 26.17 -5.42
C ALA B 931 21.69 26.04 -4.14
N THR B 932 22.12 25.17 -3.22
CA THR B 932 21.42 25.04 -1.94
C THR B 932 21.67 26.25 -1.06
N ALA B 933 22.91 26.72 -0.99
CA ALA B 933 23.22 27.85 -0.13
C ALA B 933 22.83 29.20 -0.72
N LEU B 934 22.48 29.25 -2.01
CA LEU B 934 22.05 30.50 -2.60
C LEU B 934 20.54 30.64 -2.68
N VAL B 935 19.78 29.63 -2.24
CA VAL B 935 18.37 29.85 -1.99
C VAL B 935 18.09 29.87 -0.50
N ARG B 936 19.02 29.44 0.33
CA ARG B 936 18.84 29.60 1.77
C ARG B 936 19.21 31.01 2.21
N LEU B 937 20.29 31.57 1.67
CA LEU B 937 20.53 33.00 1.88
C LEU B 937 19.58 33.88 1.10
N ALA B 938 18.91 33.34 0.08
CA ALA B 938 17.87 34.12 -0.56
C ALA B 938 16.62 34.16 0.30
N GLN B 939 16.36 33.11 1.07
CA GLN B 939 15.20 33.10 1.95
C GLN B 939 15.45 34.00 3.17
N LEU B 940 16.65 33.96 3.73
CA LEU B 940 16.99 34.79 4.87
C LEU B 940 17.16 36.26 4.51
N GLY B 941 17.24 36.59 3.24
CA GLY B 941 17.37 37.97 2.81
C GLY B 941 16.08 38.48 2.21
N ALA B 942 15.15 37.57 1.93
CA ALA B 942 13.79 37.96 1.58
C ALA B 942 12.92 38.13 2.80
N ALA B 943 13.32 37.58 3.93
CA ALA B 943 12.50 37.60 5.13
C ALA B 943 12.75 38.80 6.00
N ASP B 944 13.90 39.46 5.89
CA ASP B 944 14.07 40.68 6.67
C ASP B 944 13.52 41.90 5.95
N ARG B 945 13.57 41.92 4.62
CA ARG B 945 12.99 43.06 3.93
C ARG B 945 11.48 43.00 3.96
N GLN B 946 10.92 41.80 4.03
CA GLN B 946 9.48 41.67 4.06
C GLN B 946 8.94 41.94 5.45
N TRP B 947 9.73 41.64 6.47
CA TRP B 947 9.35 41.94 7.85
C TRP B 947 9.42 43.44 8.10
N THR B 948 10.46 44.10 7.58
CA THR B 948 10.68 45.50 7.92
C THR B 948 9.66 46.41 7.29
N ARG B 949 9.25 46.14 6.06
CA ARG B 949 8.16 46.93 5.49
C ARG B 949 6.80 46.53 6.05
N PHE B 950 6.71 45.39 6.73
CA PHE B 950 5.52 45.09 7.50
C PHE B 950 5.48 45.82 8.82
N VAL B 951 6.58 45.80 9.58
CA VAL B 951 6.56 46.37 10.93
C VAL B 951 6.59 47.88 10.92
N ARG B 952 6.82 48.50 9.75
CA ARG B 952 6.57 49.93 9.59
C ARG B 952 5.09 50.23 9.73
N GLY B 953 4.30 49.79 8.76
CA GLY B 953 2.85 49.86 8.81
C GLY B 953 2.19 48.59 9.30
N ARG B 954 2.31 48.30 10.60
CA ARG B 954 1.97 46.96 11.10
C ARG B 954 0.49 46.57 11.01
N PRO B 955 -0.51 47.38 11.45
CA PRO B 955 -1.88 46.91 11.28
C PRO B 955 -2.46 47.32 9.93
N ARG B 956 -1.62 47.74 8.99
CA ARG B 956 -2.10 48.45 7.81
C ARG B 956 -2.37 47.55 6.61
N ARG B 957 -1.34 46.87 6.10
CA ARG B 957 -1.47 46.23 4.80
C ARG B 957 -1.33 44.72 4.86
N PHE B 958 -1.33 44.13 3.67
CA PHE B 958 -1.50 42.71 3.44
C PHE B 958 -0.28 42.04 2.85
N THR B 959 0.72 42.82 2.43
CA THR B 959 1.47 42.56 1.20
C THR B 959 2.36 41.33 1.25
N SER B 960 2.62 40.80 2.44
CA SER B 960 3.91 40.22 2.67
C SER B 960 4.31 38.78 2.25
N PHE B 961 3.76 37.73 2.84
CA PHE B 961 4.58 36.53 3.02
C PHE B 961 4.25 35.37 2.09
N ASP B 962 3.90 35.58 0.84
CA ASP B 962 3.78 34.43 -0.06
C ASP B 962 5.08 34.12 -0.78
N GLN B 963 5.99 35.09 -0.87
CA GLN B 963 7.26 34.93 -1.56
C GLN B 963 8.32 34.27 -0.69
N VAL B 964 8.29 34.52 0.61
CA VAL B 964 9.20 33.84 1.52
C VAL B 964 8.82 32.38 1.64
N ALA B 965 7.53 32.08 1.60
CA ALA B 965 7.05 30.71 1.79
C ALA B 965 7.39 29.84 0.60
N GLN B 966 7.24 30.37 -0.60
CA GLN B 966 7.47 29.60 -1.81
C GLN B 966 8.95 29.37 -2.03
N LEU B 967 9.77 30.28 -1.51
CA LEU B 967 11.20 30.20 -1.68
C LEU B 967 11.84 29.37 -0.57
N SER B 968 11.17 29.22 0.57
CA SER B 968 11.71 28.42 1.67
C SER B 968 11.55 26.93 1.43
N SER B 969 10.51 26.51 0.72
CA SER B 969 10.36 25.11 0.39
C SER B 969 11.22 24.69 -0.79
N ALA B 970 11.65 25.65 -1.60
CA ALA B 970 12.62 25.39 -2.66
C ALA B 970 14.04 25.35 -2.14
N ALA B 971 14.24 25.65 -0.88
CA ALA B 971 15.51 25.41 -0.20
C ALA B 971 15.48 24.17 0.66
N ARG B 972 14.31 23.80 1.17
CA ARG B 972 14.19 22.59 1.97
C ARG B 972 14.14 21.36 1.08
N GLY B 973 13.43 21.46 -0.04
CA GLY B 973 13.35 20.37 -0.99
C GLY B 973 14.56 20.24 -1.89
N LEU B 974 15.52 21.16 -1.79
CA LEU B 974 16.72 21.10 -2.60
C LEU B 974 17.94 20.70 -1.78
N ALA B 975 17.89 20.82 -0.46
CA ALA B 975 18.88 20.24 0.42
C ALA B 975 18.57 18.78 0.74
N ALA B 976 17.37 18.33 0.42
CA ALA B 976 17.02 16.93 0.57
C ALA B 976 17.53 16.08 -0.57
N SER B 977 17.51 16.61 -1.79
CA SER B 977 18.16 15.96 -2.91
C SER B 977 19.66 15.96 -2.79
N LEU B 978 20.24 16.90 -2.05
CA LEU B 978 21.65 16.79 -1.72
C LEU B 978 21.92 15.65 -0.77
N LEU B 979 21.10 15.52 0.28
CA LEU B 979 21.25 14.41 1.21
C LEU B 979 20.83 13.09 0.57
N PHE B 980 20.07 13.14 -0.52
CA PHE B 980 19.86 11.95 -1.35
C PHE B 980 21.17 11.46 -1.95
N LEU B 981 21.83 12.31 -2.74
CA LEU B 981 23.08 11.94 -3.44
C LEU B 981 24.20 11.57 -2.49
N LEU B 982 24.17 12.07 -1.27
CA LEU B 982 25.19 11.76 -0.29
C LEU B 982 25.00 10.39 0.33
N LEU B 983 23.81 9.81 0.22
CA LEU B 983 23.60 8.44 0.69
C LEU B 983 23.70 7.40 -0.41
N VAL B 984 23.37 7.75 -1.65
CA VAL B 984 23.61 6.86 -2.77
C VAL B 984 25.11 6.65 -2.95
N LYS B 985 25.90 7.69 -2.74
CA LYS B 985 27.35 7.59 -2.65
C LYS B 985 27.81 6.69 -1.51
N ALA B 986 27.01 6.53 -0.46
CA ALA B 986 27.41 5.69 0.65
C ALA B 986 27.17 4.20 0.41
N ALA B 987 26.30 3.84 -0.53
CA ALA B 987 26.17 2.45 -0.93
C ALA B 987 26.97 2.13 -2.18
N GLN B 988 27.35 3.15 -2.95
CA GLN B 988 28.38 2.97 -3.96
C GLN B 988 29.72 2.67 -3.31
N GLN B 989 29.94 3.23 -2.11
CA GLN B 989 31.15 3.05 -1.32
C GLN B 989 30.99 1.82 -0.45
N LEU B 990 30.58 0.71 -1.06
CA LEU B 990 30.34 -0.55 -0.37
C LEU B 990 30.99 -1.69 -1.11
N ARG B 991 31.59 -1.43 -2.27
CA ARG B 991 32.32 -2.39 -3.08
C ARG B 991 33.65 -2.81 -2.45
N PHE B 992 33.98 -2.28 -1.28
CA PHE B 992 35.22 -2.56 -0.59
C PHE B 992 35.11 -3.76 0.35
N VAL B 993 34.13 -4.62 0.12
CA VAL B 993 34.15 -6.00 0.57
C VAL B 993 34.07 -6.85 -0.67
N ARG B 994 35.03 -7.78 -0.84
CA ARG B 994 35.33 -8.31 -2.16
C ARG B 994 34.24 -9.21 -2.71
N GLN B 995 33.53 -9.94 -1.85
CA GLN B 995 32.45 -10.78 -2.35
C GLN B 995 31.20 -9.99 -2.64
N TRP B 996 31.09 -8.77 -2.11
CA TRP B 996 29.98 -7.89 -2.42
C TRP B 996 30.29 -6.95 -3.56
N SER B 997 31.51 -6.96 -4.07
CA SER B 997 31.89 -6.09 -5.16
C SER B 997 31.32 -6.54 -6.50
N VAL B 998 30.69 -7.71 -6.56
CA VAL B 998 30.02 -8.14 -7.77
C VAL B 998 28.77 -7.30 -8.00
N PHE B 999 28.08 -6.94 -6.92
CA PHE B 999 26.75 -6.29 -6.99
C PHE B 999 26.80 -4.94 -7.66
N GLY B 1000 27.93 -4.25 -7.58
CA GLY B 1000 28.07 -2.97 -8.24
C GLY B 1000 28.45 -3.13 -9.69
N LYS B 1001 29.41 -4.02 -9.96
CA LYS B 1001 29.90 -4.18 -11.33
C LYS B 1001 28.86 -4.82 -12.23
N THR B 1002 28.08 -5.77 -11.71
CA THR B 1002 27.03 -6.38 -12.53
C THR B 1002 25.85 -5.46 -12.77
N LEU B 1003 25.81 -4.29 -12.12
CA LEU B 1003 24.72 -3.35 -12.28
C LEU B 1003 25.13 -2.11 -13.04
N CYS B 1004 26.43 -1.79 -13.09
CA CYS B 1004 26.96 -0.78 -13.98
C CYS B 1004 27.37 -1.35 -15.32
N ARG B 1005 27.18 -2.63 -15.52
CA ARG B 1005 27.43 -3.28 -16.80
C ARG B 1005 26.14 -3.67 -17.52
N ALA B 1006 25.10 -4.03 -16.80
CA ALA B 1006 23.82 -4.32 -17.44
C ALA B 1006 23.12 -3.05 -17.91
N LEU B 1007 23.28 -1.96 -17.16
CA LEU B 1007 22.61 -0.69 -17.35
C LEU B 1007 22.80 -0.01 -18.71
N PRO B 1008 23.94 -0.10 -19.42
CA PRO B 1008 23.95 0.41 -20.80
C PRO B 1008 23.11 -0.38 -21.78
N GLU B 1009 22.64 -1.57 -21.42
CA GLU B 1009 21.80 -2.36 -22.31
C GLU B 1009 20.37 -2.50 -21.80
N LEU B 1010 20.17 -2.49 -20.49
CA LEU B 1010 18.82 -2.57 -19.95
C LEU B 1010 18.09 -1.24 -20.05
N LEU B 1011 18.84 -0.13 -20.10
CA LEU B 1011 18.23 1.13 -20.52
C LEU B 1011 17.87 1.10 -22.00
N GLY B 1012 18.57 0.27 -22.78
CA GLY B 1012 18.26 0.10 -24.19
C GLY B 1012 17.10 -0.82 -24.49
N VAL B 1013 16.77 -1.73 -23.57
CA VAL B 1013 15.53 -2.47 -23.68
C VAL B 1013 14.34 -1.52 -23.55
N THR B 1014 14.46 -0.51 -22.71
CA THR B 1014 13.41 0.45 -22.48
C THR B 1014 13.21 1.43 -23.63
N LEU B 1015 14.07 1.40 -24.65
CA LEU B 1015 13.76 2.15 -25.87
C LEU B 1015 12.60 1.54 -26.61
N GLY B 1016 12.66 0.23 -26.86
CA GLY B 1016 11.60 -0.46 -27.57
C GLY B 1016 10.33 -0.61 -26.77
N LEU B 1017 10.41 -0.58 -25.45
CA LEU B 1017 9.20 -0.59 -24.63
C LEU B 1017 8.46 0.73 -24.74
N VAL B 1018 9.17 1.82 -25.01
CA VAL B 1018 8.52 3.09 -25.32
C VAL B 1018 7.83 3.01 -26.69
N VAL B 1019 8.45 2.30 -27.63
CA VAL B 1019 7.87 2.17 -28.97
C VAL B 1019 6.59 1.34 -28.95
N LEU B 1020 6.50 0.37 -28.03
CA LEU B 1020 5.30 -0.47 -27.92
C LEU B 1020 4.32 0.00 -26.86
N GLY B 1021 4.83 0.43 -25.70
CA GLY B 1021 3.96 0.84 -24.61
C GLY B 1021 3.22 2.14 -24.84
N VAL B 1022 3.73 3.01 -25.71
CA VAL B 1022 2.94 4.14 -26.18
C VAL B 1022 1.83 3.65 -27.09
N ALA B 1023 2.15 2.70 -27.98
CA ALA B 1023 1.12 2.05 -28.78
C ALA B 1023 0.21 1.17 -27.93
N TYR B 1024 0.66 0.76 -26.74
CA TYR B 1024 -0.24 0.13 -25.79
C TYR B 1024 -1.19 1.14 -25.17
N ALA B 1025 -0.86 2.43 -25.23
CA ALA B 1025 -1.79 3.48 -24.86
C ALA B 1025 -2.57 4.02 -26.04
N GLN B 1026 -1.99 3.97 -27.25
CA GLN B 1026 -2.61 4.47 -28.48
C GLN B 1026 -3.76 3.60 -28.99
N LEU B 1027 -4.15 2.56 -28.26
CA LEU B 1027 -5.43 1.90 -28.43
C LEU B 1027 -6.22 1.84 -27.13
N ALA B 1028 -5.59 2.22 -26.01
CA ALA B 1028 -6.23 2.29 -24.70
C ALA B 1028 -6.77 3.68 -24.36
N ILE B 1029 -5.91 4.70 -24.37
CA ILE B 1029 -6.38 6.06 -24.13
C ILE B 1029 -6.81 6.76 -25.42
N LEU B 1030 -6.55 6.15 -26.59
CA LEU B 1030 -7.11 6.70 -27.82
C LEU B 1030 -8.60 6.41 -27.91
N LEU B 1031 -9.04 5.30 -27.33
CA LEU B 1031 -10.45 4.93 -27.25
C LEU B 1031 -11.04 5.27 -25.89
N VAL B 1032 -10.61 6.40 -25.31
CA VAL B 1032 -11.19 6.87 -24.06
C VAL B 1032 -12.60 7.40 -24.27
N SER B 1033 -12.94 7.77 -25.50
CA SER B 1033 -14.31 8.11 -25.87
C SER B 1033 -15.03 6.92 -26.52
N SER B 1034 -14.35 5.81 -26.72
CA SER B 1034 -14.93 4.65 -27.40
C SER B 1034 -14.24 3.36 -27.00
N HIS B 1065 4.51 15.19 -18.40
CA HIS B 1065 3.42 14.56 -19.14
C HIS B 1065 2.15 14.47 -18.29
N LEU B 1066 1.00 14.83 -18.88
CA LEU B 1066 -0.23 14.86 -18.11
C LEU B 1066 -1.00 13.55 -18.22
N SER B 1067 -1.44 13.20 -19.43
CA SER B 1067 -2.09 11.93 -19.69
C SER B 1067 -1.03 10.84 -19.85
N PRO B 1068 0.11 11.16 -20.47
CA PRO B 1068 1.09 10.11 -20.79
C PRO B 1068 1.85 9.58 -19.58
N LEU B 1069 2.14 10.43 -18.60
CA LEU B 1069 2.73 9.92 -17.36
C LEU B 1069 1.71 9.15 -16.54
N LEU B 1070 0.42 9.43 -16.71
CA LEU B 1070 -0.64 8.57 -16.21
C LEU B 1070 -0.96 7.45 -17.18
N CYS B 1071 -0.28 7.39 -18.33
CA CYS B 1071 -0.34 6.25 -19.23
C CYS B 1071 0.93 5.40 -19.18
N VAL B 1072 2.04 5.96 -18.72
CA VAL B 1072 3.29 5.22 -18.57
C VAL B 1072 3.54 4.83 -17.12
N GLY B 1073 3.47 5.81 -16.22
CA GLY B 1073 3.70 5.52 -14.81
C GLY B 1073 2.58 4.71 -14.18
N LEU B 1074 1.33 5.07 -14.47
CA LEU B 1074 0.17 4.36 -13.92
C LEU B 1074 -0.10 3.03 -14.62
N TRP B 1075 0.75 2.62 -15.56
CA TRP B 1075 0.60 1.35 -16.25
C TRP B 1075 1.53 0.28 -15.67
N ALA B 1076 2.75 0.66 -15.29
CA ALA B 1076 3.74 -0.29 -14.80
C ALA B 1076 3.51 -0.70 -13.35
N LEU B 1077 2.51 -0.14 -12.67
CA LEU B 1077 2.21 -0.57 -11.31
C LEU B 1077 1.24 -1.74 -11.27
N ARG B 1078 0.29 -1.79 -12.20
CA ARG B 1078 -0.69 -2.87 -12.24
C ARG B 1078 -0.27 -4.01 -13.16
N LEU B 1079 -0.08 -3.71 -14.45
CA LEU B 1079 0.47 -4.69 -15.37
C LEU B 1079 1.94 -4.91 -15.06
N TRP B 1080 2.35 -6.18 -14.93
CA TRP B 1080 3.62 -6.48 -14.31
C TRP B 1080 4.49 -7.47 -15.07
N GLY B 1081 4.09 -7.92 -16.26
CA GLY B 1081 4.93 -8.81 -17.03
C GLY B 1081 6.08 -8.08 -17.67
N ALA B 1082 5.84 -6.83 -18.06
CA ALA B 1082 6.87 -5.97 -18.65
C ALA B 1082 7.81 -5.39 -17.61
N LEU B 1083 7.70 -5.84 -16.37
CA LEU B 1083 8.65 -5.51 -15.33
C LEU B 1083 9.75 -6.56 -15.20
N ARG B 1084 9.49 -7.80 -15.63
CA ARG B 1084 10.37 -8.94 -15.38
C ARG B 1084 11.15 -9.40 -16.59
N LEU B 1085 11.35 -8.54 -17.60
CA LEU B 1085 12.30 -8.91 -18.64
C LEU B 1085 13.71 -8.54 -18.24
N GLY B 1086 13.86 -7.61 -17.28
CA GLY B 1086 15.18 -7.27 -16.79
C GLY B 1086 15.81 -8.34 -15.93
N ALA B 1087 15.08 -9.41 -15.62
CA ALA B 1087 15.64 -10.51 -14.84
C ALA B 1087 16.69 -11.28 -15.61
N VAL B 1088 16.62 -11.25 -16.94
CA VAL B 1088 17.57 -12.05 -17.71
C VAL B 1088 18.92 -11.38 -17.72
N ILE B 1089 18.94 -10.08 -17.95
CA ILE B 1089 20.17 -9.34 -18.23
C ILE B 1089 21.03 -9.30 -16.98
N LEU B 1090 20.42 -9.39 -15.81
CA LEU B 1090 21.21 -9.37 -14.59
C LEU B 1090 21.80 -10.73 -14.28
N ARG B 1091 21.01 -11.80 -14.34
CA ARG B 1091 21.56 -13.12 -14.03
C ARG B 1091 22.48 -13.64 -15.11
N TRP B 1092 22.38 -13.12 -16.32
CA TRP B 1092 23.36 -13.46 -17.33
C TRP B 1092 24.69 -12.79 -17.00
N ARG B 1093 24.66 -11.53 -16.58
CA ARG B 1093 25.90 -10.87 -16.20
C ARG B 1093 26.38 -11.28 -14.82
N TYR B 1094 25.46 -11.58 -13.89
CA TYR B 1094 25.88 -11.98 -12.54
C TYR B 1094 26.58 -13.33 -12.55
N HIS B 1095 26.24 -14.21 -13.49
CA HIS B 1095 26.97 -15.48 -13.56
C HIS B 1095 28.28 -15.30 -14.30
N ALA B 1096 28.30 -14.46 -15.33
CA ALA B 1096 29.52 -14.17 -16.05
C ALA B 1096 30.51 -13.36 -15.22
N LEU B 1097 30.02 -12.61 -14.22
CA LEU B 1097 30.90 -11.91 -13.30
C LEU B 1097 31.36 -12.78 -12.14
N ARG B 1098 30.47 -13.63 -11.62
CA ARG B 1098 30.89 -14.54 -10.56
C ARG B 1098 31.81 -15.61 -11.11
N GLY B 1099 31.60 -16.02 -12.35
CA GLY B 1099 32.51 -16.96 -12.99
C GLY B 1099 33.85 -16.37 -13.38
N GLU B 1100 33.99 -15.05 -13.35
CA GLU B 1100 35.25 -14.38 -13.60
C GLU B 1100 36.07 -14.25 -12.32
N LEU B 1101 35.40 -14.12 -11.17
CA LEU B 1101 36.10 -14.05 -9.89
C LEU B 1101 36.66 -15.42 -9.50
N TYR B 1102 35.98 -16.50 -9.87
CA TYR B 1102 36.48 -17.83 -9.56
C TYR B 1102 37.52 -18.30 -10.59
N ARG B 1103 37.56 -17.66 -11.77
CA ARG B 1103 38.44 -17.99 -12.87
C ARG B 1103 39.92 -17.83 -12.49
N PRO B 1104 40.24 -16.97 -11.51
CA PRO B 1104 41.59 -16.75 -11.00
C PRO B 1104 42.18 -17.97 -10.31
N SER C 73 -6.15 -46.99 -32.09
CA SER C 73 -5.95 -47.40 -30.70
C SER C 73 -6.17 -46.22 -29.76
N VAL C 74 -5.19 -45.33 -29.70
CA VAL C 74 -5.29 -44.12 -28.90
C VAL C 74 -6.30 -43.15 -29.50
N LEU C 75 -6.41 -43.10 -30.81
CA LEU C 75 -7.42 -42.27 -31.47
C LEU C 75 -8.81 -42.87 -31.37
N ARG C 76 -8.94 -44.13 -30.94
CA ARG C 76 -10.22 -44.69 -30.53
C ARG C 76 -10.59 -44.25 -29.12
N GLU C 77 -9.59 -44.08 -28.26
CA GLU C 77 -9.86 -43.66 -26.89
C GLU C 77 -10.21 -42.19 -26.79
N LEU C 78 -9.70 -41.36 -27.71
CA LEU C 78 -10.12 -39.96 -27.77
C LEU C 78 -11.57 -39.83 -28.19
N VAL C 79 -12.04 -40.68 -29.10
CA VAL C 79 -13.44 -40.62 -29.52
C VAL C 79 -14.36 -41.07 -28.40
N THR C 80 -13.92 -42.03 -27.58
CA THR C 80 -14.69 -42.38 -26.40
C THR C 80 -14.57 -41.34 -25.30
N TYR C 81 -13.61 -40.42 -25.40
CA TYR C 81 -13.50 -39.36 -24.42
C TYR C 81 -14.24 -38.11 -24.85
N LEU C 82 -14.04 -37.69 -26.11
CA LEU C 82 -14.65 -36.46 -26.58
C LEU C 82 -16.15 -36.61 -26.74
N LEU C 83 -16.65 -37.84 -26.87
CA LEU C 83 -18.09 -38.06 -26.82
C LEU C 83 -18.61 -37.99 -25.40
N PHE C 84 -17.75 -38.26 -24.41
CA PHE C 84 -18.12 -38.13 -23.01
C PHE C 84 -18.12 -36.69 -22.56
N LEU C 85 -17.33 -35.84 -23.21
CA LEU C 85 -17.28 -34.43 -22.81
C LEU C 85 -18.44 -33.64 -23.41
N ILE C 86 -18.97 -34.07 -24.55
CA ILE C 86 -20.09 -33.34 -25.12
C ILE C 86 -21.40 -33.71 -24.44
N VAL C 87 -21.53 -34.95 -23.98
CA VAL C 87 -22.74 -35.34 -23.25
C VAL C 87 -22.75 -34.73 -21.86
N LEU C 88 -21.58 -34.40 -21.31
CA LEU C 88 -21.54 -33.77 -20.01
C LEU C 88 -21.78 -32.28 -20.09
N CYS C 89 -21.29 -31.62 -21.15
CA CYS C 89 -21.51 -30.19 -21.30
C CYS C 89 -22.97 -29.88 -21.61
N ILE C 90 -23.68 -30.78 -22.29
CA ILE C 90 -25.10 -30.60 -22.52
C ILE C 90 -25.88 -30.72 -21.21
N LEU C 91 -25.52 -31.69 -20.38
CA LEU C 91 -26.30 -31.95 -19.16
C LEU C 91 -26.08 -30.88 -18.12
N THR C 92 -24.86 -30.36 -17.98
CA THR C 92 -24.61 -29.37 -16.94
C THR C 92 -25.13 -28.00 -17.33
N TYR C 93 -24.96 -27.61 -18.60
CA TYR C 93 -25.56 -26.37 -19.09
C TYR C 93 -27.07 -26.45 -19.18
N GLY C 94 -27.63 -27.63 -19.38
CA GLY C 94 -29.07 -27.78 -19.39
C GLY C 94 -29.72 -27.68 -18.04
N MET C 95 -28.98 -27.94 -16.97
CA MET C 95 -29.53 -27.81 -15.63
C MET C 95 -29.63 -26.35 -15.22
N MET C 96 -28.52 -25.61 -15.26
CA MET C 96 -28.52 -24.21 -14.85
C MET C 96 -28.57 -23.36 -16.11
N SER C 97 -29.74 -22.78 -16.36
CA SER C 97 -29.96 -21.99 -17.56
C SER C 97 -29.69 -20.52 -17.27
N SER C 98 -29.80 -19.68 -18.31
CA SER C 98 -29.68 -18.25 -18.16
C SER C 98 -30.97 -17.60 -17.65
N ASN C 99 -32.06 -18.36 -17.62
CA ASN C 99 -33.34 -17.87 -17.13
C ASN C 99 -33.45 -18.03 -15.62
N VAL C 100 -32.41 -18.56 -14.98
CA VAL C 100 -32.41 -18.80 -13.55
C VAL C 100 -32.00 -17.56 -12.77
N TYR C 101 -30.95 -16.87 -13.23
CA TYR C 101 -30.31 -15.83 -12.44
C TYR C 101 -31.21 -14.61 -12.23
N TYR C 102 -32.01 -14.23 -13.23
CA TYR C 102 -32.86 -13.07 -13.06
C TYR C 102 -34.05 -13.35 -12.16
N TYR C 103 -34.30 -14.61 -11.81
CA TYR C 103 -35.37 -14.93 -10.89
C TYR C 103 -34.90 -14.91 -9.44
N THR C 104 -33.73 -15.47 -9.16
CA THR C 104 -33.18 -15.42 -7.81
C THR C 104 -32.42 -14.14 -7.53
N ARG C 105 -32.37 -13.21 -8.47
CA ARG C 105 -31.89 -11.87 -8.17
C ARG C 105 -33.00 -10.93 -7.77
N MET C 106 -34.15 -11.01 -8.43
CA MET C 106 -35.26 -10.13 -8.09
C MET C 106 -35.91 -10.53 -6.79
N MET C 107 -35.86 -11.81 -6.42
CA MET C 107 -36.31 -12.22 -5.09
C MET C 107 -35.39 -11.68 -4.00
N SER C 108 -34.10 -11.54 -4.30
CA SER C 108 -33.17 -10.96 -3.35
C SER C 108 -33.24 -9.44 -3.31
N GLN C 109 -33.92 -8.83 -4.29
CA GLN C 109 -34.12 -7.39 -4.23
C GLN C 109 -35.28 -7.02 -3.33
N LEU C 110 -36.31 -7.87 -3.27
CA LEU C 110 -37.51 -7.53 -2.52
C LEU C 110 -37.28 -7.64 -1.02
N PHE C 111 -36.61 -8.69 -0.57
CA PHE C 111 -36.52 -8.99 0.86
C PHE C 111 -35.26 -8.43 1.51
N LEU C 112 -34.24 -8.11 0.73
CA LEU C 112 -32.96 -7.72 1.30
C LEU C 112 -32.59 -6.27 1.02
N ASP C 113 -33.26 -5.60 0.09
CA ASP C 113 -32.91 -4.24 -0.27
C ASP C 113 -33.98 -3.22 0.04
N THR C 114 -35.24 -3.63 0.12
CA THR C 114 -36.29 -2.71 0.51
C THR C 114 -36.16 -2.38 1.99
N PRO C 115 -36.27 -1.12 2.38
CA PRO C 115 -36.16 -0.76 3.80
C PRO C 115 -37.36 -1.26 4.59
N VAL C 116 -37.18 -1.33 5.91
CA VAL C 116 -38.18 -1.93 6.78
C VAL C 116 -39.41 -1.04 6.91
N SER C 117 -39.25 0.27 6.71
CA SER C 117 -40.37 1.20 6.76
C SER C 117 -40.09 2.34 5.79
N LYS C 118 -41.11 3.15 5.55
CA LYS C 118 -40.99 4.26 4.61
C LYS C 118 -40.11 5.38 5.15
N THR C 119 -39.91 5.47 6.46
CA THR C 119 -39.13 6.56 7.03
C THR C 119 -37.72 6.13 7.44
N GLU C 120 -37.44 4.83 7.48
CA GLU C 120 -36.15 4.35 7.95
C GLU C 120 -35.30 3.86 6.78
N LYS C 121 -34.11 3.37 7.10
CA LYS C 121 -33.12 3.03 6.09
C LYS C 121 -32.62 1.59 6.20
N THR C 122 -32.82 0.92 7.34
CA THR C 122 -32.21 -0.38 7.58
C THR C 122 -32.87 -1.46 6.74
N ASN C 123 -32.05 -2.31 6.13
CA ASN C 123 -32.52 -3.41 5.30
C ASN C 123 -32.70 -4.65 6.18
N PHE C 124 -32.91 -5.81 5.55
CA PHE C 124 -32.70 -7.05 6.27
C PHE C 124 -31.23 -7.34 6.45
N LYS C 125 -30.39 -6.87 5.54
CA LYS C 125 -28.96 -7.10 5.63
C LYS C 125 -28.30 -6.25 6.69
N THR C 126 -28.99 -5.22 7.20
CA THR C 126 -28.44 -4.32 8.20
C THR C 126 -29.29 -4.28 9.45
N LEU C 127 -29.87 -5.40 9.84
CA LEU C 127 -30.58 -5.48 11.12
C LEU C 127 -29.56 -5.43 12.25
N SER C 128 -29.84 -4.60 13.26
CA SER C 128 -28.86 -4.37 14.31
C SER C 128 -29.44 -4.55 15.71
N SER C 129 -30.73 -4.79 15.85
CA SER C 129 -31.30 -4.99 17.17
C SER C 129 -32.52 -5.89 17.07
N MET C 130 -33.00 -6.32 18.24
CA MET C 130 -34.20 -7.13 18.31
C MET C 130 -35.43 -6.33 17.91
N GLU C 131 -35.43 -5.02 18.22
CA GLU C 131 -36.55 -4.17 17.85
C GLU C 131 -36.58 -3.91 16.36
N ASP C 132 -35.42 -3.97 15.70
CA ASP C 132 -35.37 -3.83 14.25
C ASP C 132 -35.95 -5.07 13.56
N PHE C 133 -35.86 -6.23 14.20
CA PHE C 133 -36.46 -7.44 13.63
C PHE C 133 -37.97 -7.38 13.65
N TRP C 134 -38.55 -6.72 14.65
CA TRP C 134 -39.99 -6.58 14.67
C TRP C 134 -40.49 -5.57 13.64
N LYS C 135 -39.74 -4.51 13.37
CA LYS C 135 -40.16 -3.56 12.36
C LYS C 135 -39.87 -4.06 10.95
N PHE C 136 -39.15 -5.18 10.83
CA PHE C 136 -39.01 -5.85 9.54
C PHE C 136 -40.21 -6.75 9.26
N THR C 137 -40.51 -7.68 10.17
CA THR C 137 -41.50 -8.73 9.90
C THR C 137 -42.93 -8.25 9.88
N GLU C 138 -43.19 -6.99 10.26
CA GLU C 138 -44.46 -6.37 9.90
C GLU C 138 -44.32 -5.34 8.80
N GLY C 139 -43.11 -4.86 8.52
CA GLY C 139 -42.94 -3.84 7.52
C GLY C 139 -42.76 -4.34 6.10
N SER C 140 -41.79 -5.21 5.85
CA SER C 140 -41.44 -5.55 4.49
C SER C 140 -41.67 -7.02 4.14
N LEU C 141 -41.85 -7.89 5.13
CA LEU C 141 -42.37 -9.22 4.82
C LEU C 141 -43.80 -9.14 4.30
N LEU C 142 -44.61 -8.25 4.87
CA LEU C 142 -46.01 -8.22 4.50
C LEU C 142 -46.22 -7.48 3.18
N ASP C 143 -45.27 -6.62 2.80
CA ASP C 143 -45.31 -6.01 1.48
C ASP C 143 -44.59 -6.86 0.45
N GLY C 144 -43.85 -7.87 0.90
CA GLY C 144 -43.05 -8.66 0.00
C GLY C 144 -43.65 -9.99 -0.39
N LEU C 145 -44.62 -10.47 0.39
CA LEU C 145 -45.26 -11.73 0.05
C LEU C 145 -46.58 -11.55 -0.70
N TYR C 146 -47.10 -10.33 -0.83
CA TYR C 146 -48.27 -10.15 -1.70
C TYR C 146 -48.07 -8.89 -2.54
N TRP C 147 -48.54 -8.95 -3.78
CA TRP C 147 -48.43 -7.80 -4.68
C TRP C 147 -49.58 -6.84 -4.47
N GLU C 166 -46.53 -12.78 -11.47
CA GLU C 166 -45.14 -12.97 -11.80
C GLU C 166 -44.53 -14.06 -10.93
N ASN C 167 -45.33 -14.59 -9.99
CA ASN C 167 -44.98 -15.67 -9.09
C ASN C 167 -46.25 -16.17 -8.40
N LEU C 168 -46.08 -17.02 -7.40
CA LEU C 168 -47.22 -17.55 -6.65
C LEU C 168 -46.73 -18.04 -5.29
N LEU C 169 -47.41 -17.64 -4.23
CA LEU C 169 -47.04 -18.05 -2.89
C LEU C 169 -47.68 -19.40 -2.59
N LEU C 170 -46.85 -20.38 -2.24
CA LEU C 170 -47.31 -21.76 -2.05
C LEU C 170 -47.71 -21.96 -0.59
N GLY C 171 -49.01 -21.91 -0.33
CA GLY C 171 -49.52 -22.24 0.98
C GLY C 171 -49.24 -21.19 2.03
N VAL C 172 -48.41 -21.55 3.01
CA VAL C 172 -48.18 -20.72 4.19
C VAL C 172 -46.69 -20.68 4.48
N PRO C 173 -46.16 -19.56 4.97
CA PRO C 173 -44.85 -19.61 5.62
C PRO C 173 -45.00 -19.83 7.11
N ARG C 174 -43.87 -20.00 7.79
CA ARG C 174 -43.90 -20.22 9.23
C ARG C 174 -42.59 -19.74 9.85
N ILE C 175 -42.66 -19.33 11.11
CA ILE C 175 -41.52 -18.82 11.85
C ILE C 175 -41.20 -19.83 12.94
N ARG C 176 -39.94 -20.21 13.06
CA ARG C 176 -39.48 -21.12 14.08
C ARG C 176 -38.54 -20.35 15.01
N GLN C 177 -38.22 -20.94 16.16
CA GLN C 177 -37.45 -20.21 17.16
C GLN C 177 -36.71 -21.20 18.05
N LEU C 178 -35.44 -20.91 18.33
CA LEU C 178 -34.62 -21.69 19.25
C LEU C 178 -34.39 -20.87 20.51
N ARG C 179 -34.41 -21.54 21.67
CA ARG C 179 -34.42 -20.86 22.96
C ARG C 179 -33.52 -21.60 23.95
N VAL C 180 -32.98 -20.85 24.91
CA VAL C 180 -32.05 -21.36 25.92
C VAL C 180 -32.71 -21.25 27.30
N ARG C 181 -32.51 -22.27 28.15
CA ARG C 181 -33.00 -22.29 29.52
C ARG C 181 -32.43 -21.14 30.34
N ASN C 182 -33.10 -20.87 31.45
CA ASN C 182 -32.69 -19.80 32.37
C ASN C 182 -31.46 -20.20 33.17
N GLY C 183 -31.57 -21.24 33.99
CA GLY C 183 -30.44 -21.66 34.80
C GLY C 183 -29.42 -22.45 34.01
N SER C 184 -28.71 -21.80 33.10
CA SER C 184 -27.86 -22.50 32.15
C SER C 184 -26.39 -22.12 32.25
N CYS C 185 -26.03 -21.18 33.13
CA CYS C 185 -24.64 -20.85 33.39
C CYS C 185 -24.42 -20.74 34.89
N SER C 186 -23.18 -20.99 35.31
CA SER C 186 -22.81 -20.79 36.70
C SER C 186 -22.03 -19.48 36.81
N ILE C 187 -22.56 -18.57 37.62
CA ILE C 187 -21.92 -17.28 37.85
C ILE C 187 -21.18 -17.35 39.18
N PRO C 188 -20.02 -16.70 39.31
CA PRO C 188 -19.25 -16.78 40.55
C PRO C 188 -19.96 -16.14 41.73
N GLN C 189 -19.57 -16.59 42.93
CA GLN C 189 -20.25 -16.24 44.17
C GLN C 189 -20.03 -14.80 44.59
N ASP C 190 -19.05 -14.11 44.00
CA ASP C 190 -18.69 -12.79 44.48
C ASP C 190 -19.63 -11.70 43.96
N LEU C 191 -20.08 -11.82 42.71
CA LEU C 191 -20.98 -10.82 42.13
C LEU C 191 -22.38 -11.40 41.89
N ARG C 192 -22.82 -12.28 42.79
CA ARG C 192 -24.15 -12.86 42.77
C ARG C 192 -25.26 -11.83 43.03
N ASP C 193 -24.93 -10.69 43.64
CA ASP C 193 -25.95 -9.76 44.11
C ASP C 193 -26.61 -9.00 42.97
N GLU C 194 -25.82 -8.35 42.11
CA GLU C 194 -26.39 -7.51 41.06
C GLU C 194 -26.97 -8.34 39.91
N ILE C 195 -26.25 -9.35 39.45
CA ILE C 195 -26.74 -10.17 38.34
C ILE C 195 -27.69 -11.21 38.91
N LYS C 196 -28.92 -11.24 38.39
CA LYS C 196 -29.89 -12.19 38.89
C LYS C 196 -29.85 -13.51 38.12
N GLU C 197 -30.13 -13.47 36.82
CA GLU C 197 -30.29 -14.69 36.03
C GLU C 197 -29.63 -14.49 34.68
N CYS C 198 -29.08 -15.58 34.14
CA CYS C 198 -28.23 -15.54 32.97
C CYS C 198 -28.78 -16.44 31.87
N TYR C 199 -28.03 -16.52 30.77
CA TYR C 199 -28.38 -17.37 29.65
C TYR C 199 -27.08 -17.89 29.04
N ASP C 200 -27.17 -18.84 28.12
CA ASP C 200 -25.99 -19.51 27.59
C ASP C 200 -25.98 -19.44 26.07
N VAL C 201 -24.80 -19.66 25.50
CA VAL C 201 -24.65 -19.77 24.05
C VAL C 201 -25.32 -21.07 23.61
N TYR C 202 -25.77 -21.13 22.36
CA TYR C 202 -26.63 -22.22 21.91
C TYR C 202 -25.88 -23.55 21.84
N SER C 203 -26.21 -24.44 22.75
CA SER C 203 -25.84 -25.84 22.67
C SER C 203 -27.11 -26.65 22.83
N VAL C 204 -27.05 -27.93 22.43
CA VAL C 204 -28.23 -28.77 22.52
C VAL C 204 -28.51 -29.14 23.97
N SER C 205 -27.46 -29.15 24.81
CA SER C 205 -27.63 -29.47 26.21
C SER C 205 -28.19 -28.29 27.01
N SER C 206 -28.22 -27.10 26.43
CA SER C 206 -28.71 -25.91 27.13
C SER C 206 -29.91 -25.29 26.42
N GLU C 207 -30.84 -26.12 25.97
CA GLU C 207 -32.00 -25.65 25.22
C GLU C 207 -33.22 -25.65 26.13
N ASP C 208 -34.13 -24.70 25.90
CA ASP C 208 -35.34 -24.57 26.70
C ASP C 208 -36.43 -25.41 26.07
N ARG C 209 -37.19 -26.12 26.89
CA ARG C 209 -38.26 -26.99 26.40
C ARG C 209 -39.58 -26.75 27.11
N ALA C 210 -39.56 -26.17 28.31
CA ALA C 210 -40.77 -25.94 29.07
C ALA C 210 -41.61 -24.84 28.41
N PRO C 211 -42.92 -25.02 28.34
CA PRO C 211 -43.77 -23.99 27.72
C PRO C 211 -43.87 -22.76 28.60
N PHE C 212 -43.99 -21.61 27.96
CA PHE C 212 -43.90 -20.33 28.65
C PHE C 212 -44.98 -19.39 28.12
N GLY C 213 -45.42 -18.49 28.98
CA GLY C 213 -46.29 -17.41 28.59
C GLY C 213 -47.71 -17.84 28.28
N PRO C 214 -48.30 -17.24 27.27
CA PRO C 214 -49.67 -17.58 26.88
C PRO C 214 -49.73 -18.92 26.17
N ARG C 215 -49.90 -20.01 26.92
CA ARG C 215 -49.66 -21.36 26.42
C ARG C 215 -50.81 -21.92 25.58
N ASN C 216 -51.60 -21.04 24.96
CA ASN C 216 -52.72 -21.40 24.09
C ASN C 216 -52.33 -22.28 22.91
N GLY C 217 -51.48 -21.77 22.02
CA GLY C 217 -51.33 -22.33 20.69
C GLY C 217 -50.13 -23.24 20.54
N THR C 218 -49.80 -23.51 19.27
CA THR C 218 -48.65 -24.34 18.94
C THR C 218 -47.34 -23.58 18.95
N ALA C 219 -47.40 -22.26 19.15
CA ALA C 219 -46.18 -21.45 19.16
C ALA C 219 -45.49 -21.51 20.51
N TRP C 220 -46.25 -21.52 21.60
CA TRP C 220 -45.70 -21.38 22.94
C TRP C 220 -45.38 -22.74 23.57
N ILE C 221 -45.34 -23.80 22.78
CA ILE C 221 -45.08 -25.16 23.26
C ILE C 221 -44.02 -25.80 22.37
N TYR C 222 -42.98 -26.34 23.00
CA TYR C 222 -41.87 -26.97 22.30
C TYR C 222 -42.30 -28.26 21.63
N THR C 223 -41.84 -28.47 20.40
CA THR C 223 -41.94 -29.76 19.74
C THR C 223 -40.53 -30.28 19.50
N SER C 224 -40.43 -31.58 19.28
CA SER C 224 -39.14 -32.18 18.99
C SER C 224 -38.81 -32.04 17.51
N GLU C 225 -37.59 -32.39 17.14
CA GLU C 225 -37.13 -32.26 15.76
C GLU C 225 -37.62 -33.39 14.88
N LYS C 226 -38.33 -34.37 15.43
CA LYS C 226 -38.95 -35.44 14.65
C LYS C 226 -40.44 -35.24 14.50
N ASP C 227 -41.11 -34.73 15.55
CA ASP C 227 -42.54 -34.43 15.45
C ASP C 227 -42.80 -33.33 14.44
N LEU C 228 -41.91 -32.36 14.37
CA LEU C 228 -41.81 -31.47 13.22
C LEU C 228 -40.91 -32.15 12.20
N ASN C 229 -41.26 -32.05 10.92
CA ASN C 229 -40.57 -32.79 9.88
C ASN C 229 -39.38 -31.98 9.38
N GLY C 230 -38.39 -31.78 10.26
CA GLY C 230 -37.30 -30.87 9.99
C GLY C 230 -35.94 -31.52 10.16
N SER C 231 -34.91 -30.70 9.98
CA SER C 231 -33.54 -31.17 10.01
C SER C 231 -32.62 -30.02 10.38
N SER C 232 -31.34 -30.34 10.58
CA SER C 232 -30.36 -29.38 11.06
C SER C 232 -29.99 -28.37 9.98
N HIS C 233 -29.37 -27.26 10.41
CA HIS C 233 -28.86 -26.25 9.49
C HIS C 233 -27.67 -25.55 10.13
N TRP C 234 -26.69 -25.22 9.29
CA TRP C 234 -25.35 -24.79 9.72
C TRP C 234 -25.24 -23.28 9.57
N GLY C 235 -25.42 -22.56 10.67
CA GLY C 235 -25.39 -21.12 10.64
C GLY C 235 -23.99 -20.54 10.65
N ILE C 236 -23.86 -19.32 11.14
CA ILE C 236 -22.57 -18.65 11.20
C ILE C 236 -21.90 -18.84 12.55
N ILE C 237 -22.68 -18.87 13.63
CA ILE C 237 -22.12 -19.10 14.95
C ILE C 237 -22.08 -20.58 15.27
N ALA C 238 -23.24 -21.23 15.26
CA ALA C 238 -23.34 -22.63 15.63
C ALA C 238 -24.18 -23.35 14.59
N THR C 239 -24.46 -24.63 14.86
CA THR C 239 -25.31 -25.45 14.01
C THR C 239 -26.60 -25.72 14.78
N TYR C 240 -27.72 -25.28 14.23
CA TYR C 240 -28.97 -25.32 14.97
C TYR C 240 -29.76 -26.56 14.63
N SER C 241 -30.46 -27.09 15.63
CA SER C 241 -31.26 -28.29 15.43
C SER C 241 -32.56 -27.94 14.72
N GLY C 242 -33.36 -28.96 14.46
CA GLY C 242 -34.61 -28.79 13.74
C GLY C 242 -35.82 -28.54 14.59
N ALA C 243 -35.67 -28.57 15.90
CA ALA C 243 -36.80 -28.43 16.80
C ALA C 243 -37.04 -26.96 17.12
N GLY C 244 -37.97 -26.71 18.03
CA GLY C 244 -38.17 -25.36 18.49
C GLY C 244 -39.61 -24.98 18.72
N TYR C 245 -39.91 -23.70 18.53
CA TYR C 245 -41.21 -23.13 18.84
C TYR C 245 -41.75 -22.53 17.55
N TYR C 246 -42.52 -23.31 16.80
CA TYR C 246 -42.95 -22.87 15.47
C TYR C 246 -44.37 -22.31 15.53
N LEU C 247 -44.59 -21.26 14.75
CA LEU C 247 -45.94 -20.74 14.52
C LEU C 247 -46.18 -20.75 13.02
N ASP C 248 -47.29 -21.35 12.62
CA ASP C 248 -47.62 -21.55 11.22
C ASP C 248 -48.63 -20.48 10.79
N LEU C 249 -48.12 -19.41 10.18
CA LEU C 249 -48.93 -18.25 9.85
C LEU C 249 -49.85 -18.54 8.67
N SER C 250 -50.76 -17.60 8.36
CA SER C 250 -51.83 -17.86 7.41
C SER C 250 -51.52 -17.32 6.02
N ARG C 251 -52.54 -17.30 5.16
CA ARG C 251 -52.33 -17.09 3.73
C ARG C 251 -52.68 -15.68 3.27
N THR C 252 -53.29 -14.86 4.12
CA THR C 252 -53.70 -13.52 3.70
C THR C 252 -52.96 -12.46 4.50
N ARG C 253 -52.93 -11.24 3.96
CA ARG C 253 -52.27 -10.12 4.63
C ARG C 253 -52.96 -9.74 5.93
N GLU C 254 -54.28 -9.81 5.98
CA GLU C 254 -55.01 -9.34 7.14
C GLU C 254 -55.07 -10.38 8.26
N GLU C 255 -54.66 -11.62 7.99
CA GLU C 255 -54.74 -12.65 9.00
C GLU C 255 -53.36 -13.12 9.48
N THR C 256 -52.28 -12.60 8.91
CA THR C 256 -50.97 -12.80 9.50
C THR C 256 -50.51 -11.61 10.31
N ALA C 257 -50.83 -10.40 9.87
CA ALA C 257 -50.52 -9.20 10.62
C ALA C 257 -51.27 -9.12 11.94
N ALA C 258 -52.38 -9.85 12.08
CA ALA C 258 -52.96 -10.05 13.39
C ALA C 258 -52.14 -11.03 14.21
N GLN C 259 -51.65 -12.10 13.59
CA GLN C 259 -50.92 -13.12 14.33
C GLN C 259 -49.53 -12.65 14.73
N VAL C 260 -48.83 -11.93 13.84
CA VAL C 260 -47.49 -11.44 14.18
C VAL C 260 -47.57 -10.35 15.24
N ALA C 261 -48.58 -9.49 15.17
CA ALA C 261 -48.74 -8.47 16.20
C ALA C 261 -49.22 -9.04 17.52
N SER C 262 -49.81 -10.24 17.51
CA SER C 262 -50.11 -10.91 18.76
C SER C 262 -48.90 -11.62 19.33
N LEU C 263 -47.84 -11.78 18.54
CA LEU C 263 -46.53 -12.20 19.05
C LEU C 263 -45.64 -11.03 19.41
N LYS C 264 -46.10 -9.80 19.27
CA LYS C 264 -45.33 -8.67 19.78
C LYS C 264 -45.93 -8.13 21.08
N LYS C 265 -47.26 -8.13 21.18
CA LYS C 265 -47.93 -7.73 22.41
C LYS C 265 -47.59 -8.69 23.54
N ASN C 266 -47.78 -9.98 23.31
CA ASN C 266 -47.13 -10.99 24.13
C ASN C 266 -45.66 -11.07 23.71
N VAL C 267 -44.77 -11.21 24.69
CA VAL C 267 -43.35 -11.17 24.42
C VAL C 267 -42.90 -12.53 23.91
N TRP C 268 -42.53 -12.59 22.64
CA TRP C 268 -42.12 -13.82 21.97
C TRP C 268 -40.61 -13.90 21.78
N LEU C 269 -39.93 -12.76 21.81
CA LEU C 269 -38.48 -12.71 21.70
C LEU C 269 -37.93 -11.95 22.89
N ASP C 270 -37.18 -12.65 23.73
CA ASP C 270 -36.57 -12.06 24.91
C ASP C 270 -35.09 -12.37 24.88
N ARG C 271 -34.41 -12.17 26.02
CA ARG C 271 -32.97 -12.39 26.08
C ARG C 271 -32.56 -13.85 25.98
N GLY C 272 -33.49 -14.79 26.03
CA GLY C 272 -33.13 -16.19 26.00
C GLY C 272 -33.27 -16.85 24.64
N THR C 273 -33.34 -16.06 23.57
CA THR C 273 -33.50 -16.62 22.25
C THR C 273 -32.18 -16.53 21.49
N ARG C 274 -31.91 -17.54 20.67
CA ARG C 274 -30.68 -17.56 19.91
C ARG C 274 -30.86 -17.39 18.42
N ALA C 275 -31.94 -17.90 17.83
CA ALA C 275 -32.14 -17.79 16.39
C ALA C 275 -33.61 -17.95 16.07
N THR C 276 -34.09 -17.17 15.11
CA THR C 276 -35.39 -17.37 14.47
C THR C 276 -35.17 -17.35 12.97
N PHE C 277 -35.97 -18.11 12.24
CA PHE C 277 -35.86 -18.08 10.78
C PHE C 277 -37.17 -18.47 10.12
N ILE C 278 -37.34 -17.95 8.90
CA ILE C 278 -38.59 -17.94 8.17
C ILE C 278 -38.40 -18.77 6.91
N ASP C 279 -39.40 -19.56 6.55
CA ASP C 279 -39.31 -20.45 5.41
C ASP C 279 -40.61 -20.44 4.62
N PHE C 280 -40.50 -20.34 3.30
CA PHE C 280 -41.63 -20.48 2.39
C PHE C 280 -41.12 -20.91 1.03
N SER C 281 -42.03 -21.08 0.08
CA SER C 281 -41.66 -21.52 -1.27
C SER C 281 -42.56 -20.85 -2.28
N VAL C 282 -41.99 -20.53 -3.45
CA VAL C 282 -42.66 -19.74 -4.47
C VAL C 282 -42.45 -20.40 -5.82
N TYR C 283 -43.53 -20.62 -6.57
CA TYR C 283 -43.48 -21.32 -7.86
C TYR C 283 -43.96 -20.40 -8.98
N ASN C 284 -43.17 -20.33 -10.05
CA ASN C 284 -43.58 -19.63 -11.27
C ASN C 284 -44.45 -20.51 -12.14
N ALA C 285 -45.40 -19.88 -12.82
CA ALA C 285 -46.12 -20.53 -13.90
C ALA C 285 -45.45 -20.33 -15.24
N ASN C 286 -44.77 -19.20 -15.43
CA ASN C 286 -44.16 -18.89 -16.71
C ASN C 286 -42.90 -19.71 -16.94
N ILE C 287 -42.16 -20.02 -15.87
CA ILE C 287 -41.02 -20.91 -15.92
C ILE C 287 -41.32 -22.09 -15.00
N ASN C 288 -40.98 -23.29 -15.44
CA ASN C 288 -41.18 -24.48 -14.63
C ASN C 288 -40.07 -24.57 -13.59
N LEU C 289 -40.16 -23.73 -12.56
CA LEU C 289 -39.07 -23.57 -11.60
C LEU C 289 -39.61 -22.90 -10.35
N PHE C 290 -39.12 -23.36 -9.19
CA PHE C 290 -39.65 -22.95 -7.90
C PHE C 290 -38.52 -22.58 -6.94
N CYS C 291 -38.59 -21.39 -6.36
CA CYS C 291 -37.63 -20.96 -5.34
C CYS C 291 -38.09 -21.33 -3.94
N VAL C 292 -37.12 -21.62 -3.09
CA VAL C 292 -37.33 -21.97 -1.69
C VAL C 292 -36.48 -21.03 -0.85
N VAL C 293 -37.13 -20.17 -0.08
CA VAL C 293 -36.44 -19.11 0.65
C VAL C 293 -36.22 -19.55 2.08
N ARG C 294 -35.15 -19.03 2.69
CA ARG C 294 -34.91 -19.20 4.12
C ARG C 294 -34.18 -17.96 4.62
N LEU C 295 -34.64 -17.40 5.74
CA LEU C 295 -34.13 -16.12 6.25
C LEU C 295 -33.72 -16.27 7.71
N LEU C 296 -32.47 -16.66 7.96
CA LEU C 296 -31.98 -16.74 9.33
C LEU C 296 -31.77 -15.35 9.92
N VAL C 297 -32.09 -15.21 11.19
CA VAL C 297 -31.62 -14.13 12.04
C VAL C 297 -31.19 -14.78 13.34
N GLU C 298 -29.90 -14.70 13.66
CA GLU C 298 -29.43 -15.34 14.86
C GLU C 298 -28.91 -14.31 15.85
N PHE C 299 -29.29 -14.51 17.11
CA PHE C 299 -29.00 -13.58 18.19
C PHE C 299 -27.89 -14.19 19.03
N PRO C 300 -26.69 -13.60 19.06
CA PRO C 300 -25.62 -14.18 19.88
C PRO C 300 -25.84 -13.86 21.34
N ALA C 301 -25.04 -14.48 22.20
CA ALA C 301 -24.80 -13.87 23.49
C ALA C 301 -24.03 -12.58 23.28
N THR C 302 -24.19 -11.64 24.22
CA THR C 302 -23.89 -10.21 24.03
C THR C 302 -24.63 -9.70 22.80
N GLY C 303 -25.96 -9.67 22.92
CA GLY C 303 -26.87 -9.78 21.80
C GLY C 303 -26.81 -8.64 20.82
N GLY C 304 -26.35 -8.96 19.62
CA GLY C 304 -26.61 -8.17 18.44
C GLY C 304 -27.55 -8.92 17.53
N VAL C 305 -27.36 -8.79 16.22
CA VAL C 305 -28.15 -9.49 15.22
C VAL C 305 -27.22 -9.85 14.07
N ILE C 306 -27.22 -11.12 13.69
CA ILE C 306 -26.46 -11.59 12.53
C ILE C 306 -27.44 -12.19 11.53
N PRO C 307 -27.82 -11.49 10.47
CA PRO C 307 -28.77 -12.06 9.52
C PRO C 307 -28.11 -12.89 8.44
N SER C 308 -28.88 -13.79 7.84
CA SER C 308 -28.39 -14.67 6.78
C SER C 308 -29.58 -15.16 5.98
N TRP C 309 -29.33 -15.47 4.71
CA TRP C 309 -30.40 -15.85 3.80
C TRP C 309 -29.95 -16.94 2.84
N GLN C 310 -30.92 -17.50 2.11
CA GLN C 310 -30.67 -18.58 1.16
C GLN C 310 -31.85 -18.65 0.20
N PHE C 311 -31.60 -18.35 -1.07
CA PHE C 311 -32.61 -18.41 -2.12
C PHE C 311 -32.13 -19.39 -3.17
N GLN C 312 -32.94 -20.43 -3.43
CA GLN C 312 -32.53 -21.44 -4.41
C GLN C 312 -33.70 -21.86 -5.28
N PRO C 313 -33.61 -21.69 -6.58
CA PRO C 313 -34.62 -22.26 -7.48
C PRO C 313 -34.39 -23.76 -7.67
N LEU C 314 -35.47 -24.44 -8.03
CA LEU C 314 -35.43 -25.88 -8.20
C LEU C 314 -36.44 -26.29 -9.25
N LYS C 315 -35.98 -26.96 -10.31
CA LYS C 315 -36.88 -27.61 -11.23
C LYS C 315 -37.34 -28.93 -10.62
N LEU C 316 -38.67 -29.07 -10.49
CA LEU C 316 -39.19 -30.26 -9.84
C LEU C 316 -40.28 -30.90 -10.69
N ILE C 317 -40.72 -30.23 -11.75
CA ILE C 317 -41.55 -30.86 -12.76
C ILE C 317 -40.72 -30.91 -14.03
N ARG C 318 -40.62 -32.09 -14.65
CA ARG C 318 -39.61 -32.28 -15.69
C ARG C 318 -40.13 -32.28 -17.13
N TYR C 319 -41.27 -32.88 -17.43
CA TYR C 319 -41.64 -33.24 -18.80
C TYR C 319 -42.62 -32.23 -19.40
N VAL C 320 -42.10 -31.33 -20.23
CA VAL C 320 -42.95 -30.32 -20.87
C VAL C 320 -42.79 -30.36 -22.38
N THR C 321 -41.58 -30.12 -22.88
CA THR C 321 -41.34 -29.99 -24.32
C THR C 321 -40.27 -30.95 -24.79
N THR C 322 -39.78 -30.78 -26.02
CA THR C 322 -38.82 -31.72 -26.59
C THR C 322 -37.46 -31.65 -25.90
N PHE C 323 -37.08 -30.48 -25.38
CA PHE C 323 -35.72 -30.33 -24.87
C PHE C 323 -35.54 -30.96 -23.51
N ASP C 324 -36.52 -30.79 -22.61
CA ASP C 324 -36.48 -31.48 -21.32
C ASP C 324 -36.99 -32.92 -21.40
N PHE C 325 -37.29 -33.39 -22.61
CA PHE C 325 -37.24 -34.79 -22.99
C PHE C 325 -35.82 -35.18 -23.38
N PHE C 326 -35.14 -34.28 -24.09
CA PHE C 326 -33.79 -34.54 -24.57
C PHE C 326 -32.77 -34.53 -23.44
N LEU C 327 -33.01 -33.75 -22.39
CA LEU C 327 -32.15 -33.83 -21.23
C LEU C 327 -32.37 -35.13 -20.47
N ALA C 328 -33.58 -35.68 -20.53
CA ALA C 328 -33.82 -37.00 -19.97
C ALA C 328 -33.16 -38.08 -20.81
N ALA C 329 -33.07 -37.87 -22.12
CA ALA C 329 -32.36 -38.79 -22.99
C ALA C 329 -30.85 -38.63 -22.91
N CYS C 330 -30.37 -37.53 -22.34
CA CYS C 330 -28.94 -37.30 -22.18
C CYS C 330 -28.44 -37.73 -20.81
N GLU C 331 -29.33 -38.03 -19.87
CA GLU C 331 -28.93 -38.56 -18.58
C GLU C 331 -28.60 -40.04 -18.66
N ILE C 332 -29.34 -40.80 -19.46
CA ILE C 332 -29.09 -42.24 -19.56
C ILE C 332 -27.85 -42.53 -20.39
N ILE C 333 -27.54 -41.67 -21.37
CA ILE C 333 -26.30 -41.82 -22.12
C ILE C 333 -25.09 -41.54 -21.25
N PHE C 334 -25.22 -40.60 -20.31
CA PHE C 334 -24.17 -40.40 -19.30
C PHE C 334 -24.03 -41.61 -18.39
N CYS C 335 -25.12 -42.28 -18.08
CA CYS C 335 -25.05 -43.49 -17.26
C CYS C 335 -24.42 -44.65 -18.00
N PHE C 336 -24.49 -44.66 -19.33
CA PHE C 336 -23.84 -45.71 -20.10
C PHE C 336 -22.33 -45.55 -20.11
N PHE C 337 -21.84 -44.31 -20.19
CA PHE C 337 -20.40 -44.09 -20.21
C PHE C 337 -19.76 -44.35 -18.87
N ILE C 338 -20.45 -44.09 -17.77
CA ILE C 338 -19.91 -44.43 -16.46
C ILE C 338 -19.96 -45.93 -16.23
N PHE C 339 -20.96 -46.62 -16.78
CA PHE C 339 -20.94 -48.06 -16.79
C PHE C 339 -19.87 -48.60 -17.73
N TYR C 340 -19.54 -47.85 -18.78
CA TYR C 340 -18.46 -48.23 -19.68
C TYR C 340 -17.09 -48.08 -19.03
N TYR C 341 -16.93 -47.11 -18.14
CA TYR C 341 -15.62 -46.89 -17.53
C TYR C 341 -15.35 -47.82 -16.36
N VAL C 342 -16.37 -48.25 -15.62
CA VAL C 342 -16.13 -49.12 -14.48
C VAL C 342 -15.81 -50.54 -14.90
N VAL C 343 -16.23 -50.93 -16.11
CA VAL C 343 -15.78 -52.20 -16.67
C VAL C 343 -14.28 -52.11 -16.98
N GLU C 344 -13.86 -51.01 -17.60
CA GLU C 344 -12.46 -50.76 -17.92
C GLU C 344 -11.60 -50.53 -16.68
N GLU C 345 -12.21 -50.17 -15.56
CA GLU C 345 -11.45 -49.97 -14.32
C GLU C 345 -11.00 -51.29 -13.72
N ILE C 346 -11.90 -52.28 -13.65
CA ILE C 346 -11.51 -53.58 -13.12
C ILE C 346 -10.94 -54.48 -14.21
N LEU C 347 -10.96 -54.03 -15.47
CA LEU C 347 -10.23 -54.74 -16.52
C LEU C 347 -8.78 -54.32 -16.54
N GLU C 348 -8.44 -53.19 -15.95
CA GLU C 348 -7.07 -52.70 -15.92
C GLU C 348 -6.40 -52.92 -14.57
N ILE C 349 -7.16 -53.18 -13.50
CA ILE C 349 -6.52 -53.51 -12.23
C ILE C 349 -6.32 -55.01 -12.08
N ARG C 350 -7.19 -55.83 -12.68
CA ARG C 350 -7.18 -57.27 -12.42
C ARG C 350 -6.10 -58.01 -13.22
N ILE C 351 -6.17 -57.96 -14.55
CA ILE C 351 -5.38 -58.86 -15.39
C ILE C 351 -3.91 -58.45 -15.41
N HIS C 352 -3.62 -57.17 -15.21
CA HIS C 352 -2.24 -56.72 -15.07
C HIS C 352 -2.22 -55.46 -14.21
N LYS C 353 -1.00 -54.98 -13.96
CA LYS C 353 -0.64 -53.72 -13.28
C LYS C 353 -1.44 -53.42 -12.01
N LEU C 354 -1.79 -54.45 -11.25
CA LEU C 354 -2.39 -54.26 -9.93
C LEU C 354 -1.39 -53.56 -9.01
N HIS C 355 -1.84 -52.47 -8.39
CA HIS C 355 -1.06 -51.49 -7.62
C HIS C 355 0.05 -50.83 -8.47
N TYR C 356 0.00 -50.97 -9.79
CA TYR C 356 0.81 -50.17 -10.69
C TYR C 356 -0.11 -49.18 -11.39
N PHE C 357 -1.11 -48.72 -10.65
CA PHE C 357 -2.17 -47.91 -11.21
C PHE C 357 -2.01 -46.48 -10.70
N ARG C 358 -0.75 -46.06 -10.55
CA ARG C 358 -0.41 -44.85 -9.80
C ARG C 358 0.47 -43.92 -10.64
N SER C 359 0.04 -43.64 -11.88
CA SER C 359 0.80 -42.79 -12.78
C SER C 359 0.07 -41.49 -13.11
N PHE C 360 -0.89 -41.11 -12.26
CA PHE C 360 -1.63 -39.84 -12.22
C PHE C 360 -2.64 -39.68 -13.36
N TRP C 361 -2.58 -40.50 -14.39
CA TRP C 361 -3.69 -40.53 -15.33
C TRP C 361 -4.59 -41.71 -15.06
N ASN C 362 -4.19 -42.58 -14.16
CA ASN C 362 -5.05 -43.62 -13.63
C ASN C 362 -5.66 -43.22 -12.30
N CYS C 363 -5.04 -42.28 -11.59
CA CYS C 363 -5.64 -41.75 -10.37
C CYS C 363 -6.71 -40.71 -10.66
N LEU C 364 -6.54 -39.91 -11.72
CA LEU C 364 -7.58 -38.99 -12.16
C LEU C 364 -8.78 -39.75 -12.71
N ASP C 365 -8.57 -40.93 -13.28
CA ASP C 365 -9.70 -41.72 -13.76
C ASP C 365 -10.48 -42.32 -12.61
N VAL C 366 -9.86 -42.46 -11.44
CA VAL C 366 -10.61 -42.91 -10.28
C VAL C 366 -11.45 -41.79 -9.69
N VAL C 367 -10.93 -40.56 -9.69
CA VAL C 367 -11.64 -39.45 -9.06
C VAL C 367 -12.87 -39.06 -9.87
N ILE C 368 -12.76 -39.09 -11.20
CA ILE C 368 -13.92 -38.77 -12.04
C ILE C 368 -15.00 -39.84 -11.93
N VAL C 369 -14.63 -41.09 -11.65
CA VAL C 369 -15.64 -42.14 -11.63
C VAL C 369 -16.22 -42.33 -10.24
N VAL C 370 -15.52 -41.89 -9.20
CA VAL C 370 -16.10 -41.89 -7.86
C VAL C 370 -17.07 -40.72 -7.71
N LEU C 371 -16.67 -39.53 -8.15
CA LEU C 371 -17.54 -38.37 -8.08
C LEU C 371 -18.73 -38.46 -9.01
N SER C 372 -18.66 -39.27 -10.07
CA SER C 372 -19.81 -39.41 -10.94
C SER C 372 -20.88 -40.31 -10.34
N VAL C 373 -20.50 -41.41 -9.70
CA VAL C 373 -21.50 -42.32 -9.13
C VAL C 373 -22.09 -41.76 -7.84
N VAL C 374 -21.40 -40.85 -7.16
CA VAL C 374 -22.03 -40.13 -6.07
C VAL C 374 -23.10 -39.18 -6.61
N ALA C 375 -22.81 -38.50 -7.71
CA ALA C 375 -23.78 -37.62 -8.34
C ALA C 375 -24.93 -38.38 -9.00
N ILE C 376 -24.71 -39.65 -9.36
CA ILE C 376 -25.83 -40.47 -9.80
C ILE C 376 -26.74 -40.80 -8.63
N GLY C 377 -26.16 -41.11 -7.48
CA GLY C 377 -26.97 -41.50 -6.33
C GLY C 377 -27.75 -40.36 -5.73
N ILE C 378 -27.22 -39.14 -5.79
CA ILE C 378 -27.96 -37.97 -5.34
C ILE C 378 -29.12 -37.67 -6.29
N ASN C 379 -28.88 -37.82 -7.59
CA ASN C 379 -29.91 -37.53 -8.58
C ASN C 379 -31.00 -38.58 -8.60
N ILE C 380 -30.75 -39.76 -8.01
CA ILE C 380 -31.77 -40.80 -7.92
C ILE C 380 -32.52 -40.71 -6.59
N TYR C 381 -31.82 -40.83 -5.47
CA TYR C 381 -32.48 -41.02 -4.18
C TYR C 381 -32.89 -39.72 -3.52
N ARG C 382 -32.18 -38.62 -3.77
CA ARG C 382 -32.36 -37.44 -2.94
C ARG C 382 -32.96 -36.26 -3.70
N THR C 383 -32.93 -36.26 -5.03
CA THR C 383 -33.57 -35.17 -5.74
C THR C 383 -34.73 -35.64 -6.61
N SER C 384 -34.78 -36.94 -6.92
CA SER C 384 -35.92 -37.51 -7.62
C SER C 384 -36.95 -38.10 -6.66
N ASN C 385 -36.91 -37.69 -5.40
CA ASN C 385 -37.92 -38.06 -4.41
C ASN C 385 -38.95 -36.94 -4.31
N VAL C 386 -39.93 -36.97 -5.22
CA VAL C 386 -40.93 -35.92 -5.34
C VAL C 386 -42.19 -36.40 -4.61
N GLU C 387 -42.01 -37.33 -3.67
CA GLU C 387 -43.08 -37.79 -2.80
C GLU C 387 -43.36 -36.82 -1.66
N VAL C 388 -42.67 -35.69 -1.62
CA VAL C 388 -43.05 -34.60 -0.72
C VAL C 388 -43.97 -33.61 -1.44
N LEU C 389 -43.65 -33.27 -2.69
CA LEU C 389 -44.45 -32.31 -3.44
C LEU C 389 -45.81 -32.85 -3.81
N LEU C 390 -45.93 -34.16 -4.01
CA LEU C 390 -47.24 -34.72 -4.31
C LEU C 390 -48.15 -34.76 -3.09
N GLN C 391 -47.57 -34.72 -1.89
CA GLN C 391 -48.39 -34.57 -0.69
C GLN C 391 -48.91 -33.14 -0.53
N PHE C 392 -48.19 -32.15 -1.08
CA PHE C 392 -48.62 -30.77 -0.93
C PHE C 392 -49.54 -30.32 -2.05
N LEU C 393 -49.41 -30.94 -3.24
CA LEU C 393 -50.25 -30.54 -4.36
C LEU C 393 -51.70 -30.92 -4.17
N GLU C 394 -52.00 -31.86 -3.26
CA GLU C 394 -53.37 -32.09 -2.86
C GLU C 394 -53.86 -30.98 -1.93
N ASP C 395 -53.11 -30.70 -0.86
CA ASP C 395 -53.54 -29.78 0.18
C ASP C 395 -52.85 -28.43 0.02
N GLN C 396 -53.61 -27.44 -0.46
CA GLN C 396 -53.10 -26.10 -0.73
C GLN C 396 -53.16 -25.19 0.51
N ASN C 397 -53.16 -25.75 1.72
CA ASN C 397 -53.33 -24.92 2.90
C ASN C 397 -52.28 -25.21 3.98
N THR C 398 -51.36 -26.13 3.75
CA THR C 398 -50.38 -26.48 4.75
C THR C 398 -49.00 -25.93 4.37
N PHE C 399 -48.00 -26.25 5.18
CA PHE C 399 -46.64 -25.82 4.91
C PHE C 399 -45.90 -26.86 4.08
N PRO C 400 -45.34 -26.47 2.94
CA PRO C 400 -44.55 -27.42 2.16
C PRO C 400 -43.11 -27.52 2.62
N ASN C 401 -42.70 -28.72 3.04
CA ASN C 401 -41.33 -28.94 3.49
C ASN C 401 -40.38 -29.19 2.33
N PHE C 402 -39.80 -28.12 1.78
CA PHE C 402 -38.80 -28.29 0.72
C PHE C 402 -37.39 -28.06 1.22
N GLU C 403 -37.16 -28.10 2.53
CA GLU C 403 -35.82 -27.84 3.04
C GLU C 403 -34.92 -29.05 2.93
N HIS C 404 -35.46 -30.26 3.07
CA HIS C 404 -34.68 -31.46 2.87
C HIS C 404 -34.45 -31.75 1.41
N LEU C 405 -35.27 -31.18 0.54
CA LEU C 405 -35.16 -31.35 -0.91
C LEU C 405 -34.20 -30.35 -1.52
N ALA C 406 -34.11 -29.14 -0.97
CA ALA C 406 -33.23 -28.11 -1.51
C ALA C 406 -31.83 -28.16 -0.94
N TYR C 407 -31.59 -28.99 0.07
CA TYR C 407 -30.23 -29.17 0.54
C TYR C 407 -29.43 -30.04 -0.40
N TRP C 408 -30.07 -31.05 -1.01
CA TRP C 408 -29.37 -31.90 -1.94
C TRP C 408 -29.22 -31.28 -3.32
N GLN C 409 -29.78 -30.09 -3.54
CA GLN C 409 -29.48 -29.35 -4.75
C GLN C 409 -28.15 -28.62 -4.64
N ILE C 410 -27.75 -28.24 -3.43
CA ILE C 410 -26.40 -27.72 -3.22
C ILE C 410 -25.37 -28.79 -3.50
N GLN C 411 -25.59 -29.99 -2.94
CA GLN C 411 -24.64 -31.07 -3.07
C GLN C 411 -24.56 -31.59 -4.49
N PHE C 412 -25.67 -31.57 -5.22
CA PHE C 412 -25.62 -31.98 -6.61
C PHE C 412 -24.92 -30.95 -7.48
N ASN C 413 -25.00 -29.67 -7.13
CA ASN C 413 -24.27 -28.67 -7.91
C ASN C 413 -22.83 -28.51 -7.47
N ASN C 414 -22.45 -29.01 -6.30
CA ASN C 414 -21.05 -29.01 -5.94
C ASN C 414 -20.32 -30.21 -6.52
N ILE C 415 -20.97 -31.37 -6.55
CA ILE C 415 -20.33 -32.57 -7.08
C ILE C 415 -20.29 -32.54 -8.60
N ALA C 416 -21.35 -32.08 -9.25
CA ALA C 416 -21.36 -32.04 -10.71
C ALA C 416 -20.64 -30.83 -11.28
N ALA C 417 -19.96 -30.04 -10.46
CA ALA C 417 -19.10 -28.99 -10.97
C ALA C 417 -17.63 -29.23 -10.70
N VAL C 418 -17.32 -30.01 -9.67
CA VAL C 418 -15.96 -30.52 -9.52
C VAL C 418 -15.70 -31.60 -10.56
N THR C 419 -16.73 -32.38 -10.91
CA THR C 419 -16.59 -33.39 -11.94
C THR C 419 -16.33 -32.79 -13.31
N VAL C 420 -17.00 -31.69 -13.64
CA VAL C 420 -16.73 -30.98 -14.89
C VAL C 420 -15.34 -30.38 -14.89
N PHE C 421 -14.85 -29.96 -13.72
CA PHE C 421 -13.48 -29.45 -13.63
C PHE C 421 -12.45 -30.55 -13.84
N PHE C 422 -12.73 -31.77 -13.40
CA PHE C 422 -11.81 -32.87 -13.58
C PHE C 422 -12.00 -33.59 -14.90
N VAL C 423 -12.83 -33.06 -15.79
CA VAL C 423 -12.88 -33.54 -17.16
C VAL C 423 -11.97 -32.70 -18.06
N TRP C 424 -11.94 -31.39 -17.86
CA TRP C 424 -11.08 -30.55 -18.67
C TRP C 424 -9.61 -30.71 -18.30
N ILE C 425 -9.31 -31.23 -17.12
CA ILE C 425 -7.91 -31.49 -16.78
C ILE C 425 -7.39 -32.72 -17.49
N LYS C 426 -8.24 -33.71 -17.75
CA LYS C 426 -7.78 -34.91 -18.44
C LYS C 426 -7.66 -34.68 -19.95
N LEU C 427 -7.95 -33.48 -20.43
CA LEU C 427 -7.58 -33.11 -21.79
C LEU C 427 -6.06 -32.98 -21.93
N PHE C 428 -5.36 -32.73 -20.81
CA PHE C 428 -3.90 -32.66 -20.82
C PHE C 428 -3.24 -33.99 -21.12
N LYS C 429 -3.94 -35.11 -20.91
CA LYS C 429 -3.39 -36.41 -21.24
C LYS C 429 -3.30 -36.60 -22.75
N PHE C 430 -4.16 -35.91 -23.50
CA PHE C 430 -4.26 -36.14 -24.93
C PHE C 430 -3.57 -35.08 -25.77
N ILE C 431 -3.27 -33.91 -25.18
CA ILE C 431 -2.99 -32.71 -25.98
C ILE C 431 -1.69 -32.81 -26.78
N ASN C 432 -0.53 -32.93 -26.13
CA ASN C 432 0.58 -33.84 -26.44
C ASN C 432 0.72 -34.22 -27.92
N PHE C 433 0.68 -33.22 -28.80
CA PHE C 433 0.82 -33.49 -30.23
C PHE C 433 2.15 -33.06 -30.79
N ASN C 434 2.53 -31.79 -30.62
CA ASN C 434 3.70 -31.25 -31.28
C ASN C 434 4.97 -31.68 -30.57
N ARG C 435 6.10 -31.29 -31.15
CA ARG C 435 7.36 -31.41 -30.43
C ARG C 435 7.43 -30.38 -29.31
N THR C 436 6.88 -29.19 -29.55
CA THR C 436 6.88 -28.11 -28.57
C THR C 436 5.75 -28.24 -27.56
N MET C 437 4.94 -29.28 -27.68
CA MET C 437 3.97 -29.61 -26.64
C MET C 437 4.49 -30.67 -25.69
N SER C 438 5.35 -31.55 -26.15
CA SER C 438 5.98 -32.51 -25.25
C SER C 438 7.02 -31.87 -24.36
N GLN C 439 7.65 -30.78 -24.83
CA GLN C 439 8.65 -30.09 -24.02
C GLN C 439 8.01 -29.37 -22.84
N LEU C 440 6.75 -28.95 -22.97
CA LEU C 440 6.07 -28.24 -21.90
C LEU C 440 5.37 -29.18 -20.94
N SER C 441 5.21 -30.45 -21.31
CA SER C 441 4.70 -31.46 -20.40
C SER C 441 5.84 -32.16 -19.66
N THR C 442 6.98 -32.33 -20.32
CA THR C 442 8.17 -32.88 -19.65
C THR C 442 8.70 -31.90 -18.61
N THR C 443 8.53 -30.60 -18.85
CA THR C 443 8.96 -29.59 -17.90
C THR C 443 8.16 -29.64 -16.61
N MET C 444 6.82 -29.60 -16.72
CA MET C 444 5.97 -29.57 -15.54
C MET C 444 5.90 -30.90 -14.81
N SER C 445 6.32 -32.00 -15.44
CA SER C 445 6.23 -33.28 -14.77
C SER C 445 7.55 -33.67 -14.11
N ARG C 446 8.67 -33.18 -14.62
CA ARG C 446 9.94 -33.43 -13.97
C ARG C 446 10.23 -32.38 -12.89
N CYS C 447 9.43 -31.32 -12.83
CA CYS C 447 9.60 -30.28 -11.83
C CYS C 447 8.86 -30.57 -10.54
N ALA C 448 7.68 -31.22 -10.63
CA ALA C 448 6.74 -31.29 -9.52
C ALA C 448 7.25 -32.08 -8.32
N LYS C 449 8.32 -32.86 -8.48
CA LYS C 449 9.00 -33.41 -7.31
C LYS C 449 9.67 -32.31 -6.51
N ASP C 450 10.42 -31.43 -7.18
CA ASP C 450 11.10 -30.33 -6.50
C ASP C 450 10.13 -29.23 -6.11
N LEU C 451 9.06 -29.05 -6.87
CA LEU C 451 8.14 -27.94 -6.65
C LEU C 451 7.20 -28.22 -5.50
N PHE C 452 6.85 -29.48 -5.27
CA PHE C 452 6.08 -29.84 -4.09
C PHE C 452 6.90 -29.72 -2.83
N GLY C 453 8.21 -29.94 -2.93
CA GLY C 453 9.07 -29.80 -1.78
C GLY C 453 9.17 -28.39 -1.27
N PHE C 454 9.09 -27.40 -2.15
CA PHE C 454 9.13 -26.02 -1.69
C PHE C 454 7.74 -25.52 -1.32
N ALA C 455 6.69 -26.14 -1.83
CA ALA C 455 5.36 -25.75 -1.43
C ALA C 455 5.02 -26.16 0.00
N ILE C 456 5.82 -27.02 0.61
CA ILE C 456 5.69 -27.29 2.04
C ILE C 456 6.42 -26.23 2.84
N MET C 457 7.62 -25.85 2.39
CA MET C 457 8.34 -24.77 3.06
C MET C 457 7.69 -23.41 2.85
N PHE C 458 6.88 -23.26 1.82
CA PHE C 458 6.16 -22.01 1.64
C PHE C 458 5.03 -21.89 2.65
N PHE C 459 4.28 -22.95 2.87
CA PHE C 459 3.12 -22.88 3.74
C PHE C 459 3.47 -22.81 5.22
N ILE C 460 4.64 -23.28 5.62
CA ILE C 460 4.98 -23.19 7.05
C ILE C 460 5.32 -21.76 7.42
N ILE C 461 5.95 -21.01 6.52
CA ILE C 461 6.07 -19.58 6.72
C ILE C 461 4.71 -18.92 6.58
N PHE C 462 3.89 -19.40 5.64
CA PHE C 462 2.60 -18.80 5.38
C PHE C 462 1.61 -19.07 6.51
N LEU C 463 1.65 -20.24 7.11
CA LEU C 463 0.80 -20.56 8.25
C LEU C 463 1.42 -20.14 9.57
N ALA C 464 2.54 -19.45 9.54
CA ALA C 464 3.07 -18.86 10.76
C ALA C 464 2.78 -17.38 10.85
N TYR C 465 2.63 -16.71 9.70
CA TYR C 465 2.05 -15.37 9.72
C TYR C 465 0.58 -15.41 10.05
N ALA C 466 -0.13 -16.47 9.65
CA ALA C 466 -1.53 -16.60 10.02
C ALA C 466 -1.72 -16.86 11.50
N GLN C 467 -0.72 -17.46 12.16
CA GLN C 467 -0.74 -17.54 13.62
C GLN C 467 -0.57 -16.18 14.25
N LEU C 468 0.33 -15.36 13.71
CA LEU C 468 0.63 -14.08 14.33
C LEU C 468 -0.51 -13.10 14.14
N ALA C 469 -1.09 -13.04 12.96
CA ALA C 469 -2.11 -12.04 12.70
C ALA C 469 -3.41 -12.39 13.40
N TYR C 470 -3.70 -13.67 13.56
CA TYR C 470 -4.91 -14.08 14.27
C TYR C 470 -4.85 -13.74 15.74
N LEU C 471 -3.66 -13.84 16.35
CA LEU C 471 -3.54 -13.56 17.77
C LEU C 471 -3.41 -12.09 18.07
N VAL C 472 -2.94 -11.28 17.12
CA VAL C 472 -2.73 -9.87 17.35
C VAL C 472 -3.90 -9.04 16.84
N PHE C 473 -4.35 -9.30 15.62
CA PHE C 473 -5.37 -8.49 14.99
C PHE C 473 -6.75 -9.08 15.14
N GLY C 474 -6.87 -10.25 15.76
CA GLY C 474 -8.10 -11.01 15.76
C GLY C 474 -9.21 -10.48 16.63
N THR C 475 -8.96 -9.41 17.38
CA THR C 475 -10.00 -8.80 18.19
C THR C 475 -10.44 -7.45 17.66
N GLN C 476 -9.68 -6.84 16.75
CA GLN C 476 -9.99 -5.50 16.30
C GLN C 476 -10.48 -5.45 14.87
N VAL C 477 -9.95 -6.30 14.00
CA VAL C 477 -10.13 -6.16 12.56
C VAL C 477 -11.09 -7.23 12.07
N ASP C 478 -12.03 -6.82 11.20
CA ASP C 478 -12.97 -7.74 10.58
C ASP C 478 -12.28 -8.77 9.71
N ASP C 479 -11.22 -8.38 9.01
CA ASP C 479 -10.56 -9.24 8.04
C ASP C 479 -9.70 -10.31 8.69
N PHE C 480 -9.51 -10.27 10.01
CA PHE C 480 -8.73 -11.26 10.72
C PHE C 480 -9.57 -11.93 11.80
N SER C 481 -10.84 -12.15 11.52
CA SER C 481 -11.79 -12.52 12.56
C SER C 481 -11.61 -13.96 13.01
N THR C 482 -11.54 -14.90 12.08
CA THR C 482 -11.30 -16.30 12.38
C THR C 482 -10.03 -16.76 11.69
N PHE C 483 -9.51 -17.91 12.11
CA PHE C 483 -8.29 -18.40 11.51
C PHE C 483 -8.50 -18.88 10.09
N GLN C 484 -9.71 -19.38 9.78
CA GLN C 484 -10.02 -19.74 8.41
C GLN C 484 -10.02 -18.53 7.50
N GLU C 485 -10.34 -17.36 8.05
CA GLU C 485 -10.44 -16.14 7.29
C GLU C 485 -9.21 -15.26 7.47
N CYS C 486 -8.28 -15.65 8.35
CA CYS C 486 -6.95 -15.04 8.35
C CYS C 486 -6.09 -15.57 7.23
N ILE C 487 -6.36 -16.78 6.74
CA ILE C 487 -5.61 -17.32 5.63
C ILE C 487 -6.03 -16.65 4.33
N PHE C 488 -7.33 -16.43 4.17
CA PHE C 488 -7.88 -15.93 2.92
C PHE C 488 -7.46 -14.48 2.69
N THR C 489 -7.25 -13.74 3.76
CA THR C 489 -6.82 -12.36 3.69
C THR C 489 -5.32 -12.19 3.54
N GLN C 490 -4.55 -13.27 3.61
CA GLN C 490 -3.15 -13.19 3.23
C GLN C 490 -3.00 -13.21 1.72
N PHE C 491 -3.82 -14.00 1.04
CA PHE C 491 -3.80 -14.03 -0.42
C PHE C 491 -4.30 -12.73 -1.00
N ARG C 492 -5.10 -11.97 -0.26
CA ARG C 492 -5.51 -10.66 -0.72
C ARG C 492 -4.37 -9.68 -0.73
N ILE C 493 -3.47 -9.74 0.25
CA ILE C 493 -2.24 -8.95 0.29
C ILE C 493 -1.43 -9.14 -0.98
N ILE C 494 -1.29 -10.39 -1.43
CA ILE C 494 -0.53 -10.72 -2.63
C ILE C 494 -1.16 -10.09 -3.86
N LEU C 495 -2.48 -9.96 -3.88
CA LEU C 495 -3.14 -9.32 -5.02
C LEU C 495 -3.24 -7.82 -4.86
N GLY C 496 -3.01 -7.30 -3.66
CA GLY C 496 -3.27 -5.90 -3.38
C GLY C 496 -4.33 -5.78 -2.31
N ASP C 497 -5.47 -5.17 -2.65
CA ASP C 497 -6.77 -5.45 -2.02
C ASP C 497 -6.89 -5.15 -0.54
N ILE C 498 -5.86 -4.61 0.11
CA ILE C 498 -5.94 -4.30 1.54
C ILE C 498 -5.34 -2.92 1.79
N ASN C 499 -6.11 -2.05 2.41
CA ASN C 499 -5.70 -0.68 2.66
C ASN C 499 -4.83 -0.52 3.90
N PHE C 500 -4.96 -1.46 4.84
CA PHE C 500 -4.25 -1.59 6.13
C PHE C 500 -4.29 -0.33 7.00
N ALA C 501 -5.13 0.64 6.66
CA ALA C 501 -5.38 1.76 7.55
C ALA C 501 -6.13 1.32 8.79
N GLU C 502 -6.80 0.17 8.73
CA GLU C 502 -7.28 -0.50 9.92
C GLU C 502 -6.19 -1.32 10.61
N ILE C 503 -5.17 -1.77 9.87
CA ILE C 503 -4.13 -2.59 10.47
C ILE C 503 -3.20 -1.75 11.33
N GLU C 504 -2.75 -0.60 10.81
CA GLU C 504 -1.90 0.26 11.63
C GLU C 504 -2.67 0.99 12.71
N GLU C 505 -3.99 0.96 12.66
CA GLU C 505 -4.81 1.55 13.70
C GLU C 505 -5.11 0.54 14.80
N ALA C 506 -5.20 -0.74 14.44
CA ALA C 506 -5.44 -1.78 15.44
C ALA C 506 -4.24 -1.96 16.34
N ASN C 507 -3.04 -1.88 15.77
CA ASN C 507 -1.81 -1.95 16.55
C ASN C 507 -0.81 -1.01 15.92
N ARG C 508 -0.15 -0.21 16.75
CA ARG C 508 0.67 0.88 16.25
C ARG C 508 2.07 0.41 15.89
N VAL C 509 2.65 -0.48 16.68
CA VAL C 509 4.03 -0.90 16.48
C VAL C 509 4.09 -2.20 15.68
N LEU C 510 3.53 -3.26 16.23
CA LEU C 510 3.66 -4.59 15.64
C LEU C 510 2.78 -4.77 14.40
N GLY C 511 1.90 -3.83 14.13
CA GLY C 511 1.10 -3.81 12.93
C GLY C 511 1.90 -3.69 11.63
N PRO C 512 2.70 -2.63 11.49
CA PRO C 512 3.54 -2.55 10.30
C PRO C 512 4.80 -3.36 10.34
N ILE C 513 5.22 -3.88 11.50
CA ILE C 513 6.29 -4.87 11.50
C ILE C 513 5.80 -6.17 10.85
N TYR C 514 4.53 -6.50 11.07
CA TYR C 514 3.88 -7.58 10.34
C TYR C 514 3.83 -7.30 8.85
N PHE C 515 3.40 -6.10 8.47
CA PHE C 515 3.07 -5.85 7.08
C PHE C 515 4.31 -5.70 6.21
N THR C 516 5.36 -5.07 6.70
CA THR C 516 6.55 -4.90 5.87
C THR C 516 7.33 -6.19 5.76
N THR C 517 7.46 -6.94 6.86
CA THR C 517 8.17 -8.21 6.79
C THR C 517 7.33 -9.33 6.20
N PHE C 518 6.09 -9.06 5.83
CA PHE C 518 5.36 -10.03 5.02
C PHE C 518 5.54 -9.76 3.54
N VAL C 519 5.49 -8.48 3.15
CA VAL C 519 5.70 -8.12 1.75
C VAL C 519 7.16 -8.32 1.36
N PHE C 520 8.08 -8.18 2.32
CA PHE C 520 9.48 -8.44 2.04
C PHE C 520 9.72 -9.92 1.75
N PHE C 521 9.26 -10.79 2.63
CA PHE C 521 9.58 -12.20 2.47
C PHE C 521 8.76 -12.87 1.37
N MET C 522 7.53 -12.42 1.13
CA MET C 522 6.75 -13.06 0.08
C MET C 522 7.21 -12.62 -1.30
N PHE C 523 7.49 -11.34 -1.49
CA PHE C 523 7.71 -10.86 -2.85
C PHE C 523 9.18 -10.78 -3.23
N PHE C 524 10.10 -10.84 -2.28
CA PHE C 524 11.49 -10.84 -2.66
C PHE C 524 12.13 -12.21 -2.53
N ILE C 525 11.58 -13.07 -1.70
CA ILE C 525 12.23 -14.35 -1.41
C ILE C 525 11.34 -15.49 -1.88
N LEU C 526 10.12 -15.56 -1.35
CA LEU C 526 9.31 -16.76 -1.49
C LEU C 526 8.60 -16.83 -2.83
N LEU C 527 8.43 -15.72 -3.53
CA LEU C 527 7.94 -15.77 -4.90
C LEU C 527 9.03 -15.99 -5.90
N ASN C 528 10.19 -15.36 -5.72
CA ASN C 528 11.29 -15.52 -6.64
C ASN C 528 11.93 -16.90 -6.56
N MET C 529 11.69 -17.64 -5.50
CA MET C 529 12.19 -19.01 -5.42
C MET C 529 11.31 -19.97 -6.20
N PHE C 530 10.01 -19.72 -6.25
CA PHE C 530 9.13 -20.49 -7.13
C PHE C 530 9.48 -20.31 -8.59
N LEU C 531 9.92 -19.11 -8.96
CA LEU C 531 10.39 -18.90 -10.31
C LEU C 531 11.68 -19.66 -10.57
N ALA C 532 12.64 -19.59 -9.66
CA ALA C 532 13.95 -20.17 -9.86
C ALA C 532 13.93 -21.68 -9.95
N ILE C 533 12.88 -22.33 -9.44
CA ILE C 533 12.79 -23.77 -9.57
C ILE C 533 12.37 -24.15 -10.98
N ILE C 534 11.33 -23.51 -11.51
CA ILE C 534 10.80 -23.89 -12.80
C ILE C 534 11.52 -23.19 -13.94
N ASN C 535 12.45 -22.31 -13.62
CA ASN C 535 13.33 -21.71 -14.61
C ASN C 535 14.53 -22.60 -14.88
N ASP C 536 15.15 -23.16 -13.85
CA ASP C 536 16.26 -24.05 -14.06
C ASP C 536 15.80 -25.42 -14.53
N THR C 537 14.54 -25.77 -14.26
CA THR C 537 14.02 -27.04 -14.77
C THR C 537 13.72 -26.96 -16.25
N TYR C 538 13.11 -25.87 -16.71
CA TYR C 538 12.84 -25.69 -18.13
C TYR C 538 14.12 -25.49 -18.91
N SER C 539 15.14 -24.90 -18.30
CA SER C 539 16.41 -24.72 -18.96
C SER C 539 17.26 -25.97 -18.94
N GLU C 540 16.79 -27.02 -18.27
CA GLU C 540 17.52 -28.28 -18.26
C GLU C 540 16.81 -29.33 -19.11
N VAL C 541 15.51 -29.16 -19.33
CA VAL C 541 14.80 -29.97 -20.32
C VAL C 541 15.27 -29.60 -21.73
N LYS C 542 15.32 -28.30 -22.02
CA LYS C 542 15.63 -27.84 -23.37
C LYS C 542 17.07 -28.12 -23.77
N SER C 543 18.01 -28.05 -22.82
CA SER C 543 19.38 -28.42 -23.14
C SER C 543 19.57 -29.92 -23.22
N ASP C 544 18.64 -30.69 -22.67
CA ASP C 544 18.74 -32.14 -22.76
C ASP C 544 18.31 -32.63 -24.14
N LEU C 545 17.34 -31.94 -24.76
CA LEU C 545 16.90 -32.30 -26.09
C LEU C 545 17.84 -31.79 -27.17
N ALA C 546 18.67 -30.79 -26.87
CA ALA C 546 19.75 -30.41 -27.78
C ALA C 546 20.89 -31.42 -27.75
N GLN C 547 20.95 -32.26 -26.71
CA GLN C 547 21.78 -33.45 -26.73
C GLN C 547 21.02 -34.65 -27.29
N GLN C 548 19.82 -34.43 -27.81
CA GLN C 548 19.03 -35.47 -28.45
C GLN C 548 18.85 -35.18 -29.93
N LYS C 549 18.75 -33.91 -30.31
CA LYS C 549 18.63 -33.51 -31.71
C LYS C 549 19.98 -33.42 -32.40
N ALA C 550 21.08 -33.51 -31.65
CA ALA C 550 22.40 -33.71 -32.22
C ALA C 550 22.78 -35.17 -32.30
N GLU C 551 22.29 -35.99 -31.38
CA GLU C 551 22.53 -37.43 -31.43
C GLU C 551 21.78 -38.12 -32.56
N MET C 552 20.74 -37.49 -33.11
CA MET C 552 20.02 -38.08 -34.23
C MET C 552 20.83 -38.00 -35.51
N GLU C 553 21.45 -36.87 -35.77
CA GLU C 553 22.24 -36.67 -36.98
C GLU C 553 23.63 -37.28 -36.83
N SER D 73 17.06 -40.95 19.02
CA SER D 73 17.86 -39.78 19.37
C SER D 73 17.18 -38.49 18.89
N VAL D 74 17.29 -38.25 17.58
CA VAL D 74 16.65 -37.11 16.96
C VAL D 74 15.13 -37.28 16.93
N LEU D 75 14.65 -38.51 16.77
CA LEU D 75 13.21 -38.78 16.83
C LEU D 75 12.68 -38.75 18.25
N ARG D 76 13.55 -38.73 19.25
CA ARG D 76 13.15 -38.41 20.63
C ARG D 76 13.00 -36.91 20.81
N GLU D 77 13.82 -36.12 20.13
CA GLU D 77 13.75 -34.67 20.25
C GLU D 77 12.55 -34.09 19.51
N LEU D 78 12.08 -34.75 18.45
CA LEU D 78 10.85 -34.34 17.79
C LEU D 78 9.64 -34.56 18.67
N VAL D 79 9.63 -35.65 19.45
CA VAL D 79 8.50 -35.91 20.33
C VAL D 79 8.48 -34.91 21.48
N THR D 80 9.65 -34.47 21.94
CA THR D 80 9.69 -33.40 22.93
C THR D 80 9.38 -32.05 22.31
N TYR D 81 9.41 -31.94 20.98
CA TYR D 81 9.06 -30.68 20.34
C TYR D 81 7.60 -30.64 19.95
N LEU D 82 7.10 -31.71 19.33
CA LEU D 82 5.73 -31.73 18.86
C LEU D 82 4.74 -31.80 20.01
N LEU D 83 5.18 -32.25 21.18
CA LEU D 83 4.35 -32.16 22.37
C LEU D 83 4.34 -30.74 22.91
N PHE D 84 5.39 -29.98 22.65
CA PHE D 84 5.44 -28.57 23.05
C PHE D 84 4.61 -27.70 22.13
N LEU D 85 4.41 -28.11 20.89
CA LEU D 85 3.63 -27.31 19.97
C LEU D 85 2.13 -27.52 20.16
N ILE D 86 1.72 -28.69 20.65
CA ILE D 86 0.30 -28.91 20.88
C ILE D 86 -0.17 -28.27 22.18
N VAL D 87 0.70 -28.20 23.19
CA VAL D 87 0.32 -27.54 24.44
C VAL D 87 0.30 -26.03 24.24
N LEU D 88 1.05 -25.51 23.27
CA LEU D 88 1.03 -24.08 23.03
C LEU D 88 -0.16 -23.67 22.17
N CYS D 89 -0.55 -24.51 21.21
CA CYS D 89 -1.70 -24.19 20.37
C CYS D 89 -3.01 -24.27 21.15
N ILE D 90 -3.09 -25.13 22.16
CA ILE D 90 -4.26 -25.17 23.03
C ILE D 90 -4.35 -23.90 23.87
N LEU D 91 -3.22 -23.45 24.41
CA LEU D 91 -3.24 -22.31 25.33
C LEU D 91 -3.51 -21.01 24.62
N THR D 92 -2.98 -20.82 23.42
CA THR D 92 -3.16 -19.55 22.73
C THR D 92 -4.54 -19.44 22.11
N TYR D 93 -5.05 -20.54 21.52
CA TYR D 93 -6.42 -20.57 21.04
C TYR D 93 -7.44 -20.54 22.16
N GLY D 94 -7.09 -21.06 23.33
CA GLY D 94 -8.00 -21.00 24.46
C GLY D 94 -8.14 -19.62 25.07
N MET D 95 -7.13 -18.76 24.89
CA MET D 95 -7.24 -17.40 25.41
C MET D 95 -8.16 -16.54 24.56
N MET D 96 -7.90 -16.45 23.27
CA MET D 96 -8.71 -15.62 22.38
C MET D 96 -9.67 -16.54 21.63
N SER D 97 -10.93 -16.51 22.04
CA SER D 97 -11.95 -17.38 21.47
C SER D 97 -12.66 -16.66 20.31
N SER D 98 -13.58 -17.38 19.67
CA SER D 98 -14.42 -16.80 18.63
C SER D 98 -15.58 -16.01 19.19
N ASN D 99 -15.84 -16.12 20.50
CA ASN D 99 -16.91 -15.39 21.16
C ASN D 99 -16.45 -14.00 21.60
N VAL D 100 -15.20 -13.65 21.31
CA VAL D 100 -14.64 -12.37 21.70
C VAL D 100 -14.96 -11.28 20.68
N TYR D 101 -14.82 -11.60 19.39
CA TYR D 101 -14.85 -10.57 18.36
C TYR D 101 -16.21 -9.92 18.21
N TYR D 102 -17.30 -10.68 18.36
CA TYR D 102 -18.62 -10.09 18.21
C TYR D 102 -19.01 -9.23 19.40
N TYR D 103 -18.24 -9.27 20.49
CA TYR D 103 -18.51 -8.40 21.62
C TYR D 103 -17.79 -7.07 21.50
N THR D 104 -16.53 -7.08 21.09
CA THR D 104 -15.80 -5.83 20.88
C THR D 104 -16.04 -5.22 19.51
N ARG D 105 -16.91 -5.83 18.69
CA ARG D 105 -17.37 -5.18 17.48
C ARG D 105 -18.65 -4.40 17.70
N MET D 106 -19.58 -4.96 18.48
CA MET D 106 -20.84 -4.26 18.73
C MET D 106 -20.66 -3.09 19.68
N MET D 107 -19.66 -3.16 20.57
CA MET D 107 -19.33 -1.99 21.38
C MET D 107 -18.75 -0.87 20.54
N SER D 108 -18.04 -1.21 19.47
CA SER D 108 -17.51 -0.21 18.56
C SER D 108 -18.56 0.30 17.59
N GLN D 109 -19.71 -0.37 17.50
CA GLN D 109 -20.79 0.15 16.67
C GLN D 109 -21.59 1.21 17.40
N LEU D 110 -21.71 1.10 18.72
CA LEU D 110 -22.56 2.01 19.47
C LEU D 110 -21.90 3.39 19.62
N PHE D 111 -20.61 3.42 19.93
CA PHE D 111 -19.95 4.66 20.28
C PHE D 111 -19.27 5.34 19.11
N LEU D 112 -19.00 4.63 18.04
CA LEU D 112 -18.22 5.18 16.94
C LEU D 112 -18.99 5.33 15.65
N ASP D 113 -20.17 4.72 15.53
CA ASP D 113 -20.93 4.77 14.29
C ASP D 113 -22.26 5.48 14.42
N THR D 114 -22.84 5.53 15.61
CA THR D 114 -24.08 6.28 15.81
C THR D 114 -23.78 7.76 15.73
N PRO D 115 -24.60 8.54 15.01
CA PRO D 115 -24.35 9.98 14.93
C PRO D 115 -24.63 10.69 16.24
N VAL D 116 -24.08 11.89 16.38
CA VAL D 116 -24.14 12.61 17.64
C VAL D 116 -25.54 13.12 17.94
N SER D 117 -26.35 13.32 16.91
CA SER D 117 -27.73 13.76 17.08
C SER D 117 -28.56 13.17 15.95
N LYS D 118 -29.88 13.28 16.10
CA LYS D 118 -30.80 12.74 15.11
C LYS D 118 -30.80 13.51 13.80
N THR D 119 -30.35 14.77 13.82
CA THR D 119 -30.36 15.58 12.61
C THR D 119 -28.99 15.72 11.95
N GLU D 120 -27.92 15.32 12.63
CA GLU D 120 -26.57 15.50 12.10
C GLU D 120 -25.99 14.17 11.65
N LYS D 121 -24.75 14.23 11.16
CA LYS D 121 -24.12 13.08 10.53
C LYS D 121 -22.80 12.69 11.17
N THR D 122 -22.16 13.57 11.95
CA THR D 122 -20.81 13.35 12.43
C THR D 122 -20.79 12.27 13.51
N ASN D 123 -19.83 11.36 13.40
CA ASN D 123 -19.64 10.28 14.34
C ASN D 123 -18.70 10.74 15.45
N PHE D 124 -18.26 9.80 16.29
CA PHE D 124 -17.08 10.07 17.10
C PHE D 124 -15.81 10.03 16.27
N LYS D 125 -15.80 9.23 15.20
CA LYS D 125 -14.63 9.13 14.34
C LYS D 125 -14.45 10.35 13.46
N THR D 126 -15.47 11.20 13.34
CA THR D 126 -15.40 12.38 12.49
C THR D 126 -15.67 13.65 13.28
N LEU D 127 -15.21 13.72 14.52
CA LEU D 127 -15.29 14.97 15.28
C LEU D 127 -14.30 15.97 14.70
N SER D 128 -14.76 17.20 14.50
CA SER D 128 -13.95 18.19 13.81
C SER D 128 -13.82 19.50 14.56
N SER D 129 -14.53 19.68 15.68
CA SER D 129 -14.41 20.91 16.43
C SER D 129 -14.67 20.63 17.90
N MET D 130 -14.39 21.64 18.72
CA MET D 130 -14.67 21.57 20.15
C MET D 130 -16.17 21.55 20.41
N GLU D 131 -16.94 22.24 19.59
CA GLU D 131 -18.39 22.26 19.75
C GLU D 131 -19.01 20.92 19.36
N ASP D 132 -18.36 20.18 18.46
CA ASP D 132 -18.82 18.85 18.10
C ASP D 132 -18.58 17.86 19.24
N PHE D 133 -17.57 18.09 20.07
CA PHE D 133 -17.35 17.23 21.22
C PHE D 133 -18.43 17.40 22.27
N TRP D 134 -18.98 18.61 22.40
CA TRP D 134 -20.07 18.78 23.35
C TRP D 134 -21.38 18.17 22.85
N LYS D 135 -21.63 18.18 21.56
CA LYS D 135 -22.85 17.55 21.04
C LYS D 135 -22.70 16.04 20.96
N PHE D 136 -21.50 15.51 21.18
CA PHE D 136 -21.31 14.08 21.34
C PHE D 136 -21.62 13.62 22.76
N THR D 137 -20.96 14.22 23.76
CA THR D 137 -21.01 13.73 25.13
C THR D 137 -22.34 13.99 25.82
N GLU D 138 -23.25 14.75 25.22
CA GLU D 138 -24.64 14.72 25.65
C GLU D 138 -25.53 13.99 24.67
N GLY D 139 -25.09 13.76 23.44
CA GLY D 139 -25.94 13.12 22.47
C GLY D 139 -25.88 11.61 22.45
N SER D 140 -24.70 11.02 22.29
CA SER D 140 -24.62 9.59 22.07
C SER D 140 -23.90 8.83 23.17
N LEU D 141 -23.16 9.50 24.05
CA LEU D 141 -22.73 8.84 25.28
C LEU D 141 -23.91 8.50 26.16
N LEU D 142 -24.90 9.38 26.22
CA LEU D 142 -26.00 9.15 27.15
C LEU D 142 -27.00 8.16 26.59
N ASP D 143 -27.03 7.98 25.27
CA ASP D 143 -27.84 6.94 24.68
C ASP D 143 -27.07 5.63 24.57
N GLY D 144 -25.76 5.68 24.81
CA GLY D 144 -24.92 4.51 24.62
C GLY D 144 -24.56 3.78 25.89
N LEU D 145 -24.70 4.45 27.03
CA LEU D 145 -24.40 3.79 28.30
C LEU D 145 -25.64 3.26 28.99
N TYR D 146 -26.81 3.82 28.67
CA TYR D 146 -27.99 3.78 29.52
C TYR D 146 -29.16 3.22 28.72
N TRP D 147 -29.81 2.19 29.26
CA TRP D 147 -30.90 1.49 28.60
C TRP D 147 -31.96 1.23 29.67
N LYS D 148 -32.93 2.12 29.78
CA LYS D 148 -33.94 2.01 30.83
C LYS D 148 -34.91 0.86 30.59
N ASN D 159 -32.73 1.71 38.21
CA ASN D 159 -32.00 0.47 38.36
C ASN D 159 -30.60 0.58 37.77
N ARG D 160 -30.07 -0.55 37.32
CA ARG D 160 -28.76 -0.56 36.66
C ARG D 160 -28.94 -0.26 35.18
N SER D 161 -27.86 -0.42 34.42
CA SER D 161 -27.84 -0.06 33.00
C SER D 161 -27.28 -1.23 32.20
N PHE D 162 -28.16 -2.03 31.62
CA PHE D 162 -27.73 -3.15 30.79
C PHE D 162 -27.61 -2.68 29.35
N ILE D 163 -26.39 -2.60 28.84
CA ILE D 163 -26.19 -2.26 27.42
C ILE D 163 -26.55 -3.47 26.58
N PHE D 164 -27.31 -3.24 25.50
CA PHE D 164 -27.89 -4.27 24.64
C PHE D 164 -28.71 -5.30 25.40
N TYR D 165 -29.25 -4.91 26.55
CA TYR D 165 -30.04 -5.68 27.51
C TYR D 165 -29.28 -6.83 28.15
N GLU D 166 -27.99 -7.02 27.84
CA GLU D 166 -27.23 -8.16 28.33
C GLU D 166 -25.88 -7.80 28.92
N ASN D 167 -25.37 -6.60 28.68
CA ASN D 167 -24.16 -6.12 29.31
C ASN D 167 -24.50 -5.50 30.66
N LEU D 168 -23.54 -4.83 31.29
CA LEU D 168 -23.76 -4.19 32.58
C LEU D 168 -22.71 -3.12 32.76
N LEU D 169 -23.15 -1.93 33.16
CA LEU D 169 -22.24 -0.81 33.38
C LEU D 169 -21.71 -0.90 34.80
N LEU D 170 -20.39 -0.94 34.94
CA LEU D 170 -19.74 -1.14 36.22
C LEU D 170 -19.46 0.20 36.88
N GLY D 171 -20.32 0.57 37.83
CA GLY D 171 -20.08 1.76 38.62
C GLY D 171 -20.29 3.05 37.87
N VAL D 172 -19.21 3.79 37.69
CA VAL D 172 -19.27 5.15 37.14
C VAL D 172 -18.18 5.32 36.09
N PRO D 173 -18.42 6.07 35.03
CA PRO D 173 -17.31 6.57 34.22
C PRO D 173 -16.83 7.92 34.73
N ARG D 174 -15.74 8.42 34.13
CA ARG D 174 -15.23 9.71 34.53
C ARG D 174 -14.46 10.33 33.37
N ILE D 175 -14.43 11.66 33.35
CA ILE D 175 -13.77 12.42 32.30
C ILE D 175 -12.57 13.13 32.92
N ARG D 176 -11.41 12.99 32.29
CA ARG D 176 -10.20 13.65 32.75
C ARG D 176 -9.79 14.67 31.70
N GLN D 177 -8.87 15.56 32.05
CA GLN D 177 -8.54 16.67 31.16
C GLN D 177 -7.12 17.15 31.44
N LEU D 178 -6.35 17.39 30.38
CA LEU D 178 -5.02 17.95 30.48
C LEU D 178 -5.04 19.38 29.95
N ARG D 179 -4.28 20.26 30.60
CA ARG D 179 -4.38 21.69 30.35
C ARG D 179 -2.98 22.33 30.36
N VAL D 180 -2.83 23.43 29.63
CA VAL D 180 -1.58 24.15 29.47
C VAL D 180 -1.71 25.54 30.08
N ARG D 181 -0.66 26.00 30.76
CA ARG D 181 -0.60 27.34 31.35
C ARG D 181 -0.74 28.43 30.29
N ASN D 182 -1.07 29.62 30.76
CA ASN D 182 -1.23 30.78 29.90
C ASN D 182 0.10 31.31 29.41
N GLY D 183 0.95 31.77 30.32
CA GLY D 183 2.24 32.31 29.93
C GLY D 183 3.25 31.23 29.61
N SER D 184 3.05 30.51 28.50
CA SER D 184 3.84 29.32 28.22
C SER D 184 4.62 29.41 26.92
N CYS D 185 4.50 30.51 26.17
CA CYS D 185 5.31 30.74 24.99
C CYS D 185 5.82 32.17 25.00
N SER D 186 6.95 32.39 24.35
CA SER D 186 7.47 33.73 24.15
C SER D 186 7.16 34.17 22.72
N ILE D 187 6.44 35.28 22.62
CA ILE D 187 6.07 35.85 21.33
C ILE D 187 7.01 37.01 21.06
N PRO D 188 7.41 37.24 19.80
CA PRO D 188 8.34 38.33 19.51
C PRO D 188 7.76 39.72 19.77
N GLN D 189 8.67 40.67 19.99
CA GLN D 189 8.32 42.01 20.43
C GLN D 189 7.63 42.84 19.36
N ASP D 190 7.68 42.42 18.10
CA ASP D 190 7.18 43.25 17.01
C ASP D 190 5.66 43.17 16.88
N LEU D 191 5.07 41.99 17.08
CA LEU D 191 3.63 41.83 16.96
C LEU D 191 2.98 41.54 18.32
N ARG D 192 3.50 42.16 19.37
CA ARG D 192 2.96 42.08 20.72
C ARG D 192 1.59 42.73 20.85
N ASP D 193 1.24 43.63 19.94
CA ASP D 193 0.04 44.46 20.12
C ASP D 193 -1.24 43.67 19.89
N GLU D 194 -1.36 42.99 18.75
CA GLU D 194 -2.61 42.31 18.43
C GLU D 194 -2.79 41.01 19.21
N ILE D 195 -1.75 40.20 19.32
CA ILE D 195 -1.84 38.93 20.04
C ILE D 195 -1.65 39.23 21.53
N LYS D 196 -2.63 38.84 22.34
CA LYS D 196 -2.53 39.10 23.77
C LYS D 196 -1.84 37.95 24.50
N GLU D 197 -2.43 36.76 24.47
CA GLU D 197 -1.96 35.65 25.28
C GLU D 197 -2.01 34.36 24.47
N CYS D 198 -1.06 33.48 24.72
CA CYS D 198 -0.82 32.30 23.89
C CYS D 198 -0.91 31.03 24.73
N TYR D 199 -0.65 29.91 24.07
CA TYR D 199 -0.63 28.60 24.72
C TYR D 199 0.43 27.76 24.03
N ASP D 200 0.74 26.60 24.60
CA ASP D 200 1.85 25.79 24.13
C ASP D 200 1.38 24.37 23.82
N VAL D 201 2.18 23.65 23.03
CA VAL D 201 1.97 22.24 22.78
C VAL D 201 2.24 21.48 24.07
N TYR D 202 1.61 20.31 24.23
CA TYR D 202 1.62 19.61 25.51
C TYR D 202 3.01 19.07 25.86
N SER D 203 3.63 19.69 26.86
CA SER D 203 4.79 19.14 27.52
C SER D 203 4.49 19.14 29.02
N VAL D 204 5.27 18.36 29.77
CA VAL D 204 5.04 18.29 31.20
C VAL D 204 5.50 19.57 31.89
N SER D 205 6.47 20.26 31.28
CA SER D 205 6.96 21.52 31.82
C SER D 205 6.01 22.68 31.57
N SER D 206 5.04 22.51 30.68
CA SER D 206 4.11 23.58 30.34
C SER D 206 2.67 23.20 30.67
N GLU D 207 2.45 22.61 31.83
CA GLU D 207 1.13 22.14 32.22
C GLU D 207 0.52 23.10 33.24
N ASP D 208 -0.79 23.26 33.21
CA ASP D 208 -1.49 24.16 34.13
C ASP D 208 -1.87 23.39 35.37
N ARG D 209 -1.69 24.01 36.54
CA ARG D 209 -1.98 23.37 37.81
C ARG D 209 -2.87 24.23 38.71
N ALA D 210 -2.89 25.54 38.49
CA ALA D 210 -3.68 26.43 39.34
C ALA D 210 -5.16 26.23 39.08
N PRO D 211 -5.98 26.21 40.13
CA PRO D 211 -7.42 26.03 39.95
C PRO D 211 -8.06 27.26 39.32
N PHE D 212 -9.09 27.01 38.52
CA PHE D 212 -9.69 28.05 37.69
C PHE D 212 -11.20 27.93 37.75
N GLY D 213 -11.86 29.07 37.59
CA GLY D 213 -13.30 29.12 37.43
C GLY D 213 -14.08 28.81 38.70
N PRO D 214 -15.18 28.09 38.55
CA PRO D 214 -16.00 27.73 39.70
C PRO D 214 -15.35 26.64 40.54
N ARG D 215 -14.53 27.02 41.51
CA ARG D 215 -13.60 26.11 42.18
C ARG D 215 -14.27 25.24 43.25
N ASN D 216 -15.57 24.99 43.12
CA ASN D 216 -16.35 24.15 44.02
C ASN D 216 -15.83 22.73 44.15
N GLY D 217 -15.83 21.97 43.06
CA GLY D 217 -15.73 20.53 43.13
C GLY D 217 -14.34 20.00 42.85
N THR D 218 -14.29 18.69 42.59
CA THR D 218 -13.03 18.02 42.29
C THR D 218 -12.64 18.15 40.82
N ALA D 219 -13.49 18.76 40.01
CA ALA D 219 -13.18 18.92 38.59
C ALA D 219 -12.28 20.12 38.34
N TRP D 220 -12.50 21.21 39.06
CA TRP D 220 -11.83 22.47 38.79
C TRP D 220 -10.54 22.62 39.59
N ILE D 221 -10.02 21.53 40.15
CA ILE D 221 -8.80 21.55 40.96
C ILE D 221 -7.90 20.42 40.50
N TYR D 222 -6.64 20.75 40.22
CA TYR D 222 -5.65 19.79 39.74
C TYR D 222 -5.27 18.80 40.81
N THR D 223 -5.17 17.54 40.42
CA THR D 223 -4.56 16.51 41.27
C THR D 223 -3.30 16.01 40.58
N SER D 224 -2.44 15.37 41.35
CA SER D 224 -1.22 14.81 40.78
C SER D 224 -1.52 13.43 40.21
N GLU D 225 -0.53 12.87 39.52
CA GLU D 225 -0.69 11.56 38.88
C GLU D 225 -0.53 10.41 39.86
N LYS D 226 -0.21 10.69 41.12
CA LYS D 226 -0.14 9.67 42.16
C LYS D 226 -1.34 9.72 43.08
N ASP D 227 -1.86 10.92 43.37
CA ASP D 227 -3.07 11.05 44.18
C ASP D 227 -4.27 10.46 43.46
N LEU D 228 -4.33 10.61 42.15
CA LEU D 228 -5.17 9.80 41.30
C LEU D 228 -4.38 8.54 40.97
N ASN D 229 -5.06 7.40 40.93
CA ASN D 229 -4.38 6.12 40.78
C ASN D 229 -4.22 5.79 39.29
N GLY D 230 -3.42 6.61 38.59
CA GLY D 230 -3.35 6.54 37.15
C GLY D 230 -1.94 6.38 36.63
N SER D 231 -1.82 6.38 35.31
CA SER D 231 -0.56 6.15 34.64
C SER D 231 -0.58 6.79 33.26
N SER D 232 0.57 6.76 32.60
CA SER D 232 0.75 7.43 31.32
C SER D 232 0.03 6.70 30.19
N HIS D 233 -0.16 7.40 29.08
CA HIS D 233 -0.73 6.80 27.88
C HIS D 233 -0.20 7.51 26.65
N TRP D 234 0.03 6.75 25.58
CA TRP D 234 0.79 7.18 24.40
C TRP D 234 -0.19 7.49 23.27
N GLY D 235 -0.48 8.77 23.09
CA GLY D 235 -1.43 9.20 22.08
C GLY D 235 -0.84 9.27 20.70
N ILE D 236 -1.43 10.10 19.84
CA ILE D 236 -0.98 10.25 18.48
C ILE D 236 0.00 11.41 18.35
N ILE D 237 -0.22 12.49 19.09
CA ILE D 237 0.70 13.63 19.05
C ILE D 237 1.80 13.47 20.09
N ALA D 238 1.43 13.35 21.36
CA ALA D 238 2.39 13.27 22.44
C ALA D 238 2.01 12.13 23.37
N THR D 239 2.74 12.01 24.47
CA THR D 239 2.45 11.03 25.51
C THR D 239 1.96 11.78 26.73
N TYR D 240 0.74 11.50 27.15
CA TYR D 240 0.11 12.29 28.20
C TYR D 240 0.30 11.64 29.55
N SER D 241 0.45 12.47 30.57
CA SER D 241 0.63 11.98 31.93
C SER D 241 -0.70 11.54 32.51
N GLY D 242 -0.65 11.03 33.74
CA GLY D 242 -1.83 10.51 34.39
C GLY D 242 -2.60 11.50 35.23
N ALA D 243 -2.09 12.72 35.36
CA ALA D 243 -2.72 13.71 36.22
C ALA D 243 -3.77 14.50 35.45
N GLY D 244 -4.33 15.51 36.09
CA GLY D 244 -5.24 16.39 35.38
C GLY D 244 -6.41 16.84 36.20
N TYR D 245 -7.53 17.09 35.52
CA TYR D 245 -8.72 17.66 36.11
C TYR D 245 -9.86 16.68 35.89
N TYR D 246 -10.08 15.79 36.85
CA TYR D 246 -11.04 14.71 36.64
C TYR D 246 -12.38 15.06 37.29
N LEU D 247 -13.46 14.67 36.62
CA LEU D 247 -14.80 14.72 37.19
C LEU D 247 -15.38 13.32 37.14
N ASP D 248 -15.86 12.85 38.28
CA ASP D 248 -16.36 11.50 38.43
C ASP D 248 -17.88 11.51 38.35
N LEU D 249 -18.41 11.22 37.16
CA LEU D 249 -19.83 11.34 36.90
C LEU D 249 -20.61 10.21 37.58
N SER D 250 -21.94 10.28 37.54
CA SER D 250 -22.78 9.40 38.34
C SER D 250 -23.32 8.23 37.52
N ARG D 251 -24.28 7.50 38.10
CA ARG D 251 -24.69 6.19 37.59
C ARG D 251 -26.00 6.24 36.80
N THR D 252 -26.72 7.35 36.82
CA THR D 252 -28.01 7.40 36.13
C THR D 252 -27.97 8.42 35.01
N ARG D 253 -28.92 8.29 34.08
CA ARG D 253 -29.03 9.22 32.96
C ARG D 253 -29.39 10.63 33.40
N GLU D 254 -30.24 10.77 34.40
CA GLU D 254 -30.74 12.07 34.80
C GLU D 254 -29.77 12.80 35.72
N GLU D 255 -28.74 12.14 36.22
CA GLU D 255 -27.82 12.79 37.13
C GLU D 255 -26.43 12.96 36.55
N THR D 256 -26.18 12.49 35.33
CA THR D 256 -24.97 12.87 34.62
C THR D 256 -25.22 13.99 33.62
N ALA D 257 -26.38 13.97 32.96
CA ALA D 257 -26.74 15.03 32.02
C ALA D 257 -26.93 16.36 32.73
N ALA D 258 -27.18 16.35 34.04
CA ALA D 258 -27.09 17.58 34.80
C ALA D 258 -25.63 17.99 35.00
N GLN D 259 -24.76 17.02 35.28
CA GLN D 259 -23.37 17.34 35.57
C GLN D 259 -22.61 17.76 34.32
N VAL D 260 -22.84 17.08 33.19
CA VAL D 260 -22.15 17.43 31.94
C VAL D 260 -22.64 18.78 31.42
N ALA D 261 -23.93 19.08 31.57
CA ALA D 261 -24.43 20.39 31.14
C ALA D 261 -24.00 21.50 32.10
N SER D 262 -23.62 21.16 33.33
CA SER D 262 -23.04 22.16 34.20
C SER D 262 -21.56 22.38 33.89
N LEU D 263 -20.94 21.49 33.11
CA LEU D 263 -19.62 21.72 32.56
C LEU D 263 -19.67 22.35 31.17
N LYS D 264 -20.85 22.66 30.65
CA LYS D 264 -20.94 23.42 29.41
C LYS D 264 -21.33 24.86 29.68
N LYS D 265 -22.23 25.08 30.66
CA LYS D 265 -22.61 26.42 31.06
C LYS D 265 -21.42 27.17 31.64
N ASN D 266 -20.75 26.56 32.62
CA ASN D 266 -19.40 26.97 32.97
C ASN D 266 -18.45 26.42 31.89
N VAL D 267 -17.47 27.23 31.51
CA VAL D 267 -16.59 26.86 30.41
C VAL D 267 -15.52 25.92 30.95
N TRP D 268 -15.57 24.66 30.51
CA TRP D 268 -14.65 23.62 30.95
C TRP D 268 -13.63 23.27 29.89
N LEU D 269 -13.91 23.61 28.63
CA LEU D 269 -12.97 23.39 27.54
C LEU D 269 -12.76 24.71 26.83
N ASP D 270 -11.54 25.22 26.90
CA ASP D 270 -11.17 26.48 26.24
C ASP D 270 -9.94 26.23 25.38
N ARG D 271 -9.29 27.29 24.93
CA ARG D 271 -8.13 27.17 24.05
C ARG D 271 -6.90 26.59 24.74
N GLY D 272 -6.92 26.42 26.06
CA GLY D 272 -5.74 25.92 26.75
C GLY D 272 -5.78 24.45 27.08
N THR D 273 -6.65 23.69 26.42
CA THR D 273 -6.76 22.26 26.70
C THR D 273 -6.12 21.47 25.58
N ARG D 274 -5.50 20.35 25.93
CA ARG D 274 -4.84 19.53 24.95
C ARG D 274 -5.50 18.18 24.72
N ALA D 275 -6.07 17.55 25.75
CA ALA D 275 -6.70 16.25 25.59
C ALA D 275 -7.69 16.02 26.71
N THR D 276 -8.82 15.39 26.36
CA THR D 276 -9.76 14.84 27.33
C THR D 276 -10.04 13.42 26.92
N PHE D 277 -10.30 12.54 27.90
CA PHE D 277 -10.65 11.17 27.55
C PHE D 277 -11.48 10.52 28.66
N ILE D 278 -12.29 9.56 28.23
CA ILE D 278 -13.37 8.97 29.01
C ILE D 278 -13.04 7.50 29.24
N ASP D 279 -13.31 7.00 30.43
CA ASP D 279 -12.97 5.63 30.79
C ASP D 279 -14.11 5.01 31.58
N PHE D 280 -14.46 3.77 31.24
CA PHE D 280 -15.41 2.97 31.99
C PHE D 280 -15.14 1.49 31.70
N SER D 281 -15.93 0.62 32.31
CA SER D 281 -15.76 -0.81 32.14
C SER D 281 -17.12 -1.49 32.16
N VAL D 282 -17.27 -2.54 31.36
CA VAL D 282 -18.55 -3.21 31.14
C VAL D 282 -18.34 -4.71 31.22
N TYR D 283 -19.15 -5.40 32.02
CA TYR D 283 -19.02 -6.84 32.26
C TYR D 283 -20.27 -7.57 31.80
N ASN D 284 -20.08 -8.64 31.02
CA ASN D 284 -21.17 -9.52 30.64
C ASN D 284 -21.43 -10.56 31.72
N ALA D 285 -22.69 -10.92 31.87
CA ALA D 285 -23.06 -12.08 32.66
C ALA D 285 -23.11 -13.35 31.83
N ASN D 286 -23.45 -13.23 30.54
CA ASN D 286 -23.59 -14.40 29.68
C ASN D 286 -22.24 -14.97 29.30
N ILE D 287 -21.22 -14.12 29.15
CA ILE D 287 -19.84 -14.54 28.93
C ILE D 287 -19.02 -14.02 30.09
N ASN D 288 -18.11 -14.85 30.60
CA ASN D 288 -17.22 -14.43 31.67
C ASN D 288 -16.10 -13.57 31.10
N LEU D 289 -16.43 -12.32 30.76
CA LEU D 289 -15.52 -11.45 30.02
C LEU D 289 -15.98 -10.01 30.16
N PHE D 290 -15.01 -9.11 30.30
CA PHE D 290 -15.29 -7.71 30.61
C PHE D 290 -14.48 -6.79 29.71
N CYS D 291 -15.16 -5.85 29.03
CA CYS D 291 -14.51 -4.84 28.22
C CYS D 291 -14.18 -3.59 29.03
N VAL D 292 -13.07 -2.96 28.66
CA VAL D 292 -12.60 -1.73 29.28
C VAL D 292 -12.40 -0.72 28.15
N VAL D 293 -13.21 0.34 28.15
CA VAL D 293 -13.23 1.31 27.06
C VAL D 293 -12.37 2.50 27.43
N ARG D 294 -11.81 3.15 26.41
CA ARG D 294 -11.12 4.43 26.57
C ARG D 294 -11.30 5.23 25.30
N LEU D 295 -11.68 6.51 25.42
CA LEU D 295 -12.04 7.34 24.27
C LEU D 295 -11.24 8.64 24.31
N LEU D 296 -10.05 8.66 23.72
CA LEU D 296 -9.28 9.88 23.63
C LEU D 296 -9.89 10.85 22.64
N VAL D 297 -9.84 12.13 22.98
CA VAL D 297 -9.99 13.23 22.04
C VAL D 297 -8.90 14.22 22.38
N GLU D 298 -7.97 14.43 21.45
CA GLU D 298 -6.87 15.33 21.73
C GLU D 298 -6.93 16.55 20.84
N PHE D 299 -6.70 17.72 21.43
CA PHE D 299 -6.81 19.00 20.77
C PHE D 299 -5.40 19.51 20.51
N PRO D 300 -4.96 19.63 19.28
CA PRO D 300 -3.61 20.12 19.02
C PRO D 300 -3.57 21.63 19.18
N ALA D 301 -2.35 22.17 19.17
CA ALA D 301 -2.22 23.57 18.80
C ALA D 301 -2.62 23.71 17.34
N THR D 302 -3.09 24.90 16.96
CA THR D 302 -3.88 25.14 15.74
C THR D 302 -5.08 24.19 15.73
N GLY D 303 -5.98 24.43 16.69
CA GLY D 303 -6.86 23.42 17.24
C GLY D 303 -7.86 22.84 16.27
N GLY D 304 -7.66 21.57 15.97
CA GLY D 304 -8.69 20.72 15.42
C GLY D 304 -9.10 19.70 16.46
N VAL D 305 -9.43 18.49 16.03
CA VAL D 305 -9.79 17.39 16.91
C VAL D 305 -9.23 16.11 16.31
N ILE D 306 -8.49 15.35 17.11
CA ILE D 306 -7.98 14.05 16.69
C ILE D 306 -8.53 13.00 17.64
N PRO D 307 -9.56 12.24 17.27
CA PRO D 307 -10.12 11.24 18.18
C PRO D 307 -9.41 9.91 18.10
N SER D 308 -9.51 9.13 19.18
CA SER D 308 -8.88 7.81 19.25
C SER D 308 -9.60 6.99 20.31
N TRP D 309 -9.58 5.67 20.14
CA TRP D 309 -10.33 4.79 21.03
C TRP D 309 -9.56 3.50 21.29
N GLN D 310 -10.06 2.73 22.25
CA GLN D 310 -9.44 1.47 22.65
C GLN D 310 -10.46 0.63 23.39
N PHE D 311 -10.87 -0.50 22.80
CA PHE D 311 -11.82 -1.42 23.40
C PHE D 311 -11.14 -2.77 23.56
N GLN D 312 -11.07 -3.27 24.79
CA GLN D 312 -10.40 -4.54 25.03
C GLN D 312 -11.16 -5.39 26.02
N PRO D 313 -11.59 -6.59 25.63
CA PRO D 313 -12.15 -7.53 26.59
C PRO D 313 -11.06 -8.20 27.41
N LEU D 314 -11.45 -8.65 28.61
CA LEU D 314 -10.50 -9.27 29.51
C LEU D 314 -11.23 -10.31 30.36
N LYS D 315 -10.76 -11.55 30.31
CA LYS D 315 -11.20 -12.56 31.25
C LYS D 315 -10.49 -12.34 32.58
N LEU D 316 -11.26 -12.16 33.63
CA LEU D 316 -10.66 -11.87 34.92
C LEU D 316 -11.22 -12.77 36.01
N ILE D 317 -12.26 -13.54 35.70
CA ILE D 317 -12.71 -14.61 36.56
C ILE D 317 -12.46 -15.92 35.80
N ARG D 318 -11.66 -16.79 36.41
CA ARG D 318 -10.76 -17.63 35.66
C ARG D 318 -11.01 -19.12 35.88
N TYR D 319 -11.50 -19.49 37.05
CA TYR D 319 -11.79 -20.89 37.34
C TYR D 319 -13.31 -21.03 37.45
N VAL D 320 -13.97 -21.23 36.32
CA VAL D 320 -15.43 -21.29 36.33
C VAL D 320 -15.95 -22.59 35.72
N THR D 321 -15.67 -22.82 34.45
CA THR D 321 -16.27 -23.96 33.76
C THR D 321 -15.33 -25.17 33.88
N THR D 322 -15.57 -26.22 33.11
CA THR D 322 -14.61 -27.30 33.07
C THR D 322 -13.50 -27.04 32.08
N PHE D 323 -13.77 -26.31 31.02
CA PHE D 323 -12.76 -26.04 30.01
C PHE D 323 -11.71 -25.07 30.51
N ASP D 324 -12.07 -24.14 31.39
CA ASP D 324 -11.01 -23.31 31.95
C ASP D 324 -10.33 -23.96 33.14
N PHE D 325 -10.85 -25.08 33.64
CA PHE D 325 -9.99 -25.89 34.50
C PHE D 325 -8.87 -26.50 33.70
N PHE D 326 -9.18 -26.95 32.48
CA PHE D 326 -8.22 -27.61 31.61
C PHE D 326 -7.20 -26.62 31.05
N LEU D 327 -7.60 -25.36 30.85
CA LEU D 327 -6.61 -24.36 30.48
C LEU D 327 -5.69 -24.02 31.64
N ALA D 328 -6.17 -24.15 32.87
CA ALA D 328 -5.30 -24.01 34.02
C ALA D 328 -4.36 -25.20 34.15
N ALA D 329 -4.81 -26.37 33.73
CA ALA D 329 -3.95 -27.55 33.73
C ALA D 329 -2.99 -27.56 32.53
N CYS D 330 -3.23 -26.71 31.54
CA CYS D 330 -2.36 -26.61 30.38
C CYS D 330 -1.33 -25.49 30.53
N GLU D 331 -1.49 -24.62 31.52
CA GLU D 331 -0.50 -23.60 31.80
C GLU D 331 0.70 -24.16 32.55
N ILE D 332 0.47 -25.09 33.47
CA ILE D 332 1.56 -25.66 34.26
C ILE D 332 2.38 -26.64 33.43
N ILE D 333 1.75 -27.32 32.47
CA ILE D 333 2.49 -28.20 31.55
C ILE D 333 3.39 -27.38 30.64
N PHE D 334 2.94 -26.19 30.24
CA PHE D 334 3.81 -25.26 29.52
C PHE D 334 4.97 -24.79 30.38
N CYS D 335 4.76 -24.61 31.68
CA CYS D 335 5.83 -24.21 32.58
C CYS D 335 6.84 -25.34 32.78
N PHE D 336 6.42 -26.60 32.63
CA PHE D 336 7.34 -27.70 32.76
C PHE D 336 8.28 -27.79 31.56
N PHE D 337 7.78 -27.52 30.36
CA PHE D 337 8.62 -27.59 29.17
C PHE D 337 9.63 -26.46 29.10
N ILE D 338 9.27 -25.27 29.59
CA ILE D 338 10.24 -24.19 29.64
C ILE D 338 11.27 -24.43 30.73
N PHE D 339 10.87 -25.08 31.83
CA PHE D 339 11.86 -25.54 32.80
C PHE D 339 12.69 -26.70 32.24
N TYR D 340 12.12 -27.48 31.33
CA TYR D 340 12.86 -28.54 30.67
C TYR D 340 13.89 -28.00 29.69
N TYR D 341 13.61 -26.86 29.06
CA TYR D 341 14.54 -26.34 28.07
C TYR D 341 15.68 -25.54 28.69
N VAL D 342 15.47 -24.89 29.83
CA VAL D 342 16.53 -24.10 30.43
C VAL D 342 17.58 -24.97 31.10
N VAL D 343 17.21 -26.19 31.47
CA VAL D 343 18.21 -27.17 31.91
C VAL D 343 19.10 -27.55 30.74
N GLU D 344 18.48 -27.83 29.58
CA GLU D 344 19.21 -28.18 28.37
C GLU D 344 19.99 -27.01 27.79
N GLU D 345 19.63 -25.78 28.15
CA GLU D 345 20.38 -24.62 27.68
C GLU D 345 21.73 -24.49 28.35
N ILE D 346 21.79 -24.66 29.67
CA ILE D 346 23.08 -24.60 30.35
C ILE D 346 23.76 -25.96 30.39
N LEU D 347 23.10 -27.01 29.90
CA LEU D 347 23.77 -28.28 29.69
C LEU D 347 24.50 -28.30 28.35
N GLU D 348 24.14 -27.41 27.44
CA GLU D 348 24.77 -27.36 26.13
C GLU D 348 25.77 -26.20 26.01
N ILE D 349 25.72 -25.21 26.90
CA ILE D 349 26.73 -24.16 26.87
C ILE D 349 27.92 -24.51 27.77
N ARG D 350 27.69 -25.25 28.86
CA ARG D 350 28.73 -25.46 29.85
C ARG D 350 29.74 -26.52 29.46
N ILE D 351 29.29 -27.77 29.27
CA ILE D 351 30.19 -28.90 29.18
C ILE D 351 30.93 -28.93 27.84
N HIS D 352 30.33 -28.37 26.80
CA HIS D 352 31.03 -28.21 25.53
C HIS D 352 30.45 -27.01 24.79
N LYS D 353 31.04 -26.72 23.62
CA LYS D 353 30.64 -25.71 22.62
C LYS D 353 30.23 -24.35 23.20
N LEU D 354 30.91 -23.92 24.27
CA LEU D 354 30.74 -22.57 24.78
C LEU D 354 31.23 -21.56 23.73
N HIS D 355 30.35 -20.60 23.42
CA HIS D 355 30.46 -19.63 22.31
C HIS D 355 30.54 -20.31 20.94
N TYR D 356 30.24 -21.60 20.85
CA TYR D 356 30.01 -22.29 19.59
C TYR D 356 28.52 -22.55 19.47
N PHE D 357 27.73 -21.64 19.99
CA PHE D 357 26.30 -21.81 20.11
C PHE D 357 25.61 -20.90 19.10
N ARG D 358 26.23 -20.73 17.95
CA ARG D 358 25.88 -19.68 16.99
C ARG D 358 25.63 -20.26 15.60
N SER D 359 24.80 -21.30 15.53
CA SER D 359 24.51 -21.96 14.26
C SER D 359 23.05 -21.80 13.85
N PHE D 360 22.36 -20.79 14.42
CA PHE D 360 21.02 -20.30 14.09
C PHE D 360 19.89 -21.24 14.52
N TRP D 361 20.19 -22.48 14.88
CA TRP D 361 19.17 -23.27 15.55
C TRP D 361 19.42 -23.32 17.03
N ASN D 362 20.53 -22.77 17.48
CA ASN D 362 20.77 -22.52 18.88
C ASN D 362 20.47 -21.09 19.27
N CYS D 363 20.46 -20.17 18.29
CA CYS D 363 20.04 -18.80 18.57
C CYS D 363 18.52 -18.66 18.58
N LEU D 364 17.82 -19.43 17.73
CA LEU D 364 16.36 -19.48 17.80
C LEU D 364 15.87 -20.13 19.08
N ASP D 365 16.65 -21.05 19.64
CA ASP D 365 16.26 -21.66 20.91
C ASP D 365 16.44 -20.69 22.07
N VAL D 366 17.29 -19.68 21.90
CA VAL D 366 17.41 -18.65 22.93
C VAL D 366 16.24 -17.68 22.87
N VAL D 367 15.78 -17.34 21.66
CA VAL D 367 14.73 -16.34 21.51
C VAL D 367 13.39 -16.88 22.01
N ILE D 368 13.11 -18.15 21.74
CA ILE D 368 11.87 -18.75 22.22
C ILE D 368 11.86 -18.88 23.73
N VAL D 369 13.03 -19.05 24.35
CA VAL D 369 13.03 -19.27 25.80
C VAL D 369 13.15 -17.96 26.57
N VAL D 370 13.63 -16.90 25.93
CA VAL D 370 13.60 -15.58 26.56
C VAL D 370 12.21 -14.99 26.49
N LEU D 371 11.56 -15.07 25.32
CA LEU D 371 10.21 -14.56 25.17
C LEU D 371 9.18 -15.38 25.94
N SER D 372 9.48 -16.64 26.27
CA SER D 372 8.52 -17.41 27.05
C SER D 372 8.55 -17.03 28.53
N VAL D 373 9.73 -16.80 29.10
CA VAL D 373 9.80 -16.45 30.51
C VAL D 373 9.39 -15.02 30.78
N VAL D 374 9.44 -14.15 29.77
CA VAL D 374 8.84 -12.83 29.91
C VAL D 374 7.32 -12.96 29.94
N ALA D 375 6.75 -13.83 29.10
CA ALA D 375 5.32 -14.06 29.10
C ALA D 375 4.85 -14.82 30.33
N ILE D 376 5.74 -15.57 30.98
CA ILE D 376 5.39 -16.16 32.27
C ILE D 376 5.30 -15.08 33.33
N GLY D 377 6.24 -14.12 33.31
CA GLY D 377 6.26 -13.09 34.34
C GLY D 377 5.13 -12.09 34.22
N ILE D 378 4.68 -11.82 33.00
CA ILE D 378 3.51 -10.97 32.82
C ILE D 378 2.24 -11.68 33.28
N ASN D 379 2.14 -12.98 33.00
CA ASN D 379 0.95 -13.73 33.39
C ASN D 379 0.90 -13.99 34.90
N ILE D 380 2.02 -13.82 35.60
CA ILE D 380 2.02 -13.96 37.04
C ILE D 380 1.82 -12.62 37.74
N TYR D 381 2.70 -11.65 37.50
CA TYR D 381 2.74 -10.44 38.31
C TYR D 381 1.78 -9.36 37.83
N ARG D 382 1.46 -9.33 36.54
CA ARG D 382 0.78 -8.16 35.99
C ARG D 382 -0.63 -8.45 35.50
N THR D 383 -0.98 -9.71 35.27
CA THR D 383 -2.35 -10.00 34.87
C THR D 383 -3.07 -10.87 35.89
N SER D 384 -2.34 -11.56 36.76
CA SER D 384 -2.94 -12.31 37.86
C SER D 384 -2.99 -11.49 39.14
N ASN D 385 -2.89 -10.18 39.03
CA ASN D 385 -3.05 -9.27 40.17
C ASN D 385 -4.48 -8.73 40.17
N VAL D 386 -5.39 -9.53 40.74
CA VAL D 386 -6.82 -9.22 40.73
C VAL D 386 -7.17 -8.58 42.07
N GLU D 387 -6.15 -8.00 42.72
CA GLU D 387 -6.34 -7.23 43.95
C GLU D 387 -6.87 -5.81 43.68
N VAL D 388 -7.13 -5.48 42.42
CA VAL D 388 -7.87 -4.27 42.09
C VAL D 388 -9.37 -4.55 41.96
N LEU D 389 -9.72 -5.66 41.30
CA LEU D 389 -11.13 -6.00 41.10
C LEU D 389 -11.81 -6.41 42.40
N LEU D 390 -11.08 -7.00 43.34
CA LEU D 390 -11.69 -7.35 44.61
C LEU D 390 -11.94 -6.13 45.48
N GLN D 391 -11.24 -5.02 45.22
CA GLN D 391 -11.57 -3.77 45.90
C GLN D 391 -12.83 -3.13 45.33
N PHE D 392 -13.15 -3.40 44.07
CA PHE D 392 -14.33 -2.78 43.45
C PHE D 392 -15.57 -3.64 43.63
N LEU D 393 -15.40 -4.96 43.77
CA LEU D 393 -16.57 -5.83 43.92
C LEU D 393 -17.27 -5.65 45.26
N GLU D 394 -16.59 -5.06 46.23
CA GLU D 394 -17.27 -4.62 47.45
C GLU D 394 -18.09 -3.36 47.20
N ASP D 395 -17.46 -2.33 46.64
CA ASP D 395 -18.08 -1.01 46.49
C ASP D 395 -18.54 -0.81 45.06
N GLN D 396 -19.85 -0.88 44.86
CA GLN D 396 -20.47 -0.76 43.54
C GLN D 396 -20.77 0.69 43.16
N ASN D 397 -20.06 1.66 43.73
CA ASN D 397 -20.39 3.05 43.48
C ASN D 397 -19.18 3.89 43.10
N THR D 398 -18.00 3.31 43.02
CA THR D 398 -16.79 4.07 42.70
C THR D 398 -16.32 3.77 41.29
N PHE D 399 -15.18 4.34 40.93
CA PHE D 399 -14.61 4.11 39.61
C PHE D 399 -13.65 2.93 39.65
N PRO D 400 -13.83 1.93 38.80
CA PRO D 400 -12.87 0.83 38.76
C PRO D 400 -11.68 1.11 37.86
N ASN D 401 -10.48 1.11 38.44
CA ASN D 401 -9.25 1.34 37.69
C ASN D 401 -8.76 0.09 36.99
N PHE D 402 -9.22 -0.15 35.77
CA PHE D 402 -8.73 -1.29 34.99
C PHE D 402 -7.75 -0.87 33.90
N GLU D 403 -7.21 0.35 33.98
CA GLU D 403 -6.31 0.78 32.91
C GLU D 403 -4.90 0.24 33.08
N HIS D 404 -4.44 0.03 34.30
CA HIS D 404 -3.15 -0.60 34.53
C HIS D 404 -3.21 -2.09 34.33
N LEU D 405 -4.41 -2.67 34.39
CA LEU D 405 -4.62 -4.09 34.19
C LEU D 405 -4.80 -4.45 32.73
N ALA D 406 -5.39 -3.56 31.93
CA ALA D 406 -5.62 -3.82 30.52
C ALA D 406 -4.46 -3.41 29.64
N TYR D 407 -3.46 -2.73 30.19
CA TYR D 407 -2.26 -2.46 29.41
C TYR D 407 -1.40 -3.70 29.28
N TRP D 408 -1.34 -4.53 30.32
CA TRP D 408 -0.55 -5.75 30.24
C TRP D 408 -1.25 -6.86 29.50
N GLN D 409 -2.48 -6.66 29.07
CA GLN D 409 -3.11 -7.59 28.15
C GLN D 409 -2.65 -7.37 26.71
N ILE D 410 -2.28 -6.14 26.37
CA ILE D 410 -1.65 -5.90 25.08
C ILE D 410 -0.29 -6.57 25.03
N GLN D 411 0.50 -6.40 26.09
CA GLN D 411 1.85 -6.94 26.11
C GLN D 411 1.85 -8.47 26.19
N PHE D 412 0.86 -9.05 26.85
CA PHE D 412 0.78 -10.50 26.87
C PHE D 412 0.34 -11.06 25.53
N ASN D 413 -0.47 -10.33 24.76
CA ASN D 413 -0.85 -10.81 23.46
C ASN D 413 0.16 -10.47 22.38
N ASN D 414 1.08 -9.54 22.64
CA ASN D 414 2.16 -9.33 21.69
C ASN D 414 3.30 -10.31 21.89
N ILE D 415 3.61 -10.65 23.13
CA ILE D 415 4.69 -11.57 23.40
C ILE D 415 4.28 -13.00 23.11
N ALA D 416 3.05 -13.39 23.46
CA ALA D 416 2.61 -14.76 23.20
C ALA D 416 2.15 -14.98 21.77
N ALA D 417 2.33 -14.02 20.88
CA ALA D 417 2.07 -14.25 19.47
C ALA D 417 3.32 -14.19 18.63
N VAL D 418 4.36 -13.48 19.09
CA VAL D 418 5.66 -13.62 18.49
C VAL D 418 6.28 -14.96 18.86
N THR D 419 5.98 -15.44 20.07
CA THR D 419 6.47 -16.75 20.50
C THR D 419 5.86 -17.88 19.69
N VAL D 420 4.57 -17.80 19.37
CA VAL D 420 3.93 -18.78 18.50
C VAL D 420 4.49 -18.70 17.08
N PHE D 421 4.89 -17.51 16.64
CA PHE D 421 5.51 -17.39 15.33
C PHE D 421 6.90 -18.01 15.29
N PHE D 422 7.64 -17.94 16.40
CA PHE D 422 8.96 -18.55 16.45
C PHE D 422 8.93 -20.01 16.87
N VAL D 423 7.75 -20.61 16.96
CA VAL D 423 7.65 -22.05 17.10
C VAL D 423 7.48 -22.71 15.75
N TRP D 424 6.67 -22.12 14.86
CA TRP D 424 6.49 -22.70 13.54
C TRP D 424 7.71 -22.54 12.66
N ILE D 425 8.60 -21.60 12.98
CA ILE D 425 9.83 -21.47 12.20
C ILE D 425 10.82 -22.57 12.56
N LYS D 426 10.81 -23.06 13.80
CA LYS D 426 11.73 -24.12 14.16
C LYS D 426 11.25 -25.49 13.70
N LEU D 427 10.10 -25.55 13.01
CA LEU D 427 9.74 -26.75 12.27
C LEU D 427 10.66 -26.97 11.08
N PHE D 428 11.29 -25.90 10.58
CA PHE D 428 12.25 -26.00 9.48
C PHE D 428 13.51 -26.76 9.87
N LYS D 429 13.83 -26.84 11.15
CA LYS D 429 14.98 -27.61 11.58
C LYS D 429 14.74 -29.10 11.41
N PHE D 430 13.48 -29.53 11.44
CA PHE D 430 13.16 -30.95 11.45
C PHE D 430 12.69 -31.46 10.10
N ILE D 431 12.29 -30.58 9.19
CA ILE D 431 11.46 -30.98 8.04
C ILE D 431 12.20 -31.87 7.04
N ASN D 432 13.26 -31.40 6.41
CA ASN D 432 14.55 -32.06 6.17
C ASN D 432 14.48 -33.59 6.09
N PHE D 433 13.55 -34.12 5.30
CA PHE D 433 13.42 -35.56 5.17
C PHE D 433 13.89 -36.07 3.82
N ASN D 434 13.35 -35.55 2.73
CA ASN D 434 13.62 -36.10 1.41
C ASN D 434 14.99 -35.67 0.90
N ARG D 435 15.35 -36.19 -0.26
CA ARG D 435 16.50 -35.66 -0.98
C ARG D 435 16.17 -34.29 -1.55
N THR D 436 14.94 -34.10 -2.00
CA THR D 436 14.50 -32.84 -2.57
C THR D 436 14.09 -31.82 -1.52
N MET D 437 14.18 -32.18 -0.24
CA MET D 437 14.02 -31.22 0.84
C MET D 437 15.35 -30.70 1.34
N SER D 438 16.42 -31.49 1.25
CA SER D 438 17.74 -30.99 1.59
C SER D 438 18.28 -30.03 0.54
N GLN D 439 17.86 -30.18 -0.72
CA GLN D 439 18.30 -29.30 -1.78
C GLN D 439 17.72 -27.90 -1.61
N LEU D 440 16.54 -27.79 -1.02
CA LEU D 440 15.89 -26.50 -0.83
C LEU D 440 16.32 -25.82 0.46
N SER D 441 16.93 -26.55 1.37
CA SER D 441 17.52 -25.96 2.56
C SER D 441 18.97 -25.57 2.34
N THR D 442 19.70 -26.35 1.53
CA THR D 442 21.06 -25.99 1.16
C THR D 442 21.07 -24.75 0.28
N THR D 443 20.03 -24.55 -0.52
CA THR D 443 19.92 -23.36 -1.37
C THR D 443 19.75 -22.10 -0.54
N MET D 444 18.78 -22.08 0.36
CA MET D 444 18.50 -20.87 1.14
C MET D 444 19.55 -20.61 2.21
N SER D 445 20.39 -21.57 2.55
CA SER D 445 21.38 -21.34 3.60
C SER D 445 22.72 -20.95 3.02
N ARG D 446 23.03 -21.37 1.79
CA ARG D 446 24.26 -20.93 1.16
C ARG D 446 24.06 -19.61 0.42
N CYS D 447 22.82 -19.16 0.29
CA CYS D 447 22.53 -17.90 -0.38
C CYS D 447 22.57 -16.70 0.55
N ALA D 448 22.18 -16.89 1.82
CA ALA D 448 21.87 -15.78 2.72
C ALA D 448 23.09 -14.94 3.08
N LYS D 449 24.30 -15.43 2.82
CA LYS D 449 25.47 -14.56 2.88
C LYS D 449 25.42 -13.51 1.78
N ASP D 450 25.17 -13.92 0.54
CA ASP D 450 25.10 -13.00 -0.58
C ASP D 450 23.81 -12.20 -0.57
N LEU D 451 22.73 -12.78 -0.04
CA LEU D 451 21.42 -12.14 -0.11
C LEU D 451 21.28 -11.07 0.95
N PHE D 452 21.94 -11.21 2.09
CA PHE D 452 21.98 -10.15 3.08
C PHE D 452 22.83 -8.98 2.61
N GLY D 453 23.84 -9.26 1.79
CA GLY D 453 24.67 -8.19 1.28
C GLY D 453 23.95 -7.28 0.32
N PHE D 454 22.99 -7.79 -0.42
CA PHE D 454 22.22 -6.93 -1.31
C PHE D 454 21.04 -6.30 -0.62
N ALA D 455 20.58 -6.89 0.49
CA ALA D 455 19.50 -6.29 1.25
C ALA D 455 19.96 -5.03 1.99
N ILE D 456 21.26 -4.79 2.10
CA ILE D 456 21.74 -3.51 2.60
C ILE D 456 21.77 -2.48 1.49
N MET D 457 22.22 -2.88 0.30
CA MET D 457 22.19 -1.98 -0.85
C MET D 457 20.78 -1.70 -1.33
N PHE D 458 19.82 -2.57 -1.02
CA PHE D 458 18.44 -2.27 -1.38
C PHE D 458 17.87 -1.18 -0.50
N PHE D 459 18.12 -1.25 0.81
CA PHE D 459 17.51 -0.31 1.73
C PHE D 459 18.11 1.08 1.66
N ILE D 460 19.35 1.23 1.21
CA ILE D 460 19.93 2.56 1.12
C ILE D 460 19.32 3.35 -0.03
N ILE D 461 19.01 2.66 -1.13
CA ILE D 461 18.18 3.29 -2.16
C ILE D 461 16.77 3.48 -1.65
N PHE D 462 16.27 2.52 -0.88
CA PHE D 462 14.89 2.56 -0.40
C PHE D 462 14.70 3.63 0.66
N LEU D 463 15.69 3.83 1.53
CA LEU D 463 15.62 4.88 2.54
C LEU D 463 16.14 6.21 2.01
N ALA D 464 16.46 6.30 0.73
CA ALA D 464 16.78 7.60 0.15
C ALA D 464 15.62 8.16 -0.63
N TYR D 465 14.75 7.31 -1.15
CA TYR D 465 13.46 7.79 -1.64
C TYR D 465 12.55 8.21 -0.51
N ALA D 466 12.66 7.56 0.65
CA ALA D 466 11.88 8.00 1.80
C ALA D 466 12.35 9.33 2.34
N GLN D 467 13.61 9.68 2.15
CA GLN D 467 14.06 11.04 2.44
C GLN D 467 13.45 12.05 1.50
N LEU D 468 13.38 11.71 0.22
CA LEU D 468 12.91 12.66 -0.78
C LEU D 468 11.42 12.90 -0.65
N ALA D 469 10.64 11.84 -0.46
CA ALA D 469 9.19 12.00 -0.45
C ALA D 469 8.73 12.67 0.83
N TYR D 470 9.43 12.45 1.94
CA TYR D 470 9.06 13.08 3.20
C TYR D 470 9.30 14.59 3.15
N LEU D 471 10.35 15.02 2.47
CA LEU D 471 10.65 16.45 2.43
C LEU D 471 9.84 17.18 1.38
N VAL D 472 9.38 16.49 0.35
CA VAL D 472 8.65 17.13 -0.73
C VAL D 472 7.14 17.01 -0.54
N PHE D 473 6.65 15.81 -0.23
CA PHE D 473 5.23 15.55 -0.15
C PHE D 473 4.71 15.63 1.27
N GLY D 474 5.58 15.87 2.24
CA GLY D 474 5.24 15.72 3.65
C GLY D 474 4.36 16.80 4.22
N THR D 475 4.03 17.83 3.43
CA THR D 475 3.13 18.88 3.89
C THR D 475 1.79 18.84 3.20
N GLN D 476 1.65 18.10 2.11
CA GLN D 476 0.42 18.12 1.34
C GLN D 476 -0.36 16.81 1.43
N VAL D 477 0.33 15.69 1.50
CA VAL D 477 -0.29 14.39 1.30
C VAL D 477 -0.39 13.67 2.64
N ASP D 478 -1.56 13.06 2.89
CA ASP D 478 -1.77 12.26 4.09
C ASP D 478 -0.84 11.05 4.16
N ASP D 479 -0.57 10.43 3.01
CA ASP D 479 0.20 9.19 2.98
C ASP D 479 1.68 9.40 3.19
N PHE D 480 2.16 10.63 3.24
CA PHE D 480 3.55 10.92 3.46
C PHE D 480 3.72 11.81 4.69
N SER D 481 2.90 11.58 5.71
CA SER D 481 2.79 12.54 6.80
C SER D 481 4.00 12.50 7.72
N THR D 482 4.42 11.32 8.16
CA THR D 482 5.60 11.16 8.99
C THR D 482 6.58 10.25 8.27
N PHE D 483 7.82 10.24 8.75
CA PHE D 483 8.83 9.41 8.11
C PHE D 483 8.60 7.94 8.37
N GLN D 484 8.00 7.59 9.52
CA GLN D 484 7.65 6.21 9.78
C GLN D 484 6.58 5.73 8.80
N GLU D 485 5.75 6.63 8.33
CA GLU D 485 4.65 6.32 7.45
C GLU D 485 4.97 6.65 6.00
N CYS D 486 6.11 7.28 5.73
CA CYS D 486 6.62 7.36 4.37
C CYS D 486 7.26 6.05 3.93
N ILE D 487 7.74 5.24 4.87
CA ILE D 487 8.30 3.95 4.51
C ILE D 487 7.21 2.97 4.16
N PHE D 488 6.10 3.00 4.92
CA PHE D 488 5.05 2.02 4.77
C PHE D 488 4.31 2.21 3.46
N THR D 489 4.27 3.45 2.97
CA THR D 489 3.62 3.77 1.72
C THR D 489 4.51 3.55 0.51
N GLN D 490 5.78 3.22 0.70
CA GLN D 490 6.58 2.77 -0.43
C GLN D 490 6.28 1.32 -0.76
N PHE D 491 6.04 0.50 0.27
CA PHE D 491 5.66 -0.89 0.02
C PHE D 491 4.28 -1.00 -0.58
N ARG D 492 3.44 0.01 -0.41
CA ARG D 492 2.16 0.02 -1.07
C ARG D 492 2.29 0.23 -2.56
N ILE D 493 3.23 1.06 -3.00
CA ILE D 493 3.55 1.23 -4.43
C ILE D 493 3.89 -0.10 -5.08
N ILE D 494 4.69 -0.92 -4.40
CA ILE D 494 5.10 -2.23 -4.91
C ILE D 494 3.90 -3.14 -5.09
N LEU D 495 2.89 -3.02 -4.23
CA LEU D 495 1.70 -3.84 -4.36
C LEU D 495 0.67 -3.20 -5.29
N GLY D 496 0.82 -1.93 -5.62
CA GLY D 496 -0.21 -1.21 -6.33
C GLY D 496 -0.73 -0.06 -5.49
N ASP D 497 -2.01 -0.10 -5.13
CA ASP D 497 -2.55 0.52 -3.92
C ASP D 497 -2.41 2.03 -3.80
N ILE D 498 -1.87 2.73 -4.79
CA ILE D 498 -1.75 4.18 -4.73
C ILE D 498 -2.17 4.79 -6.05
N ASN D 499 -3.11 5.73 -5.98
CA ASN D 499 -3.67 6.35 -7.18
C ASN D 499 -2.82 7.49 -7.71
N PHE D 500 -2.02 8.10 -6.83
CA PHE D 500 -1.08 9.23 -7.05
C PHE D 500 -1.70 10.45 -7.73
N ALA D 501 -3.03 10.50 -7.85
CA ALA D 501 -3.70 11.71 -8.28
C ALA D 501 -3.58 12.81 -7.24
N GLU D 502 -3.28 12.45 -5.99
CA GLU D 502 -2.83 13.41 -5.00
C GLU D 502 -1.34 13.71 -5.12
N ILE D 503 -0.56 12.79 -5.66
CA ILE D 503 0.89 13.01 -5.76
C ILE D 503 1.21 14.01 -6.86
N GLU D 504 0.62 13.84 -8.04
CA GLU D 504 0.87 14.81 -9.11
C GLU D 504 0.15 16.12 -8.88
N GLU D 505 -0.76 16.18 -7.92
CA GLU D 505 -1.42 17.42 -7.55
C GLU D 505 -0.66 18.16 -6.48
N ALA D 506 0.04 17.44 -5.61
CA ALA D 506 0.84 18.07 -4.58
C ALA D 506 2.05 18.77 -5.17
N ASN D 507 2.66 18.16 -6.18
CA ASN D 507 3.79 18.77 -6.89
C ASN D 507 3.67 18.38 -8.35
N ARG D 508 3.82 19.37 -9.23
CA ARG D 508 3.53 19.15 -10.63
C ARG D 508 4.70 18.54 -11.38
N VAL D 509 5.92 18.97 -11.07
CA VAL D 509 7.10 18.53 -11.80
C VAL D 509 7.78 17.38 -11.09
N LEU D 510 8.25 17.60 -9.88
CA LEU D 510 9.05 16.62 -9.16
C LEU D 510 8.23 15.46 -8.62
N GLY D 511 6.91 15.57 -8.67
CA GLY D 511 6.01 14.50 -8.30
C GLY D 511 6.12 13.26 -9.15
N PRO D 512 5.93 13.39 -10.47
CA PRO D 512 6.11 12.21 -11.32
C PRO D 512 7.55 11.89 -11.67
N ILE D 513 8.50 12.78 -11.43
CA ILE D 513 9.91 12.39 -11.52
C ILE D 513 10.24 11.41 -10.40
N TYR D 514 9.64 11.62 -9.23
CA TYR D 514 9.72 10.65 -8.15
C TYR D 514 9.06 9.33 -8.53
N PHE D 515 7.86 9.39 -9.10
CA PHE D 515 7.08 8.16 -9.26
C PHE D 515 7.60 7.28 -10.38
N THR D 516 8.05 7.86 -11.49
CA THR D 516 8.52 7.03 -12.59
C THR D 516 9.90 6.46 -12.30
N THR D 517 10.78 7.25 -11.70
CA THR D 517 12.10 6.73 -11.35
C THR D 517 12.10 5.90 -10.09
N PHE D 518 10.95 5.73 -9.43
CA PHE D 518 10.86 4.72 -8.39
C PHE D 518 10.40 3.40 -8.94
N VAL D 519 9.40 3.43 -9.83
CA VAL D 519 8.91 2.20 -10.45
C VAL D 519 9.95 1.64 -11.42
N PHE D 520 10.76 2.52 -12.02
CA PHE D 520 11.82 2.05 -12.90
C PHE D 520 12.88 1.30 -12.12
N PHE D 521 13.40 1.89 -11.05
CA PHE D 521 14.51 1.27 -10.35
C PHE D 521 14.08 0.10 -9.48
N MET D 522 12.86 0.11 -8.95
CA MET D 522 12.46 -1.01 -8.12
C MET D 522 12.08 -2.22 -8.97
N PHE D 523 11.37 -2.02 -10.07
CA PHE D 523 10.83 -3.18 -10.77
C PHE D 523 11.68 -3.65 -11.94
N PHE D 524 12.62 -2.83 -12.40
CA PHE D 524 13.48 -3.32 -13.47
C PHE D 524 14.87 -3.68 -12.97
N ILE D 525 15.30 -3.11 -11.86
CA ILE D 525 16.68 -3.29 -11.41
C ILE D 525 16.69 -4.02 -10.07
N LEU D 526 16.04 -3.43 -9.08
CA LEU D 526 16.24 -3.87 -7.70
C LEU D 526 15.43 -5.10 -7.35
N LEU D 527 14.37 -5.40 -8.11
CA LEU D 527 13.68 -6.66 -7.92
C LEU D 527 14.31 -7.78 -8.72
N ASN D 528 14.72 -7.51 -9.94
CA ASN D 528 15.33 -8.53 -10.78
C ASN D 528 16.72 -8.93 -10.30
N MET D 529 17.36 -8.14 -9.45
CA MET D 529 18.62 -8.53 -8.86
C MET D 529 18.44 -9.50 -7.71
N PHE D 530 17.35 -9.36 -6.94
CA PHE D 530 17.01 -10.35 -5.94
C PHE D 530 16.72 -11.70 -6.55
N LEU D 531 16.13 -11.72 -7.73
CA LEU D 531 15.93 -12.98 -8.43
C LEU D 531 17.25 -13.57 -8.88
N ALA D 532 18.12 -12.76 -9.47
CA ALA D 532 19.37 -13.25 -10.06
C ALA D 532 20.34 -13.80 -9.02
N ILE D 533 20.19 -13.43 -7.75
CA ILE D 533 21.04 -14.00 -6.72
C ILE D 533 20.60 -15.42 -6.40
N ILE D 534 19.31 -15.63 -6.17
CA ILE D 534 18.84 -16.93 -5.74
C ILE D 534 18.55 -17.85 -6.90
N ASN D 535 18.69 -17.35 -8.13
CA ASN D 535 18.63 -18.17 -9.31
C ASN D 535 19.96 -18.80 -9.62
N ASP D 536 21.05 -18.05 -9.52
CA ASP D 536 22.36 -18.64 -9.74
C ASP D 536 22.81 -19.46 -8.55
N THR D 537 22.26 -19.22 -7.36
CA THR D 537 22.60 -20.05 -6.22
C THR D 537 21.92 -21.40 -6.30
N TYR D 538 20.64 -21.43 -6.67
CA TYR D 538 19.95 -22.71 -6.83
C TYR D 538 20.47 -23.50 -8.01
N SER D 539 20.96 -22.81 -9.04
CA SER D 539 21.54 -23.49 -10.18
C SER D 539 22.96 -23.93 -9.93
N GLU D 540 23.52 -23.59 -8.78
CA GLU D 540 24.86 -24.04 -8.44
C GLU D 540 24.83 -25.11 -7.37
N VAL D 541 23.77 -25.15 -6.58
CA VAL D 541 23.53 -26.28 -5.69
C VAL D 541 23.21 -27.53 -6.49
N LYS D 542 22.31 -27.41 -7.46
CA LYS D 542 21.83 -28.57 -8.20
C LYS D 542 22.90 -29.15 -9.10
N SER D 543 23.77 -28.32 -9.67
CA SER D 543 24.86 -28.85 -10.47
C SER D 543 25.97 -29.41 -9.59
N ASP D 544 26.01 -29.04 -8.32
CA ASP D 544 27.01 -29.59 -7.42
C ASP D 544 26.64 -31.02 -7.01
N LEU D 545 25.35 -31.30 -6.88
CA LEU D 545 24.92 -32.65 -6.54
C LEU D 545 24.90 -33.59 -7.72
N ALA D 546 24.91 -33.06 -8.95
CA ALA D 546 25.15 -33.90 -10.12
C ALA D 546 26.61 -34.27 -10.25
N GLN D 547 27.50 -33.56 -9.56
CA GLN D 547 28.86 -34.03 -9.35
C GLN D 547 28.99 -34.87 -8.08
N GLN D 548 27.86 -35.18 -7.45
CA GLN D 548 27.83 -36.04 -6.28
C GLN D 548 27.09 -37.34 -6.59
N LYS D 549 26.22 -37.33 -7.58
CA LYS D 549 25.60 -38.54 -8.08
C LYS D 549 26.33 -39.16 -9.26
N ALA D 550 26.77 -38.36 -10.22
CA ALA D 550 27.49 -38.89 -11.38
C ALA D 550 28.98 -39.07 -11.12
N GLU D 551 29.46 -38.77 -9.93
CA GLU D 551 30.80 -39.14 -9.52
C GLU D 551 30.81 -40.32 -8.57
N MET D 552 29.71 -40.60 -7.89
CA MET D 552 29.58 -41.76 -7.02
C MET D 552 28.59 -42.78 -7.57
N GLU D 553 28.48 -42.87 -8.90
CA GLU D 553 27.57 -43.81 -9.53
C GLU D 553 28.19 -45.20 -9.64
#